data_9I91
#
_entry.id   9I91
#
_cell.length_a   1.00
_cell.length_b   1.00
_cell.length_c   1.00
_cell.angle_alpha   90.00
_cell.angle_beta   90.00
_cell.angle_gamma   90.00
#
_symmetry.space_group_name_H-M   'P 1'
#
loop_
_entity.id
_entity.type
_entity.pdbx_description
1 polymer 'Non-homologous end joining protein Ku'
2 polymer 'DNA 1'
3 polymer 'DNA 2'
4 water water
#
loop_
_entity_poly.entity_id
_entity_poly.type
_entity_poly.pdbx_seq_one_letter_code
_entity_poly.pdbx_strand_id
1 'polypeptide(L)'
;MAHHHHHHVGTGSNDDDDKSPDPMRAIWTGSIAFGLVNVPVKVYSATADHDIRFHQVHAKDNGRIRYKRVCEACGEVVDY
RDLARAYESGDGQMVAITDDDIASLPEERSREIEVLEFVPAADVDPMMFDRSYFLEPDSKSSKSYVLLAKTLAETDRMAI
VHFTLRNKTRLAALRVKDFGKREVMMVHTLLWPDEIRDPDFPVLDQKVEIKPAELKMAGQVVDSMADDFNPDRYHDTYQE
QLQELIDTKLEGGQAFTAEDQPRLLDEPEDVSDLLAKLEASVKARSKANSNVPTPP
;
A,B,C,D,E,F
2 'polydeoxyribonucleotide'
;(DG)(DG)(DA)(DA)(DT)(DG)(DT)(DA)(DA)(DC)(DC)(DA)(DT)(DC)(DG)(DT)(DT)(DG)(DG)(DT)
(DC)(DG)(DG)(DC)(DA)(DG)(DC)(DA)(DG)(DG)(DG)(DC)
;
G,I
3 'polydeoxyribonucleotide'
;(DG)(DC)(DC)(DC)(DT)(DG)(DC)(DT)(DG)(DC)(DC)(DG)(DA)(DC)(DC)(DA)(DA)(DC)(DG)(DA)
(DT)(DG)(DG)(DT)(DT)(DA)(DC)(DA)(DT)(DT)(DC)(DC)
;
H,J
#
loop_
_chem_comp.id
_chem_comp.type
_chem_comp.name
_chem_comp.formula
DA DNA linking 2'-DEOXYADENOSINE-5'-MONOPHOSPHATE 'C10 H14 N5 O6 P'
DC DNA linking 2'-DEOXYCYTIDINE-5'-MONOPHOSPHATE 'C9 H14 N3 O7 P'
DG DNA linking 2'-DEOXYGUANOSINE-5'-MONOPHOSPHATE 'C10 H14 N5 O7 P'
DT DNA linking THYMIDINE-5'-MONOPHOSPHATE 'C10 H15 N2 O8 P'
#
# COMPACT_ATOMS: atom_id res chain seq x y z
N MET A 24 -10.83 -16.65 -13.02
CA MET A 24 -9.51 -16.05 -12.93
C MET A 24 -8.54 -16.75 -13.88
N ARG A 25 -7.93 -15.97 -14.79
CA ARG A 25 -6.98 -16.50 -15.76
C ARG A 25 -5.61 -15.91 -15.49
N ALA A 26 -4.58 -16.72 -15.68
CA ALA A 26 -3.22 -16.24 -15.53
C ALA A 26 -2.83 -15.35 -16.69
N ILE A 27 -1.78 -14.55 -16.48
CA ILE A 27 -1.26 -13.65 -17.48
C ILE A 27 0.23 -13.82 -17.70
N TRP A 28 0.87 -14.75 -17.00
CA TRP A 28 2.31 -14.91 -17.07
C TRP A 28 2.68 -16.24 -16.46
N THR A 29 3.41 -17.06 -17.20
CA THR A 29 3.87 -18.37 -16.75
C THR A 29 5.38 -18.37 -16.81
N GLY A 30 6.03 -18.12 -15.68
CA GLY A 30 7.48 -18.07 -15.62
C GLY A 30 8.02 -18.72 -14.36
N SER A 31 9.05 -18.12 -13.78
CA SER A 31 9.67 -18.71 -12.60
C SER A 31 10.47 -17.66 -11.85
N ILE A 32 10.46 -17.76 -10.53
CA ILE A 32 11.30 -16.92 -9.68
C ILE A 32 12.68 -17.55 -9.60
N ALA A 33 13.69 -16.84 -10.09
CA ALA A 33 15.03 -17.39 -10.20
C ALA A 33 16.04 -16.47 -9.52
N PHE A 34 16.87 -17.05 -8.66
CA PHE A 34 18.04 -16.35 -8.13
C PHE A 34 19.09 -17.41 -7.83
N GLY A 35 20.18 -17.39 -8.60
CA GLY A 35 21.21 -18.39 -8.46
C GLY A 35 20.72 -19.79 -8.77
N LEU A 36 20.92 -20.71 -7.84
CA LEU A 36 20.51 -22.10 -8.02
C LEU A 36 19.01 -22.30 -7.87
N VAL A 37 18.28 -21.26 -7.46
CA VAL A 37 16.88 -21.39 -7.09
C VAL A 37 16.01 -21.08 -8.31
N ASN A 38 14.93 -21.83 -8.47
CA ASN A 38 13.99 -21.62 -9.56
C ASN A 38 12.63 -22.15 -9.12
N VAL A 39 11.65 -21.25 -9.02
CA VAL A 39 10.32 -21.58 -8.52
C VAL A 39 9.31 -21.30 -9.62
N PRO A 40 8.79 -22.32 -10.29
CA PRO A 40 7.79 -22.10 -11.33
C PRO A 40 6.47 -21.61 -10.73
N VAL A 41 6.01 -20.46 -11.22
CA VAL A 41 4.79 -19.81 -10.72
C VAL A 41 3.97 -19.32 -11.90
N LYS A 42 2.71 -18.98 -11.61
CA LYS A 42 1.80 -18.35 -12.56
C LYS A 42 1.24 -17.07 -11.94
N VAL A 43 1.27 -15.99 -12.70
CA VAL A 43 0.91 -14.67 -12.19
C VAL A 43 -0.56 -14.39 -12.48
N TYR A 44 -1.29 -13.97 -11.46
CA TYR A 44 -2.69 -13.58 -11.58
C TYR A 44 -2.85 -12.14 -11.13
N SER A 45 -3.70 -11.40 -11.83
CA SER A 45 -3.95 -10.00 -11.44
C SER A 45 -4.76 -9.99 -10.16
N ALA A 46 -4.23 -9.32 -9.14
CA ALA A 46 -4.87 -9.33 -7.82
C ALA A 46 -6.08 -8.41 -7.76
N THR A 47 -6.07 -7.31 -8.51
CA THR A 47 -7.11 -6.30 -8.41
C THR A 47 -7.83 -6.16 -9.75
N ALA A 48 -9.10 -5.78 -9.67
CA ALA A 48 -9.93 -5.58 -10.86
C ALA A 48 -10.81 -4.36 -10.64
N ASP A 49 -10.65 -3.35 -11.48
CA ASP A 49 -11.46 -2.15 -11.40
C ASP A 49 -12.93 -2.51 -11.62
N HIS A 50 -13.77 -2.18 -10.64
CA HIS A 50 -15.19 -2.49 -10.71
C HIS A 50 -16.02 -1.37 -11.30
N ASP A 51 -15.38 -0.29 -11.76
CA ASP A 51 -16.11 0.80 -12.39
C ASP A 51 -16.77 0.33 -13.68
N ILE A 52 -17.97 0.84 -13.95
CA ILE A 52 -18.68 0.46 -15.16
C ILE A 52 -17.99 1.09 -16.37
N ARG A 53 -17.73 0.28 -17.38
CA ARG A 53 -17.11 0.74 -18.61
C ARG A 53 -18.16 0.82 -19.71
N PHE A 54 -18.20 1.96 -20.39
CA PHE A 54 -19.20 2.22 -21.40
C PHE A 54 -18.63 2.00 -22.79
N HIS A 55 -19.43 2.33 -23.79
CA HIS A 55 -19.03 2.26 -25.19
C HIS A 55 -19.46 3.53 -25.89
N GLN A 56 -18.80 3.86 -26.98
CA GLN A 56 -19.10 5.05 -27.76
C GLN A 56 -19.90 4.64 -28.99
N VAL A 57 -21.09 5.20 -29.13
CA VAL A 57 -21.98 4.88 -30.25
C VAL A 57 -22.54 6.18 -30.83
N HIS A 58 -22.99 6.09 -32.08
CA HIS A 58 -23.64 7.21 -32.72
C HIS A 58 -24.93 7.56 -31.97
N ALA A 59 -25.19 8.87 -31.84
CA ALA A 59 -26.33 9.29 -31.04
C ALA A 59 -27.65 8.84 -31.62
N LYS A 60 -27.81 8.93 -32.94
CA LYS A 60 -29.11 8.65 -33.56
C LYS A 60 -29.26 7.17 -33.93
N ASP A 61 -28.38 6.67 -34.80
CA ASP A 61 -28.51 5.31 -35.29
C ASP A 61 -27.97 4.26 -34.33
N ASN A 62 -27.32 4.68 -33.25
CA ASN A 62 -26.79 3.79 -32.22
C ASN A 62 -25.77 2.80 -32.77
N GLY A 63 -25.15 3.10 -33.91
CA GLY A 63 -24.13 2.25 -34.44
C GLY A 63 -22.81 2.39 -33.71
N ARG A 64 -21.96 1.37 -33.84
CA ARG A 64 -20.66 1.39 -33.20
C ARG A 64 -19.75 2.44 -33.83
N ILE A 65 -18.81 2.94 -33.05
CA ILE A 65 -17.90 4.00 -33.46
C ILE A 65 -16.52 3.42 -33.65
N ARG A 66 -15.93 3.65 -34.82
CA ARG A 66 -14.57 3.24 -35.13
C ARG A 66 -13.71 4.47 -35.39
N TYR A 67 -12.43 4.34 -35.06
CA TYR A 67 -11.47 5.42 -35.23
C TYR A 67 -10.68 5.18 -36.51
N LYS A 68 -10.61 6.19 -37.37
CA LYS A 68 -9.89 6.12 -38.63
C LYS A 68 -8.75 7.12 -38.62
N ARG A 69 -7.53 6.63 -38.85
CA ARG A 69 -6.37 7.51 -38.89
C ARG A 69 -6.42 8.42 -40.11
N VAL A 70 -5.89 9.63 -39.95
CA VAL A 70 -5.79 10.56 -41.07
C VAL A 70 -4.53 11.40 -40.93
N CYS A 71 -3.66 11.32 -41.92
CA CYS A 71 -2.42 12.10 -41.91
C CYS A 71 -2.74 13.58 -42.09
N GLU A 72 -2.08 14.43 -41.30
CA GLU A 72 -2.32 15.86 -41.40
C GLU A 72 -1.78 16.44 -42.70
N ALA A 73 -0.67 15.89 -43.21
CA ALA A 73 -0.05 16.47 -44.40
C ALA A 73 -0.93 16.31 -45.63
N CYS A 74 -1.52 15.13 -45.82
CA CYS A 74 -2.25 14.82 -47.04
C CYS A 74 -3.72 14.50 -46.83
N GLY A 75 -4.19 14.40 -45.59
CA GLY A 75 -5.57 14.03 -45.36
C GLY A 75 -5.92 12.62 -45.78
N GLU A 76 -4.92 11.77 -45.95
CA GLU A 76 -5.13 10.42 -46.44
C GLU A 76 -5.22 9.43 -45.28
N VAL A 77 -6.20 8.53 -45.36
CA VAL A 77 -6.31 7.47 -44.36
C VAL A 77 -5.13 6.53 -44.50
N VAL A 78 -4.45 6.28 -43.38
CA VAL A 78 -3.26 5.46 -43.36
C VAL A 78 -3.53 4.21 -42.54
N ASP A 79 -2.86 3.11 -42.91
CA ASP A 79 -2.99 1.88 -42.16
C ASP A 79 -2.00 1.87 -41.00
N TYR A 80 -2.14 0.89 -40.12
CA TYR A 80 -1.22 0.76 -38.99
C TYR A 80 0.20 0.51 -39.46
N ARG A 81 0.36 -0.21 -40.58
CA ARG A 81 1.70 -0.51 -41.09
C ARG A 81 2.46 0.72 -41.53
N ASP A 82 1.80 1.86 -41.68
CA ASP A 82 2.43 3.09 -42.17
C ASP A 82 2.72 4.07 -41.04
N LEU A 83 2.74 3.61 -39.79
CA LEU A 83 2.98 4.48 -38.65
C LEU A 83 4.42 4.32 -38.17
N ALA A 84 5.01 5.43 -37.74
CA ALA A 84 6.34 5.44 -37.17
C ALA A 84 6.33 6.29 -35.91
N ARG A 85 6.89 5.76 -34.83
CA ARG A 85 6.94 6.51 -33.59
C ARG A 85 7.87 7.71 -33.72
N ALA A 86 7.44 8.85 -33.17
CA ALA A 86 8.22 10.08 -33.21
C ALA A 86 8.34 10.63 -31.80
N TYR A 87 9.41 11.41 -31.58
CA TYR A 87 9.66 12.02 -30.29
C TYR A 87 9.96 13.49 -30.50
N GLU A 88 9.30 14.35 -29.72
CA GLU A 88 9.53 15.79 -29.79
C GLU A 88 9.88 16.29 -28.40
N SER A 89 10.86 17.19 -28.33
CA SER A 89 11.34 17.76 -27.06
C SER A 89 11.43 19.27 -27.21
N GLY A 90 10.31 19.95 -26.97
CA GLY A 90 10.31 21.39 -26.96
C GLY A 90 10.48 22.00 -28.34
N ASP A 91 11.67 21.84 -28.90
CA ASP A 91 11.99 22.34 -30.23
C ASP A 91 12.41 21.25 -31.19
N GLY A 92 13.22 20.28 -30.74
CA GLY A 92 13.67 19.22 -31.60
C GLY A 92 12.58 18.21 -31.89
N GLN A 93 11.57 18.64 -32.64
CA GLN A 93 10.45 17.77 -32.95
C GLN A 93 10.81 16.80 -34.07
N MET A 94 9.98 15.77 -34.24
CA MET A 94 10.08 14.82 -35.33
C MET A 94 11.41 14.08 -35.33
N VAL A 95 11.73 13.46 -34.19
CA VAL A 95 12.90 12.58 -34.13
C VAL A 95 12.69 11.38 -35.05
N ALA A 96 11.45 10.90 -35.14
CA ALA A 96 11.07 9.83 -36.08
C ALA A 96 11.89 8.56 -35.83
N ILE A 97 11.68 7.97 -34.66
CA ILE A 97 12.35 6.72 -34.32
C ILE A 97 11.78 5.59 -35.16
N THR A 98 12.65 4.81 -35.78
CA THR A 98 12.24 3.69 -36.61
C THR A 98 12.26 2.39 -35.80
N ASP A 99 11.63 1.36 -36.36
CA ASP A 99 11.57 0.08 -35.67
C ASP A 99 12.92 -0.60 -35.60
N ASP A 100 13.83 -0.28 -36.53
CA ASP A 100 15.16 -0.87 -36.50
C ASP A 100 15.94 -0.44 -35.26
N ASP A 101 15.79 0.83 -34.86
CA ASP A 101 16.49 1.32 -33.68
C ASP A 101 16.04 0.62 -32.41
N ILE A 102 14.76 0.28 -32.31
CA ILE A 102 14.28 -0.51 -31.18
C ILE A 102 14.95 -1.88 -31.17
N ALA A 103 15.11 -2.49 -32.34
CA ALA A 103 15.82 -3.76 -32.43
C ALA A 103 17.26 -3.62 -31.97
N SER A 104 17.87 -2.46 -32.19
CA SER A 104 19.22 -2.22 -31.68
C SER A 104 19.25 -2.24 -30.16
N LEU A 105 18.16 -1.84 -29.52
CA LEU A 105 18.08 -1.92 -28.07
C LEU A 105 18.06 -3.39 -27.64
N PRO A 106 18.80 -3.76 -26.59
CA PRO A 106 18.75 -5.14 -26.11
C PRO A 106 17.42 -5.48 -25.46
N GLU A 107 16.40 -5.69 -26.29
CA GLU A 107 15.08 -6.03 -25.77
C GLU A 107 15.13 -7.35 -25.00
N GLU A 108 14.48 -7.37 -23.83
CA GLU A 108 14.50 -8.52 -22.94
C GLU A 108 13.06 -8.86 -22.56
N ARG A 109 12.44 -9.73 -23.36
CA ARG A 109 11.12 -10.29 -23.01
C ARG A 109 11.30 -11.55 -22.18
N SER A 110 11.99 -11.38 -21.04
CA SER A 110 12.37 -12.51 -20.21
C SER A 110 11.17 -13.12 -19.52
N ARG A 111 11.32 -14.39 -19.14
CA ARG A 111 10.33 -15.12 -18.35
C ARG A 111 10.84 -15.44 -16.96
N GLU A 112 11.64 -14.53 -16.39
CA GLU A 112 12.21 -14.69 -15.06
C GLU A 112 11.75 -13.56 -14.15
N ILE A 113 11.45 -13.91 -12.91
CA ILE A 113 11.31 -12.92 -11.85
C ILE A 113 12.65 -12.92 -11.14
N GLU A 114 13.57 -12.10 -11.66
CA GLU A 114 14.97 -12.16 -11.24
C GLU A 114 15.10 -11.44 -9.89
N VAL A 115 15.40 -12.20 -8.85
CA VAL A 115 15.52 -11.64 -7.50
C VAL A 115 16.87 -10.97 -7.36
N LEU A 116 16.87 -9.74 -6.84
CA LEU A 116 18.10 -8.98 -6.65
C LEU A 116 18.59 -9.04 -5.21
N GLU A 117 17.77 -8.59 -4.26
CA GLU A 117 18.14 -8.58 -2.85
C GLU A 117 16.93 -8.99 -2.02
N PHE A 118 17.14 -9.06 -0.71
CA PHE A 118 16.07 -9.32 0.25
C PHE A 118 16.12 -8.21 1.30
N VAL A 119 15.07 -7.40 1.35
CA VAL A 119 15.02 -6.27 2.27
C VAL A 119 13.94 -6.50 3.30
N PRO A 120 14.04 -5.92 4.49
CA PRO A 120 12.93 -6.01 5.45
C PRO A 120 11.69 -5.33 4.91
N ALA A 121 10.53 -5.88 5.25
CA ALA A 121 9.27 -5.38 4.70
C ALA A 121 8.99 -3.93 5.10
N ALA A 122 9.56 -3.47 6.20
CA ALA A 122 9.31 -2.11 6.65
C ALA A 122 10.13 -1.06 5.90
N ASP A 123 11.12 -1.49 5.10
CA ASP A 123 11.96 -0.54 4.38
C ASP A 123 11.33 -0.05 3.09
N VAL A 124 10.21 -0.62 2.67
CA VAL A 124 9.52 -0.21 1.45
C VAL A 124 8.24 0.51 1.87
N ASP A 125 8.22 1.81 1.68
CA ASP A 125 7.08 2.65 2.07
C ASP A 125 5.94 2.54 1.06
N PRO A 126 4.72 2.90 1.46
CA PRO A 126 3.56 2.67 0.61
C PRO A 126 3.55 3.42 -0.72
N MET A 127 4.22 4.56 -0.83
CA MET A 127 4.10 5.29 -2.09
C MET A 127 4.86 4.62 -3.24
N MET A 128 5.66 3.60 -2.95
CA MET A 128 6.35 2.88 -4.03
C MET A 128 5.42 1.95 -4.79
N PHE A 129 4.43 1.37 -4.11
CA PHE A 129 3.62 0.32 -4.70
C PHE A 129 2.80 0.84 -5.87
N ASP A 130 2.74 0.04 -6.94
CA ASP A 130 2.04 0.44 -8.16
C ASP A 130 0.88 -0.51 -8.46
N ARG A 131 1.13 -1.81 -8.58
CA ARG A 131 0.09 -2.79 -8.84
C ARG A 131 0.36 -4.04 -7.99
N SER A 132 -0.56 -5.00 -8.06
CA SER A 132 -0.49 -6.20 -7.24
C SER A 132 -0.80 -7.43 -8.09
N TYR A 133 -0.10 -8.52 -7.80
CA TYR A 133 -0.31 -9.78 -8.52
C TYR A 133 -0.16 -10.95 -7.56
N PHE A 134 -0.89 -12.02 -7.86
CA PHE A 134 -0.81 -13.26 -7.11
C PHE A 134 0.18 -14.21 -7.76
N LEU A 135 0.69 -15.14 -6.95
CA LEU A 135 1.62 -16.16 -7.42
C LEU A 135 1.11 -17.53 -7.03
N GLU A 136 0.73 -18.33 -8.01
CA GLU A 136 0.31 -19.69 -7.72
C GLU A 136 1.38 -20.67 -8.18
N PRO A 137 1.69 -21.70 -7.38
CA PRO A 137 2.65 -22.71 -7.84
C PRO A 137 2.14 -23.45 -9.06
N ASP A 138 2.81 -23.24 -10.20
CA ASP A 138 2.31 -23.76 -11.47
C ASP A 138 2.37 -25.28 -11.51
N SER A 139 3.48 -25.87 -11.08
CA SER A 139 3.67 -27.30 -11.16
C SER A 139 3.04 -27.99 -9.97
N LYS A 140 3.04 -29.33 -9.99
CA LYS A 140 2.58 -30.11 -8.86
C LYS A 140 3.61 -30.19 -7.74
N SER A 141 4.86 -29.83 -8.02
CA SER A 141 5.92 -29.81 -7.00
C SER A 141 5.93 -28.43 -6.37
N SER A 142 5.10 -28.25 -5.35
CA SER A 142 4.94 -26.98 -4.66
C SER A 142 5.85 -26.83 -3.46
N LYS A 143 6.74 -27.79 -3.22
CA LYS A 143 7.61 -27.72 -2.05
C LYS A 143 8.52 -26.50 -2.13
N SER A 144 9.05 -26.21 -3.32
CA SER A 144 9.92 -25.04 -3.47
C SER A 144 9.15 -23.75 -3.20
N TYR A 145 7.92 -23.67 -3.69
CA TYR A 145 7.11 -22.48 -3.45
C TYR A 145 6.82 -22.31 -1.97
N VAL A 146 6.48 -23.40 -1.27
CA VAL A 146 6.13 -23.32 0.14
C VAL A 146 7.34 -22.91 0.96
N LEU A 147 8.51 -23.48 0.66
CA LEU A 147 9.70 -23.18 1.45
C LEU A 147 10.08 -21.71 1.37
N LEU A 148 10.03 -21.13 0.18
CA LEU A 148 10.33 -19.71 0.05
C LEU A 148 9.31 -18.85 0.77
N ALA A 149 8.03 -19.18 0.64
CA ALA A 149 7.00 -18.41 1.33
C ALA A 149 7.15 -18.54 2.84
N LYS A 150 7.41 -19.75 3.34
CA LYS A 150 7.58 -19.95 4.77
C LYS A 150 8.80 -19.18 5.29
N THR A 151 9.90 -19.20 4.53
CA THR A 151 11.10 -18.50 4.96
C THR A 151 10.87 -16.98 4.98
N LEU A 152 10.29 -16.44 3.91
CA LEU A 152 10.06 -15.00 3.84
C LEU A 152 9.12 -14.54 4.94
N ALA A 153 8.03 -15.29 5.17
CA ALA A 153 7.06 -14.89 6.19
C ALA A 153 7.67 -14.96 7.59
N GLU A 154 8.45 -15.99 7.88
CA GLU A 154 8.97 -16.16 9.23
C GLU A 154 10.00 -15.08 9.56
N THR A 155 10.92 -14.79 8.63
CA THR A 155 11.94 -13.79 8.88
C THR A 155 11.48 -12.38 8.53
N ASP A 156 10.29 -12.24 7.94
CA ASP A 156 9.69 -10.95 7.62
C ASP A 156 10.64 -10.13 6.73
N ARG A 157 10.86 -10.65 5.53
CA ARG A 157 11.70 -9.98 4.54
C ARG A 157 10.95 -9.92 3.22
N MET A 158 11.37 -8.98 2.38
CA MET A 158 10.76 -8.75 1.08
C MET A 158 11.86 -8.72 0.02
N ALA A 159 11.59 -9.34 -1.11
CA ALA A 159 12.58 -9.50 -2.17
C ALA A 159 12.32 -8.51 -3.29
N ILE A 160 13.35 -7.75 -3.64
CA ILE A 160 13.26 -6.81 -4.77
C ILE A 160 13.66 -7.54 -6.02
N VAL A 161 12.78 -7.52 -7.03
CA VAL A 161 12.95 -8.32 -8.24
C VAL A 161 12.84 -7.42 -9.46
N HIS A 162 13.20 -7.98 -10.61
CA HIS A 162 13.02 -7.34 -11.91
C HIS A 162 11.92 -8.12 -12.63
N PHE A 163 10.70 -7.60 -12.58
CA PHE A 163 9.53 -8.28 -13.11
C PHE A 163 9.17 -7.69 -14.46
N THR A 164 9.20 -8.52 -15.49
CA THR A 164 8.86 -8.12 -16.86
C THR A 164 7.56 -8.80 -17.24
N LEU A 165 6.45 -8.06 -17.16
CA LEU A 165 5.14 -8.66 -17.39
C LEU A 165 4.96 -9.05 -18.85
N ARG A 166 4.96 -8.07 -19.75
CA ARG A 166 4.70 -8.36 -21.16
C ARG A 166 5.88 -7.98 -22.06
N ASN A 167 6.26 -6.71 -22.10
CA ASN A 167 7.39 -6.29 -22.90
C ASN A 167 8.35 -5.35 -22.20
N LYS A 168 7.95 -4.67 -21.14
CA LYS A 168 8.80 -3.72 -20.44
C LYS A 168 9.08 -4.24 -19.04
N THR A 169 10.30 -4.01 -18.56
CA THR A 169 10.68 -4.46 -17.24
C THR A 169 10.34 -3.41 -16.19
N ARG A 170 9.86 -3.85 -15.05
CA ARG A 170 9.51 -2.97 -13.94
C ARG A 170 10.11 -3.49 -12.66
N LEU A 171 10.53 -2.57 -11.79
CA LEU A 171 10.93 -2.94 -10.45
C LEU A 171 9.71 -3.48 -9.70
N ALA A 172 9.94 -4.51 -8.89
CA ALA A 172 8.84 -5.14 -8.17
C ALA A 172 9.36 -5.71 -6.86
N ALA A 173 8.43 -5.99 -5.96
CA ALA A 173 8.74 -6.51 -4.63
C ALA A 173 8.00 -7.81 -4.41
N LEU A 174 8.71 -8.80 -3.88
CA LEU A 174 8.13 -10.10 -3.56
C LEU A 174 7.79 -10.12 -2.07
N ARG A 175 6.51 -10.32 -1.77
CA ARG A 175 6.06 -10.36 -0.38
C ARG A 175 5.03 -11.48 -0.23
N VAL A 176 4.92 -11.97 0.99
CA VAL A 176 4.02 -13.08 1.32
C VAL A 176 3.03 -12.61 2.37
N LYS A 177 1.74 -12.80 2.11
CA LYS A 177 0.70 -12.48 3.05
C LYS A 177 -0.31 -13.62 3.10
N ASP A 178 -0.98 -13.76 4.23
CA ASP A 178 -1.83 -14.91 4.49
C ASP A 178 -3.29 -14.53 4.25
N PHE A 179 -3.95 -15.29 3.37
CA PHE A 179 -5.38 -15.13 3.13
C PHE A 179 -6.12 -16.23 3.90
N GLY A 180 -6.21 -16.03 5.21
CA GLY A 180 -6.85 -17.02 6.06
C GLY A 180 -5.90 -18.14 6.42
N LYS A 181 -6.19 -19.34 5.90
CA LYS A 181 -5.36 -20.51 6.15
C LYS A 181 -4.33 -20.75 5.06
N ARG A 182 -4.27 -19.88 4.06
CA ARG A 182 -3.36 -20.05 2.92
C ARG A 182 -2.26 -19.01 2.96
N GLU A 183 -1.02 -19.45 2.82
CA GLU A 183 0.13 -18.56 2.73
C GLU A 183 0.44 -18.35 1.26
N VAL A 184 0.18 -17.14 0.77
CA VAL A 184 0.25 -16.83 -0.65
C VAL A 184 1.33 -15.78 -0.89
N MET A 185 2.22 -16.04 -1.84
CA MET A 185 3.18 -15.05 -2.27
C MET A 185 2.50 -14.03 -3.18
N MET A 186 3.08 -12.84 -3.25
CA MET A 186 2.45 -11.77 -4.01
C MET A 186 3.53 -10.83 -4.55
N VAL A 187 3.26 -10.27 -5.72
CA VAL A 187 4.20 -9.40 -6.41
C VAL A 187 3.61 -7.99 -6.45
N HIS A 188 4.38 -7.02 -5.98
CA HIS A 188 3.99 -5.62 -5.99
C HIS A 188 4.90 -4.87 -6.94
N THR A 189 4.33 -4.38 -8.04
CA THR A 189 5.09 -3.51 -8.93
C THR A 189 5.43 -2.22 -8.21
N LEU A 190 6.67 -1.77 -8.37
CA LEU A 190 7.17 -0.58 -7.67
C LEU A 190 7.51 0.51 -8.68
N LEU A 191 7.37 1.75 -8.23
CA LEU A 191 7.83 2.89 -9.01
C LEU A 191 9.33 3.03 -8.82
N TRP A 192 10.02 3.41 -9.89
CA TRP A 192 11.45 3.62 -9.80
C TRP A 192 11.74 4.79 -8.85
N PRO A 193 12.85 4.73 -8.11
CA PRO A 193 13.11 5.77 -7.09
C PRO A 193 13.19 7.17 -7.67
N ASP A 194 13.58 7.32 -8.93
CA ASP A 194 13.63 8.65 -9.54
C ASP A 194 12.28 9.13 -10.02
N GLU A 195 11.24 8.29 -9.93
CA GLU A 195 9.90 8.67 -10.35
C GLU A 195 9.12 9.39 -9.26
N ILE A 196 9.72 9.58 -8.09
CA ILE A 196 9.05 10.23 -6.96
C ILE A 196 9.64 11.62 -6.80
N ARG A 197 8.77 12.63 -6.81
CA ARG A 197 9.21 13.99 -6.59
C ARG A 197 9.44 14.24 -5.10
N ASP A 198 10.09 15.34 -4.80
CA ASP A 198 10.29 15.68 -3.40
C ASP A 198 9.50 16.94 -3.04
N PRO A 199 8.84 16.97 -1.89
CA PRO A 199 8.11 18.16 -1.49
C PRO A 199 9.05 19.32 -1.17
N ASP A 200 9.07 20.33 -2.04
CA ASP A 200 9.93 21.50 -1.86
C ASP A 200 9.21 22.66 -1.21
N PHE A 201 8.25 22.37 -0.33
CA PHE A 201 7.41 23.40 0.26
C PHE A 201 8.19 24.15 1.32
N PRO A 202 8.43 25.45 1.16
CA PRO A 202 9.11 26.21 2.22
C PRO A 202 8.22 26.49 3.42
N VAL A 203 6.91 26.28 3.29
CA VAL A 203 5.99 26.62 4.38
C VAL A 203 6.29 25.78 5.62
N LEU A 204 6.67 24.52 5.42
CA LEU A 204 6.94 23.64 6.54
C LEU A 204 8.34 23.85 7.14
N ASP A 205 9.18 24.67 6.51
CA ASP A 205 10.52 24.92 7.05
C ASP A 205 10.44 25.71 8.35
N GLN A 206 9.57 26.72 8.40
CA GLN A 206 9.47 27.56 9.59
C GLN A 206 8.86 26.78 10.74
N LYS A 207 9.06 27.30 11.95
CA LYS A 207 8.58 26.67 13.17
C LYS A 207 7.38 27.43 13.70
N VAL A 208 6.33 26.68 14.04
CA VAL A 208 5.12 27.25 14.63
C VAL A 208 4.97 26.65 16.03
N GLU A 209 4.72 27.51 17.01
CA GLU A 209 4.64 27.08 18.39
C GLU A 209 3.26 26.52 18.69
N ILE A 210 3.22 25.32 19.26
CA ILE A 210 1.98 24.65 19.64
C ILE A 210 2.00 24.48 21.15
N LYS A 211 0.97 25.00 21.82
CA LYS A 211 0.85 24.84 23.26
C LYS A 211 0.55 23.38 23.59
N PRO A 212 1.01 22.91 24.76
CA PRO A 212 0.74 21.51 25.15
C PRO A 212 -0.75 21.20 25.24
N ALA A 213 -1.57 22.19 25.60
CA ALA A 213 -3.01 21.96 25.66
C ALA A 213 -3.57 21.60 24.28
N GLU A 214 -3.08 22.27 23.23
CA GLU A 214 -3.55 21.97 21.88
C GLU A 214 -3.17 20.56 21.47
N LEU A 215 -1.95 20.13 21.78
CA LEU A 215 -1.59 18.72 21.59
C LEU A 215 -2.50 17.83 22.41
N LYS A 216 -2.82 18.24 23.64
CA LYS A 216 -3.75 17.48 24.46
C LYS A 216 -5.13 17.43 23.82
N MET A 217 -5.60 18.55 23.28
CA MET A 217 -6.92 18.56 22.65
C MET A 217 -6.96 17.68 21.41
N ALA A 218 -5.89 17.71 20.61
CA ALA A 218 -5.86 16.94 19.37
C ALA A 218 -6.02 15.45 19.63
N GLY A 219 -5.73 15.00 20.86
CA GLY A 219 -5.99 13.64 21.23
C GLY A 219 -7.44 13.25 21.07
N GLN A 220 -8.33 13.82 21.91
CA GLN A 220 -9.72 13.37 21.92
C GLN A 220 -10.38 13.49 20.56
N VAL A 221 -9.96 14.46 19.75
CA VAL A 221 -10.52 14.58 18.40
C VAL A 221 -10.19 13.34 17.59
N VAL A 222 -8.94 12.88 17.66
CA VAL A 222 -8.55 11.70 16.90
C VAL A 222 -9.23 10.45 17.47
N ASP A 223 -9.17 10.27 18.79
CA ASP A 223 -9.76 9.09 19.40
C ASP A 223 -11.28 9.10 19.42
N SER A 224 -11.92 10.25 19.24
CA SER A 224 -13.37 10.25 19.09
C SER A 224 -13.79 9.54 17.82
N MET A 225 -13.09 9.81 16.72
CA MET A 225 -13.37 9.20 15.44
C MET A 225 -12.51 7.97 15.16
N ALA A 226 -11.59 7.64 16.06
CA ALA A 226 -10.69 6.51 15.84
C ALA A 226 -11.48 5.20 15.80
N ASP A 227 -11.00 4.28 14.97
CA ASP A 227 -11.62 2.98 14.82
C ASP A 227 -10.58 2.03 14.21
N ASP A 228 -11.03 0.86 13.82
CA ASP A 228 -10.20 -0.11 13.12
C ASP A 228 -10.72 -0.30 11.70
N PHE A 229 -9.82 -0.60 10.78
CA PHE A 229 -10.18 -0.69 9.37
C PHE A 229 -11.15 -1.82 9.14
N ASN A 230 -12.41 -1.48 8.88
CA ASN A 230 -13.43 -2.47 8.53
C ASN A 230 -13.72 -2.30 7.05
N PRO A 231 -13.34 -3.25 6.20
CA PRO A 231 -13.52 -3.05 4.76
C PRO A 231 -14.97 -2.92 4.32
N ASP A 232 -15.91 -3.60 4.98
CA ASP A 232 -17.27 -3.63 4.46
C ASP A 232 -18.07 -2.37 4.76
N ARG A 233 -17.53 -1.45 5.57
CA ARG A 233 -18.21 -0.19 5.80
C ARG A 233 -18.19 0.69 4.56
N TYR A 234 -17.09 0.65 3.81
CA TYR A 234 -16.90 1.54 2.67
C TYR A 234 -17.53 0.94 1.43
N HIS A 235 -18.42 1.70 0.79
CA HIS A 235 -19.08 1.28 -0.43
C HIS A 235 -19.04 2.41 -1.45
N ASP A 236 -18.76 2.06 -2.70
CA ASP A 236 -18.75 3.04 -3.79
C ASP A 236 -20.20 3.38 -4.11
N THR A 237 -20.72 4.40 -3.41
CA THR A 237 -22.13 4.74 -3.56
C THR A 237 -22.47 5.13 -4.98
N TYR A 238 -21.61 5.95 -5.61
CA TYR A 238 -21.91 6.41 -6.96
C TYR A 238 -22.02 5.25 -7.94
N GLN A 239 -21.15 4.25 -7.79
CA GLN A 239 -21.22 3.08 -8.67
C GLN A 239 -22.50 2.29 -8.42
N GLU A 240 -22.92 2.16 -7.16
CA GLU A 240 -24.10 1.37 -6.86
C GLU A 240 -25.35 1.97 -7.48
N GLN A 241 -25.52 3.28 -7.34
CA GLN A 241 -26.69 3.92 -7.94
C GLN A 241 -26.58 3.98 -9.46
N LEU A 242 -25.36 4.03 -9.99
CA LEU A 242 -25.19 3.93 -11.43
C LEU A 242 -25.62 2.56 -11.93
N GLN A 243 -25.29 1.49 -11.18
CA GLN A 243 -25.68 0.15 -11.60
C GLN A 243 -27.18 -0.01 -11.64
N GLU A 244 -27.89 0.48 -10.61
CA GLU A 244 -29.33 0.33 -10.57
C GLU A 244 -30.02 1.17 -11.64
N LEU A 245 -29.45 2.34 -11.96
CA LEU A 245 -30.01 3.14 -13.05
C LEU A 245 -29.92 2.40 -14.38
N ILE A 246 -28.80 1.72 -14.63
CA ILE A 246 -28.66 0.93 -15.85
C ILE A 246 -29.69 -0.19 -15.88
N ASP A 247 -29.88 -0.87 -14.76
CA ASP A 247 -30.86 -1.95 -14.70
C ASP A 247 -32.26 -1.45 -14.96
N THR A 248 -32.58 -0.24 -14.52
CA THR A 248 -33.88 0.34 -14.81
C THR A 248 -34.09 0.49 -16.31
N LYS A 249 -33.07 0.97 -17.03
CA LYS A 249 -33.16 1.07 -18.47
C LYS A 249 -33.22 -0.32 -19.11
N LEU A 250 -32.49 -1.28 -18.56
CA LEU A 250 -32.46 -2.61 -19.14
C LEU A 250 -33.83 -3.27 -19.12
N GLU A 251 -34.56 -3.13 -18.01
CA GLU A 251 -35.91 -3.64 -17.95
C GLU A 251 -36.90 -2.75 -18.68
N GLY A 252 -36.67 -1.44 -18.67
CA GLY A 252 -37.54 -0.50 -19.36
C GLY A 252 -37.33 -0.47 -20.86
N MET B 24 6.61 22.94 -9.54
CA MET B 24 5.44 22.15 -9.17
C MET B 24 4.16 22.94 -9.37
N ARG B 25 3.15 22.31 -9.95
CA ARG B 25 1.85 22.92 -10.18
C ARG B 25 0.79 22.12 -9.45
N ALA B 26 -0.04 22.81 -8.67
CA ALA B 26 -1.10 22.13 -7.93
C ALA B 26 -2.18 21.63 -8.88
N ILE B 27 -2.83 20.55 -8.48
CA ILE B 27 -3.90 19.94 -9.27
C ILE B 27 -5.24 20.00 -8.57
N TRP B 28 -5.29 20.51 -7.34
CA TRP B 28 -6.52 20.49 -6.56
C TRP B 28 -6.36 21.46 -5.40
N THR B 29 -7.36 22.29 -5.18
CA THR B 29 -7.33 23.29 -4.11
C THR B 29 -8.61 23.15 -3.29
N GLY B 30 -8.46 22.69 -2.05
CA GLY B 30 -9.61 22.49 -1.19
C GLY B 30 -9.25 22.49 0.28
N SER B 31 -9.89 21.61 1.06
CA SER B 31 -9.62 21.57 2.48
C SER B 31 -9.99 20.20 3.02
N ILE B 32 -9.42 19.86 4.17
CA ILE B 32 -9.71 18.63 4.89
C ILE B 32 -10.74 18.95 5.96
N ALA B 33 -11.97 18.49 5.78
CA ALA B 33 -13.07 18.89 6.65
C ALA B 33 -13.75 17.65 7.22
N PHE B 34 -13.83 17.58 8.55
CA PHE B 34 -14.61 16.56 9.22
C PHE B 34 -15.33 17.15 10.43
N GLY B 35 -15.94 18.32 10.26
CA GLY B 35 -16.64 18.97 11.35
C GLY B 35 -16.14 20.38 11.59
N LEU B 36 -15.75 20.67 12.83
CA LEU B 36 -15.08 21.94 13.11
C LEU B 36 -13.79 22.07 12.32
N VAL B 37 -13.03 20.98 12.21
CA VAL B 37 -11.72 21.04 11.57
C VAL B 37 -11.89 21.26 10.08
N ASN B 38 -11.15 22.22 9.54
CA ASN B 38 -11.17 22.53 8.11
C ASN B 38 -9.83 23.15 7.77
N VAL B 39 -8.93 22.33 7.21
CA VAL B 39 -7.56 22.73 6.93
C VAL B 39 -7.43 22.97 5.43
N PRO B 40 -7.31 24.22 4.98
CA PRO B 40 -7.18 24.48 3.54
C PRO B 40 -5.83 24.01 3.03
N VAL B 41 -5.84 23.12 2.04
CA VAL B 41 -4.63 22.52 1.52
C VAL B 41 -4.67 22.54 -0.01
N LYS B 42 -3.51 22.33 -0.61
CA LYS B 42 -3.35 22.17 -2.04
C LYS B 42 -2.73 20.81 -2.31
N VAL B 43 -3.16 20.16 -3.38
CA VAL B 43 -2.74 18.80 -3.71
C VAL B 43 -1.75 18.85 -4.86
N TYR B 44 -0.62 18.18 -4.69
CA TYR B 44 0.39 18.02 -5.74
C TYR B 44 0.58 16.54 -6.02
N SER B 45 0.82 16.21 -7.27
CA SER B 45 1.07 14.82 -7.66
C SER B 45 2.46 14.40 -7.18
N ALA B 46 2.51 13.39 -6.32
CA ALA B 46 3.78 13.00 -5.72
C ALA B 46 4.66 12.25 -6.71
N THR B 47 4.07 11.39 -7.53
CA THR B 47 4.81 10.49 -8.41
C THR B 47 4.67 10.94 -9.85
N ALA B 48 5.80 11.08 -10.54
CA ALA B 48 5.83 11.35 -11.96
C ALA B 48 6.02 10.04 -12.72
N ASP B 49 6.30 10.15 -14.01
CA ASP B 49 6.56 8.99 -14.84
C ASP B 49 7.64 9.35 -15.85
N HIS B 50 8.80 8.70 -15.75
CA HIS B 50 9.93 9.05 -16.59
C HIS B 50 9.93 8.31 -17.93
N ASP B 51 8.92 7.48 -18.19
CA ASP B 51 8.87 6.76 -19.45
C ASP B 51 8.78 7.73 -20.61
N ILE B 52 9.49 7.41 -21.69
CA ILE B 52 9.45 8.25 -22.88
C ILE B 52 8.15 8.03 -23.61
N ARG B 53 7.45 9.12 -23.92
CA ARG B 53 6.16 9.06 -24.59
C ARG B 53 6.34 9.50 -26.04
N PHE B 54 6.01 8.62 -26.97
CA PHE B 54 6.07 8.92 -28.39
C PHE B 54 4.68 9.30 -28.90
N HIS B 55 4.63 9.65 -30.18
CA HIS B 55 3.36 9.91 -30.85
C HIS B 55 3.50 9.53 -32.32
N GLN B 56 2.45 8.92 -32.87
CA GLN B 56 2.55 8.40 -34.23
C GLN B 56 2.60 9.54 -35.24
N VAL B 57 3.37 9.32 -36.30
CA VAL B 57 3.42 10.23 -37.44
C VAL B 57 3.36 9.39 -38.71
N HIS B 58 2.91 10.03 -39.79
CA HIS B 58 2.91 9.36 -41.08
C HIS B 58 4.34 9.08 -41.51
N ALA B 59 4.61 7.83 -41.90
CA ALA B 59 5.98 7.43 -42.19
C ALA B 59 6.54 8.20 -43.38
N LYS B 60 5.81 8.22 -44.49
CA LYS B 60 6.31 8.86 -45.70
C LYS B 60 6.25 10.38 -45.66
N ASP B 61 5.39 10.95 -44.81
CA ASP B 61 5.23 12.39 -44.75
C ASP B 61 5.85 13.03 -43.51
N ASN B 62 6.08 12.25 -42.45
CA ASN B 62 6.46 12.79 -41.15
C ASN B 62 5.47 13.84 -40.69
N GLY B 63 4.18 13.53 -40.87
CA GLY B 63 3.10 14.41 -40.50
C GLY B 63 2.30 13.82 -39.35
N ARG B 64 1.70 14.70 -38.54
CA ARG B 64 0.97 14.26 -37.37
C ARG B 64 -0.27 13.45 -37.78
N ILE B 65 -0.66 12.54 -36.91
CA ILE B 65 -1.78 11.63 -37.15
C ILE B 65 -2.95 12.05 -36.28
N ARG B 66 -4.12 12.22 -36.91
CA ARG B 66 -5.34 12.55 -36.21
C ARG B 66 -6.32 11.39 -36.33
N TYR B 67 -7.20 11.28 -35.34
CA TYR B 67 -8.18 10.21 -35.29
C TYR B 67 -9.55 10.76 -35.67
N LYS B 68 -10.19 10.12 -36.64
CA LYS B 68 -11.51 10.50 -37.11
C LYS B 68 -12.49 9.39 -36.76
N ARG B 69 -13.60 9.77 -36.14
CA ARG B 69 -14.60 8.81 -35.70
C ARG B 69 -15.59 8.53 -36.81
N VAL B 70 -15.81 7.25 -37.10
CA VAL B 70 -16.71 6.81 -38.15
C VAL B 70 -17.74 5.86 -37.56
N CYS B 71 -19.01 6.17 -37.76
CA CYS B 71 -20.09 5.32 -37.28
C CYS B 71 -20.29 4.14 -38.23
N GLU B 72 -20.32 2.93 -37.67
CA GLU B 72 -20.45 1.73 -38.51
C GLU B 72 -21.79 1.68 -39.24
N ALA B 73 -22.84 2.26 -38.65
CA ALA B 73 -24.18 2.09 -39.22
C ALA B 73 -24.30 2.78 -40.58
N CYS B 74 -23.72 3.97 -40.72
CA CYS B 74 -23.83 4.72 -41.97
C CYS B 74 -22.50 5.13 -42.57
N GLY B 75 -21.40 5.02 -41.83
CA GLY B 75 -20.12 5.49 -42.32
C GLY B 75 -19.92 6.99 -42.21
N GLU B 76 -20.89 7.72 -41.66
CA GLU B 76 -20.80 9.17 -41.58
C GLU B 76 -19.86 9.58 -40.47
N VAL B 77 -18.98 10.54 -40.77
CA VAL B 77 -18.05 11.03 -39.76
C VAL B 77 -18.83 11.72 -38.66
N VAL B 78 -18.56 11.33 -37.42
CA VAL B 78 -19.36 11.73 -36.27
C VAL B 78 -18.57 12.72 -35.44
N ASP B 79 -19.17 13.88 -35.18
CA ASP B 79 -18.57 14.87 -34.30
C ASP B 79 -18.79 14.47 -32.85
N TYR B 80 -18.00 15.08 -31.97
CA TYR B 80 -18.04 14.70 -30.56
C TYR B 80 -19.42 14.96 -29.95
N ARG B 81 -20.04 16.09 -30.31
CA ARG B 81 -21.35 16.41 -29.76
C ARG B 81 -22.42 15.41 -30.16
N ASP B 82 -22.21 14.67 -31.25
CA ASP B 82 -23.17 13.70 -31.75
C ASP B 82 -22.89 12.29 -31.22
N LEU B 83 -22.26 12.20 -30.05
CA LEU B 83 -21.92 10.92 -29.43
C LEU B 83 -22.86 10.63 -28.26
N ALA B 84 -22.80 9.39 -27.78
CA ALA B 84 -23.61 8.98 -26.64
C ALA B 84 -22.99 7.72 -26.06
N ARG B 85 -22.82 7.70 -24.74
CA ARG B 85 -22.29 6.51 -24.08
C ARG B 85 -23.30 5.37 -24.13
N ALA B 86 -22.81 4.16 -24.32
CA ALA B 86 -23.64 2.97 -24.35
C ALA B 86 -22.99 1.87 -23.53
N TYR B 87 -23.81 0.98 -22.99
CA TYR B 87 -23.34 -0.09 -22.14
C TYR B 87 -23.91 -1.41 -22.64
N GLU B 88 -23.03 -2.39 -22.86
CA GLU B 88 -23.41 -3.69 -23.40
C GLU B 88 -22.94 -4.78 -22.46
N SER B 89 -23.84 -5.71 -22.11
CA SER B 89 -23.46 -6.84 -21.26
C SER B 89 -24.40 -8.00 -21.58
N GLY B 90 -23.91 -8.92 -22.40
CA GLY B 90 -24.69 -10.12 -22.70
C GLY B 90 -26.04 -9.77 -23.29
N ASP B 91 -27.09 -10.29 -22.66
CA ASP B 91 -28.45 -9.94 -23.04
C ASP B 91 -28.71 -8.47 -22.76
N GLY B 92 -29.40 -7.82 -23.70
CA GLY B 92 -29.66 -6.40 -23.59
C GLY B 92 -28.71 -5.61 -24.47
N GLN B 93 -29.20 -5.22 -25.64
CA GLN B 93 -28.38 -4.56 -26.66
C GLN B 93 -28.83 -3.12 -26.86
N MET B 94 -27.88 -2.27 -27.23
CA MET B 94 -28.12 -0.84 -27.44
C MET B 94 -28.74 -0.20 -26.19
N VAL B 95 -28.10 -0.43 -25.06
CA VAL B 95 -28.55 0.16 -23.78
C VAL B 95 -27.86 1.51 -23.68
N ALA B 96 -28.48 2.50 -24.32
CA ALA B 96 -27.90 3.84 -24.37
C ALA B 96 -28.11 4.58 -23.07
N ILE B 97 -27.06 5.21 -22.57
CA ILE B 97 -27.11 6.05 -21.39
C ILE B 97 -27.02 7.49 -21.87
N THR B 98 -28.07 8.26 -21.70
CA THR B 98 -28.08 9.64 -22.13
C THR B 98 -27.44 10.54 -21.07
N ASP B 99 -27.17 11.78 -21.47
CA ASP B 99 -26.56 12.74 -20.56
C ASP B 99 -27.48 13.04 -19.39
N ASP B 100 -28.78 13.18 -19.65
CA ASP B 100 -29.72 13.59 -18.61
C ASP B 100 -29.74 12.62 -17.44
N ASP B 101 -29.53 11.32 -17.69
CA ASP B 101 -29.51 10.35 -16.60
C ASP B 101 -28.34 10.59 -15.67
N ILE B 102 -27.20 11.02 -16.20
CA ILE B 102 -26.06 11.35 -15.34
C ILE B 102 -26.42 12.50 -14.40
N ALA B 103 -27.20 13.46 -14.90
CA ALA B 103 -27.69 14.54 -14.04
C ALA B 103 -28.58 14.00 -12.92
N SER B 104 -29.36 12.95 -13.20
CA SER B 104 -30.18 12.33 -12.17
C SER B 104 -29.31 11.75 -11.06
N LEU B 105 -28.13 11.24 -11.41
CA LEU B 105 -27.19 10.80 -10.39
C LEU B 105 -26.73 11.99 -9.57
N PRO B 106 -26.64 11.86 -8.25
CA PRO B 106 -26.14 12.97 -7.43
C PRO B 106 -24.69 13.29 -7.78
N GLU B 107 -24.49 14.50 -8.28
CA GLU B 107 -23.17 14.93 -8.69
C GLU B 107 -22.22 15.00 -7.49
N GLU B 108 -20.93 14.80 -7.75
CA GLU B 108 -19.89 14.85 -6.73
C GLU B 108 -18.85 15.87 -7.20
N ARG B 109 -19.10 17.14 -6.90
CA ARG B 109 -18.15 18.22 -7.19
C ARG B 109 -17.37 18.63 -5.95
N SER B 110 -17.47 17.85 -4.87
CA SER B 110 -16.98 18.27 -3.56
C SER B 110 -15.52 18.71 -3.62
N ARG B 111 -15.25 19.87 -3.02
CA ARG B 111 -13.91 20.43 -2.94
C ARG B 111 -13.31 20.23 -1.56
N GLU B 112 -13.85 19.29 -0.77
CA GLU B 112 -13.35 19.02 0.56
C GLU B 112 -12.99 17.55 0.68
N ILE B 113 -11.89 17.27 1.37
CA ILE B 113 -11.46 15.90 1.64
C ILE B 113 -12.20 15.45 2.90
N GLU B 114 -13.34 14.81 2.72
CA GLU B 114 -14.17 14.42 3.86
C GLU B 114 -13.53 13.24 4.57
N VAL B 115 -13.27 13.39 5.87
CA VAL B 115 -12.63 12.36 6.67
C VAL B 115 -13.70 11.48 7.29
N LEU B 116 -13.53 10.17 7.16
CA LEU B 116 -14.49 9.22 7.71
C LEU B 116 -14.10 8.77 9.12
N GLU B 117 -12.90 8.21 9.25
CA GLU B 117 -12.43 7.74 10.56
C GLU B 117 -10.92 7.60 10.51
N PHE B 118 -10.35 7.33 11.69
CA PHE B 118 -8.91 7.15 11.84
C PHE B 118 -8.63 5.69 12.18
N VAL B 119 -7.72 5.08 11.44
CA VAL B 119 -7.37 3.68 11.63
C VAL B 119 -5.88 3.58 11.88
N PRO B 120 -5.43 2.52 12.54
CA PRO B 120 -3.99 2.34 12.74
C PRO B 120 -3.27 2.20 11.42
N ALA B 121 -2.02 2.68 11.38
CA ALA B 121 -1.26 2.68 10.14
C ALA B 121 -1.03 1.28 9.61
N ALA B 122 -0.91 0.29 10.50
CA ALA B 122 -0.66 -1.08 10.06
C ALA B 122 -1.92 -1.80 9.60
N ASP B 123 -3.11 -1.27 9.91
CA ASP B 123 -4.34 -1.96 9.56
C ASP B 123 -4.65 -1.92 8.08
N VAL B 124 -4.10 -0.97 7.34
CA VAL B 124 -4.30 -0.93 5.89
C VAL B 124 -3.20 -1.75 5.23
N ASP B 125 -3.56 -2.46 4.18
CA ASP B 125 -2.63 -3.42 3.60
C ASP B 125 -1.95 -2.81 2.39
N PRO B 126 -0.68 -3.12 2.13
CA PRO B 126 0.04 -2.44 1.04
C PRO B 126 -0.57 -2.64 -0.34
N MET B 127 -1.38 -3.68 -0.55
CA MET B 127 -1.95 -3.87 -1.87
C MET B 127 -3.08 -2.89 -2.17
N MET B 128 -3.55 -2.14 -1.19
CA MET B 128 -4.66 -1.21 -1.41
C MET B 128 -4.23 0.05 -2.15
N PHE B 129 -3.03 0.56 -1.85
CA PHE B 129 -2.60 1.82 -2.42
C PHE B 129 -2.43 1.72 -3.92
N ASP B 130 -2.82 2.77 -4.63
CA ASP B 130 -2.53 2.82 -6.06
C ASP B 130 -1.85 4.10 -6.50
N ARG B 131 -2.23 5.24 -5.92
CA ARG B 131 -1.64 6.52 -6.30
C ARG B 131 -1.41 7.35 -5.04
N SER B 132 -0.48 8.29 -5.13
CA SER B 132 -0.08 9.11 -4.00
C SER B 132 -0.03 10.58 -4.38
N TYR B 133 -0.35 11.44 -3.42
CA TYR B 133 -0.36 12.88 -3.63
C TYR B 133 0.19 13.58 -2.40
N PHE B 134 0.68 14.80 -2.60
CA PHE B 134 1.21 15.63 -1.54
C PHE B 134 0.15 16.63 -1.07
N LEU B 135 0.28 17.07 0.18
CA LEU B 135 -0.60 18.07 0.76
C LEU B 135 0.22 19.24 1.24
N GLU B 136 -0.07 20.42 0.71
CA GLU B 136 0.61 21.65 1.12
C GLU B 136 -0.39 22.58 1.78
N PRO B 137 -0.09 23.11 2.96
CA PRO B 137 -1.02 24.05 3.61
C PRO B 137 -1.23 25.28 2.75
N ASP B 138 -2.48 25.76 2.72
CA ASP B 138 -2.87 26.86 1.87
C ASP B 138 -3.32 28.10 2.63
N SER B 139 -3.77 27.96 3.87
CA SER B 139 -4.26 29.09 4.64
C SER B 139 -3.10 30.02 5.02
N LYS B 140 -3.45 31.15 5.63
CA LYS B 140 -2.43 32.09 6.08
C LYS B 140 -1.55 31.46 7.16
N SER B 141 -2.16 30.72 8.08
CA SER B 141 -1.44 30.05 9.15
C SER B 141 -1.53 28.54 8.94
N SER B 142 -0.39 27.85 9.08
CA SER B 142 -0.31 26.42 8.89
C SER B 142 -0.40 25.65 10.21
N LYS B 143 -0.83 26.31 11.29
CA LYS B 143 -0.83 25.66 12.59
C LYS B 143 -1.77 24.45 12.61
N SER B 144 -2.94 24.58 12.00
CA SER B 144 -3.86 23.45 11.95
C SER B 144 -3.26 22.27 11.19
N TYR B 145 -2.62 22.55 10.06
CA TYR B 145 -1.98 21.49 9.29
C TYR B 145 -0.82 20.87 10.07
N VAL B 146 0.04 21.71 10.64
CA VAL B 146 1.23 21.20 11.32
C VAL B 146 0.83 20.33 12.51
N LEU B 147 -0.15 20.80 13.28
CA LEU B 147 -0.53 20.07 14.49
C LEU B 147 -1.30 18.81 14.15
N LEU B 148 -2.05 18.79 13.05
CA LEU B 148 -2.71 17.57 12.61
C LEU B 148 -1.69 16.53 12.20
N ALA B 149 -0.61 16.95 11.56
CA ALA B 149 0.47 16.01 11.24
C ALA B 149 1.13 15.49 12.51
N LYS B 150 1.27 16.34 13.52
CA LYS B 150 1.94 15.93 14.75
C LYS B 150 1.19 14.82 15.46
N THR B 151 -0.14 14.92 15.51
CA THR B 151 -0.91 13.91 16.23
C THR B 151 -1.03 12.61 15.45
N LEU B 152 -1.07 12.69 14.13
CA LEU B 152 -1.14 11.46 13.33
C LEU B 152 0.13 10.63 13.49
N ALA B 153 1.30 11.28 13.48
CA ALA B 153 2.54 10.55 13.70
C ALA B 153 2.63 10.01 15.13
N GLU B 154 2.24 10.83 16.11
CA GLU B 154 2.32 10.40 17.51
C GLU B 154 1.42 9.21 17.77
N THR B 155 0.20 9.23 17.25
CA THR B 155 -0.72 8.11 17.42
C THR B 155 -0.47 7.00 16.42
N ASP B 156 0.34 7.24 15.39
CA ASP B 156 0.63 6.26 14.34
C ASP B 156 -0.66 5.71 13.73
N ARG B 157 -1.45 6.63 13.19
CA ARG B 157 -2.74 6.30 12.62
C ARG B 157 -2.87 6.88 11.22
N MET B 158 -3.75 6.27 10.44
CA MET B 158 -4.13 6.77 9.14
C MET B 158 -5.44 7.54 9.26
N ALA B 159 -5.97 7.99 8.14
CA ALA B 159 -7.27 8.63 8.11
C ALA B 159 -7.96 8.23 6.81
N ILE B 160 -9.01 7.41 6.93
CA ILE B 160 -9.77 6.98 5.75
C ILE B 160 -10.67 8.14 5.33
N VAL B 161 -10.50 8.61 4.10
CA VAL B 161 -11.18 9.81 3.63
C VAL B 161 -11.88 9.53 2.32
N HIS B 162 -12.75 10.46 1.94
CA HIS B 162 -13.36 10.47 0.61
C HIS B 162 -12.69 11.58 -0.20
N PHE B 163 -12.04 11.20 -1.29
CA PHE B 163 -11.27 12.13 -2.10
C PHE B 163 -11.87 12.17 -3.51
N THR B 164 -12.14 13.37 -4.00
CA THR B 164 -12.74 13.57 -5.32
C THR B 164 -11.83 14.51 -6.11
N LEU B 165 -11.07 13.93 -7.04
CA LEU B 165 -10.13 14.72 -7.83
C LEU B 165 -10.83 15.45 -8.96
N ARG B 166 -11.45 14.71 -9.88
CA ARG B 166 -12.16 15.29 -11.02
C ARG B 166 -13.45 14.52 -11.23
N ASN B 167 -14.51 14.95 -10.54
CA ASN B 167 -15.86 14.42 -10.72
C ASN B 167 -15.91 12.91 -10.54
N LYS B 168 -15.08 12.36 -9.66
CA LYS B 168 -15.12 10.92 -9.39
C LYS B 168 -14.52 10.67 -8.02
N THR B 169 -15.36 10.27 -7.07
CA THR B 169 -14.92 10.09 -5.70
C THR B 169 -14.16 8.77 -5.56
N ARG B 170 -13.03 8.82 -4.87
CA ARG B 170 -12.21 7.64 -4.61
C ARG B 170 -11.93 7.54 -3.12
N LEU B 171 -11.99 6.32 -2.60
CA LEU B 171 -11.54 6.08 -1.24
C LEU B 171 -10.04 6.33 -1.15
N ALA B 172 -9.62 7.01 -0.08
CA ALA B 172 -8.23 7.39 0.04
C ALA B 172 -7.81 7.34 1.51
N ALA B 173 -6.52 7.34 1.74
CA ALA B 173 -5.94 7.30 3.07
C ALA B 173 -5.02 8.50 3.28
N LEU B 174 -5.10 9.08 4.46
CA LEU B 174 -4.33 10.26 4.82
C LEU B 174 -3.26 9.85 5.81
N ARG B 175 -1.99 10.12 5.47
CA ARG B 175 -0.88 9.74 6.32
C ARG B 175 0.20 10.80 6.23
N VAL B 176 1.21 10.67 7.07
CA VAL B 176 2.27 11.66 7.21
C VAL B 176 3.62 10.98 7.03
N LYS B 177 4.48 11.59 6.22
CA LYS B 177 5.84 11.11 5.98
C LYS B 177 6.84 12.19 6.34
N ASP B 178 8.04 11.77 6.74
CA ASP B 178 9.12 12.68 7.07
C ASP B 178 10.11 12.71 5.92
N PHE B 179 10.21 13.85 5.25
CA PHE B 179 11.16 14.04 4.16
C PHE B 179 12.31 14.88 4.72
N GLY B 180 13.30 14.20 5.30
CA GLY B 180 14.38 14.90 5.96
C GLY B 180 13.90 15.62 7.21
N LYS B 181 13.93 16.95 7.18
CA LYS B 181 13.43 17.73 8.30
C LYS B 181 11.95 18.06 8.18
N ARG B 182 11.46 18.22 6.96
CA ARG B 182 10.06 18.57 6.75
C ARG B 182 9.16 17.39 7.06
N GLU B 183 7.98 17.70 7.60
CA GLU B 183 6.96 16.71 7.91
C GLU B 183 5.76 17.00 7.02
N VAL B 184 5.48 16.10 6.08
CA VAL B 184 4.53 16.35 5.01
C VAL B 184 3.39 15.35 5.11
N MET B 185 2.16 15.85 5.05
CA MET B 185 1.00 14.98 4.96
C MET B 185 0.86 14.47 3.53
N MET B 186 0.24 13.29 3.40
CA MET B 186 0.22 12.61 2.12
C MET B 186 -1.10 11.87 1.95
N VAL B 187 -1.62 11.87 0.73
CA VAL B 187 -2.88 11.23 0.40
C VAL B 187 -2.60 10.05 -0.51
N HIS B 188 -3.05 8.87 -0.11
CA HIS B 188 -2.94 7.66 -0.93
C HIS B 188 -4.34 7.23 -1.33
N THR B 189 -4.64 7.33 -2.61
CA THR B 189 -5.89 6.78 -3.12
C THR B 189 -5.88 5.27 -2.93
N LEU B 190 -7.00 4.72 -2.48
CA LEU B 190 -7.10 3.29 -2.21
C LEU B 190 -8.14 2.65 -3.13
N LEU B 191 -7.90 1.39 -3.46
CA LEU B 191 -8.90 0.60 -4.15
C LEU B 191 -10.04 0.27 -3.20
N TRP B 192 -11.25 0.21 -3.75
CA TRP B 192 -12.39 -0.20 -2.93
C TRP B 192 -12.19 -1.63 -2.47
N PRO B 193 -12.65 -1.96 -1.26
CA PRO B 193 -12.38 -3.30 -0.71
C PRO B 193 -12.92 -4.43 -1.57
N ASP B 194 -13.94 -4.19 -2.38
CA ASP B 194 -14.46 -5.22 -3.26
C ASP B 194 -13.68 -5.37 -4.55
N GLU B 195 -12.67 -4.53 -4.78
CA GLU B 195 -11.83 -4.65 -5.97
C GLU B 195 -10.75 -5.71 -5.85
N ILE B 196 -10.53 -6.24 -4.65
CA ILE B 196 -9.49 -7.23 -4.41
C ILE B 196 -10.11 -8.61 -4.57
N ARG B 197 -9.52 -9.43 -5.43
CA ARG B 197 -10.01 -10.79 -5.63
C ARG B 197 -9.45 -11.71 -4.54
N ASP B 198 -9.98 -12.93 -4.51
CA ASP B 198 -9.48 -13.88 -3.55
C ASP B 198 -8.58 -14.92 -4.23
N PRO B 199 -7.45 -15.26 -3.63
CA PRO B 199 -6.59 -16.26 -4.24
C PRO B 199 -7.16 -17.67 -4.11
N ASP B 200 -8.10 -18.01 -5.00
CA ASP B 200 -8.74 -19.32 -4.97
C ASP B 200 -7.84 -20.36 -5.63
N PHE B 201 -6.77 -20.69 -4.92
CA PHE B 201 -5.81 -21.69 -5.39
C PHE B 201 -5.90 -22.93 -4.52
N PRO B 202 -6.50 -24.02 -5.00
CA PRO B 202 -6.59 -25.24 -4.18
C PRO B 202 -5.25 -25.87 -3.88
N VAL B 203 -4.17 -25.49 -4.59
CA VAL B 203 -2.88 -26.11 -4.38
C VAL B 203 -2.38 -25.85 -2.96
N LEU B 204 -2.52 -24.61 -2.47
CA LEU B 204 -2.06 -24.29 -1.14
C LEU B 204 -2.86 -25.01 -0.05
N ASP B 205 -4.06 -25.48 -0.37
CA ASP B 205 -4.86 -26.19 0.63
C ASP B 205 -4.21 -27.52 1.03
N GLN B 206 -3.64 -28.24 0.07
CA GLN B 206 -2.99 -29.50 0.37
C GLN B 206 -1.71 -29.23 1.17
N LYS B 207 -1.41 -30.11 2.11
CA LYS B 207 -0.31 -29.91 3.05
C LYS B 207 0.89 -30.73 2.60
N VAL B 208 2.07 -30.10 2.64
CA VAL B 208 3.32 -30.73 2.24
C VAL B 208 4.15 -31.00 3.49
N GLU B 209 4.70 -32.20 3.57
CA GLU B 209 5.59 -32.55 4.67
C GLU B 209 6.98 -32.01 4.40
N ILE B 210 7.55 -31.31 5.37
CA ILE B 210 8.90 -30.76 5.26
C ILE B 210 9.71 -31.15 6.49
N LYS B 211 11.03 -31.09 6.34
CA LYS B 211 11.92 -31.38 7.44
C LYS B 211 12.66 -30.12 7.86
N PRO B 212 13.08 -30.02 9.12
CA PRO B 212 13.80 -28.81 9.56
C PRO B 212 15.12 -28.61 8.84
N ALA B 213 15.69 -29.66 8.24
CA ALA B 213 16.96 -29.51 7.54
C ALA B 213 16.85 -28.53 6.37
N GLU B 214 15.88 -28.75 5.49
CA GLU B 214 15.69 -27.82 4.38
C GLU B 214 15.13 -26.49 4.86
N LEU B 215 14.29 -26.51 5.90
CA LEU B 215 13.80 -25.26 6.46
C LEU B 215 14.95 -24.41 7.00
N LYS B 216 15.89 -25.05 7.70
CA LYS B 216 17.06 -24.30 8.15
C LYS B 216 17.96 -23.89 7.00
N MET B 217 18.10 -24.77 6.00
CA MET B 217 18.98 -24.48 4.87
C MET B 217 18.52 -23.27 4.08
N ALA B 218 17.21 -23.05 3.99
CA ALA B 218 16.70 -21.87 3.29
C ALA B 218 17.17 -20.57 3.93
N GLY B 219 17.56 -20.61 5.21
CA GLY B 219 18.01 -19.39 5.86
C GLY B 219 19.28 -18.84 5.25
N GLN B 220 20.26 -19.70 5.00
CA GLN B 220 21.52 -19.24 4.43
C GLN B 220 21.34 -18.74 3.01
N VAL B 221 20.42 -19.32 2.26
CA VAL B 221 20.18 -18.89 0.89
C VAL B 221 19.62 -17.46 0.88
N VAL B 222 18.59 -17.22 1.69
CA VAL B 222 17.96 -15.91 1.72
C VAL B 222 18.88 -14.88 2.36
N ASP B 223 19.47 -15.22 3.51
CA ASP B 223 20.29 -14.25 4.23
C ASP B 223 21.60 -13.94 3.53
N SER B 224 22.03 -14.78 2.59
CA SER B 224 23.23 -14.46 1.82
C SER B 224 23.01 -13.26 0.92
N MET B 225 21.78 -13.06 0.44
CA MET B 225 21.43 -11.93 -0.39
C MET B 225 20.69 -10.84 0.39
N ALA B 226 20.54 -11.01 1.70
CA ALA B 226 19.84 -10.02 2.50
C ALA B 226 20.59 -8.70 2.51
N ASP B 227 19.86 -7.60 2.38
CA ASP B 227 20.45 -6.28 2.37
C ASP B 227 19.37 -5.26 2.67
N ASP B 228 19.80 -4.09 3.15
CA ASP B 228 18.87 -3.00 3.37
C ASP B 228 18.46 -2.36 2.05
N PHE B 229 17.27 -1.78 2.03
CA PHE B 229 16.75 -1.16 0.82
C PHE B 229 17.55 0.11 0.54
N ASN B 230 18.36 0.08 -0.51
CA ASN B 230 19.15 1.24 -0.91
C ASN B 230 18.52 1.79 -2.18
N PRO B 231 17.95 3.00 -2.16
CA PRO B 231 17.18 3.47 -3.32
C PRO B 231 18.00 3.62 -4.60
N ASP B 232 19.15 4.29 -4.54
CA ASP B 232 19.91 4.55 -5.75
C ASP B 232 20.83 3.39 -6.11
N ARG B 233 20.25 2.19 -6.14
CA ARG B 233 20.91 1.00 -6.66
C ARG B 233 20.15 0.36 -7.81
N TYR B 234 18.90 0.74 -8.02
CA TYR B 234 18.08 0.21 -9.11
C TYR B 234 17.79 1.32 -10.10
N HIS B 235 18.12 1.09 -11.37
CA HIS B 235 17.93 2.06 -12.42
C HIS B 235 17.21 1.40 -13.59
N ASP B 236 16.38 2.19 -14.27
CA ASP B 236 15.70 1.72 -15.47
C ASP B 236 16.70 1.78 -16.61
N THR B 237 17.48 0.70 -16.76
CA THR B 237 18.53 0.68 -17.76
C THR B 237 17.96 0.81 -19.17
N TYR B 238 16.80 0.20 -19.44
CA TYR B 238 16.22 0.30 -20.76
C TYR B 238 15.89 1.74 -21.13
N GLN B 239 15.34 2.49 -20.19
CA GLN B 239 15.04 3.90 -20.45
C GLN B 239 16.31 4.71 -20.64
N GLU B 240 17.35 4.42 -19.85
CA GLU B 240 18.61 5.14 -19.99
C GLU B 240 19.23 4.91 -21.35
N GLN B 241 19.24 3.66 -21.81
CA GLN B 241 19.74 3.38 -23.15
C GLN B 241 18.86 3.99 -24.22
N LEU B 242 17.54 3.92 -24.02
CA LEU B 242 16.62 4.54 -24.97
C LEU B 242 16.80 6.06 -25.00
N GLN B 243 17.01 6.67 -23.83
CA GLN B 243 17.16 8.12 -23.79
C GLN B 243 18.41 8.58 -24.53
N GLU B 244 19.53 7.89 -24.33
CA GLU B 244 20.75 8.31 -25.00
C GLU B 244 20.69 8.04 -26.49
N LEU B 245 19.95 7.02 -26.91
CA LEU B 245 19.78 6.76 -28.34
C LEU B 245 19.01 7.90 -29.01
N ILE B 246 18.12 8.55 -28.29
CA ILE B 246 17.39 9.69 -28.86
C ILE B 246 18.34 10.83 -29.17
N ASP B 247 19.25 11.14 -28.25
CA ASP B 247 20.15 12.28 -28.43
C ASP B 247 21.08 12.06 -29.61
N THR B 248 21.68 10.88 -29.73
CA THR B 248 22.60 10.63 -30.84
C THR B 248 21.86 10.67 -32.17
N LYS B 249 20.57 10.33 -32.18
CA LYS B 249 19.77 10.54 -33.38
C LYS B 249 19.40 12.00 -33.55
N LEU B 250 19.17 12.70 -32.45
CA LEU B 250 18.78 14.11 -32.53
C LEU B 250 19.91 14.96 -33.10
N GLU B 251 21.15 14.70 -32.68
CA GLU B 251 22.27 15.49 -33.17
C GLU B 251 22.54 15.25 -34.64
N GLY B 252 22.49 13.98 -35.07
CA GLY B 252 22.79 13.67 -36.46
C GLY B 252 21.79 14.26 -37.43
N GLY B 253 20.50 14.15 -37.12
CA GLY B 253 19.46 14.68 -37.98
C GLY B 253 18.40 13.66 -38.32
N MET C 24 20.40 -70.14 -9.01
CA MET C 24 21.82 -70.46 -9.04
C MET C 24 22.13 -71.43 -10.18
N ARG C 25 21.47 -71.24 -11.31
CA ARG C 25 21.64 -72.09 -12.48
C ARG C 25 22.49 -71.38 -13.52
N ALA C 26 23.48 -72.10 -14.06
CA ALA C 26 24.34 -71.53 -15.08
C ALA C 26 23.55 -71.28 -16.37
N ILE C 27 23.98 -70.28 -17.12
CA ILE C 27 23.31 -69.90 -18.35
C ILE C 27 24.14 -70.18 -19.60
N TRP C 28 25.47 -70.17 -19.49
CA TRP C 28 26.32 -70.33 -20.66
C TRP C 28 27.68 -70.85 -20.20
N THR C 29 28.16 -71.91 -20.84
CA THR C 29 29.41 -72.55 -20.48
C THR C 29 30.35 -72.50 -21.67
N GLY C 30 31.59 -72.08 -21.43
CA GLY C 30 32.58 -72.00 -22.48
C GLY C 30 33.97 -71.72 -21.99
N SER C 31 34.71 -70.87 -22.72
CA SER C 31 36.10 -70.61 -22.40
C SER C 31 36.50 -69.24 -22.93
N ILE C 32 37.60 -68.71 -22.39
CA ILE C 32 38.14 -67.44 -22.83
C ILE C 32 39.20 -67.71 -23.89
N ALA C 33 39.00 -67.20 -25.10
CA ALA C 33 39.95 -67.38 -26.18
C ALA C 33 41.09 -66.38 -26.02
N PHE C 34 42.28 -66.88 -25.73
CA PHE C 34 43.46 -66.03 -25.56
C PHE C 34 44.67 -66.53 -26.34
N GLY C 35 44.57 -67.68 -27.00
CA GLY C 35 45.72 -68.26 -27.67
C GLY C 35 46.45 -69.24 -26.77
N LEU C 36 47.52 -68.77 -26.13
CA LEU C 36 48.26 -69.60 -25.18
C LEU C 36 47.48 -69.88 -23.91
N VAL C 37 46.35 -69.20 -23.68
CA VAL C 37 45.56 -69.36 -22.48
C VAL C 37 44.12 -69.69 -22.87
N ASN C 38 43.51 -70.58 -22.09
CA ASN C 38 42.12 -70.98 -22.34
C ASN C 38 41.55 -71.48 -21.02
N VAL C 39 40.67 -70.68 -20.42
CA VAL C 39 40.11 -70.97 -19.10
C VAL C 39 38.65 -71.37 -19.29
N PRO C 40 38.29 -72.64 -19.07
CA PRO C 40 36.88 -73.02 -19.11
C PRO C 40 36.12 -72.39 -17.96
N VAL C 41 34.83 -72.12 -18.19
CA VAL C 41 34.07 -71.27 -17.27
C VAL C 41 32.58 -71.51 -17.45
N LYS C 42 31.86 -71.52 -16.33
CA LYS C 42 30.41 -71.34 -16.33
C LYS C 42 30.06 -69.90 -15.98
N VAL C 43 28.95 -69.43 -16.56
CA VAL C 43 28.51 -68.04 -16.40
C VAL C 43 27.17 -68.03 -15.69
N TYR C 44 27.07 -67.19 -14.66
CA TYR C 44 25.83 -66.97 -13.92
C TYR C 44 25.44 -65.50 -14.03
N SER C 45 24.13 -65.25 -14.13
CA SER C 45 23.65 -63.87 -14.18
C SER C 45 23.81 -63.22 -12.82
N ALA C 46 24.38 -62.01 -12.80
CA ALA C 46 24.65 -61.35 -11.54
C ALA C 46 23.37 -60.85 -10.89
N THR C 47 22.51 -60.19 -11.65
CA THR C 47 21.34 -59.50 -11.12
C THR C 47 20.07 -60.04 -11.77
N ALA C 48 19.03 -60.21 -10.97
CA ALA C 48 17.70 -60.57 -11.45
C ALA C 48 16.69 -59.55 -10.95
N ASP C 49 15.86 -59.03 -11.85
CA ASP C 49 14.87 -58.05 -11.45
C ASP C 49 13.84 -58.69 -10.52
N HIS C 50 13.49 -57.95 -9.46
CA HIS C 50 12.64 -58.48 -8.40
C HIS C 50 11.19 -58.00 -8.48
N ASP C 51 10.84 -57.23 -9.51
CA ASP C 51 9.44 -56.82 -9.66
C ASP C 51 8.55 -58.04 -9.89
N ILE C 52 7.42 -58.08 -9.18
CA ILE C 52 6.49 -59.18 -9.33
C ILE C 52 5.83 -59.12 -10.69
N ARG C 53 5.83 -60.23 -11.41
CA ARG C 53 5.21 -60.32 -12.73
C ARG C 53 3.80 -60.89 -12.58
N PHE C 54 2.83 -60.21 -13.17
CA PHE C 54 1.42 -60.59 -13.07
C PHE C 54 0.96 -61.21 -14.38
N HIS C 55 0.20 -62.30 -14.26
CA HIS C 55 -0.42 -62.95 -15.41
C HIS C 55 -1.94 -62.78 -15.29
N GLN C 56 -2.55 -62.26 -16.34
CA GLN C 56 -3.98 -61.99 -16.33
C GLN C 56 -4.76 -63.25 -16.71
N VAL C 57 -5.81 -63.53 -15.94
CA VAL C 57 -6.66 -64.70 -16.16
C VAL C 57 -8.12 -64.25 -16.20
N HIS C 58 -8.99 -65.19 -16.55
CA HIS C 58 -10.41 -64.89 -16.63
C HIS C 58 -10.98 -64.67 -15.22
N ALA C 59 -11.94 -63.76 -15.11
CA ALA C 59 -12.58 -63.50 -13.84
C ALA C 59 -13.40 -64.69 -13.35
N LYS C 60 -13.90 -65.52 -14.25
CA LYS C 60 -14.69 -66.69 -13.89
C LYS C 60 -14.01 -68.00 -14.21
N ASP C 61 -13.24 -68.07 -15.30
CA ASP C 61 -12.55 -69.30 -15.68
C ASP C 61 -11.13 -69.38 -15.16
N ASN C 62 -10.48 -68.23 -14.96
CA ASN C 62 -9.10 -68.17 -14.47
C ASN C 62 -8.14 -68.95 -15.37
N GLY C 63 -8.44 -69.02 -16.65
CA GLY C 63 -7.61 -69.74 -17.59
C GLY C 63 -6.41 -68.95 -18.06
N ARG C 64 -5.51 -69.66 -18.75
CA ARG C 64 -4.33 -69.03 -19.33
C ARG C 64 -4.65 -68.60 -20.75
N ILE C 65 -4.76 -67.29 -20.97
CA ILE C 65 -5.11 -66.75 -22.28
C ILE C 65 -3.90 -66.92 -23.19
N ARG C 66 -3.98 -67.89 -24.09
CA ARG C 66 -2.94 -68.11 -25.09
C ARG C 66 -3.32 -67.38 -26.37
N TYR C 67 -2.47 -66.43 -26.78
CA TYR C 67 -2.76 -65.64 -27.96
C TYR C 67 -2.74 -66.51 -29.20
N LYS C 68 -3.68 -66.26 -30.12
CA LYS C 68 -3.80 -67.01 -31.36
C LYS C 68 -3.18 -66.19 -32.48
N ARG C 69 -2.24 -66.79 -33.21
CA ARG C 69 -1.55 -66.13 -34.31
C ARG C 69 -2.28 -66.46 -35.60
N VAL C 70 -3.33 -65.70 -35.89
CA VAL C 70 -4.10 -65.83 -37.12
C VAL C 70 -4.11 -64.47 -37.80
N CYS C 71 -3.60 -64.42 -39.04
CA CYS C 71 -3.49 -63.15 -39.75
C CYS C 71 -4.88 -62.65 -40.15
N GLU C 72 -5.23 -61.45 -39.71
CA GLU C 72 -6.51 -60.85 -40.04
C GLU C 72 -6.42 -59.97 -41.29
N ALA C 73 -5.87 -60.55 -42.35
CA ALA C 73 -5.81 -59.87 -43.65
C ALA C 73 -6.33 -60.80 -44.73
N CYS C 74 -6.15 -62.10 -44.55
CA CYS C 74 -6.67 -63.09 -45.47
C CYS C 74 -7.25 -64.31 -44.77
N GLY C 75 -7.32 -64.32 -43.44
CA GLY C 75 -7.82 -65.48 -42.73
C GLY C 75 -6.90 -66.67 -42.73
N GLU C 76 -5.62 -66.47 -43.01
CA GLU C 76 -4.65 -67.55 -43.08
C GLU C 76 -4.09 -67.80 -41.69
N VAL C 77 -4.26 -69.04 -41.21
CA VAL C 77 -3.75 -69.43 -39.90
C VAL C 77 -2.28 -69.79 -40.06
N VAL C 78 -1.41 -68.81 -39.86
CA VAL C 78 0.03 -69.00 -40.03
C VAL C 78 0.57 -69.84 -38.88
N ASP C 79 1.36 -70.84 -39.21
CA ASP C 79 2.02 -71.68 -38.22
C ASP C 79 3.34 -71.04 -37.79
N TYR C 80 3.99 -71.65 -36.81
CA TYR C 80 5.25 -71.11 -36.30
C TYR C 80 6.32 -71.07 -37.40
N ARG C 81 6.42 -72.15 -38.18
CA ARG C 81 7.37 -72.14 -39.29
C ARG C 81 6.90 -71.27 -40.43
N ASP C 82 5.59 -71.03 -40.54
CA ASP C 82 5.07 -70.20 -41.62
C ASP C 82 5.41 -68.73 -41.45
N LEU C 83 5.69 -68.28 -40.23
CA LEU C 83 6.00 -66.87 -40.00
C LEU C 83 7.29 -66.48 -40.71
N ALA C 84 7.29 -65.28 -41.29
CA ALA C 84 8.47 -64.72 -41.94
C ALA C 84 8.60 -63.27 -41.51
N ARG C 85 9.70 -62.94 -40.83
CA ARG C 85 9.90 -61.58 -40.35
C ARG C 85 10.03 -60.62 -41.53
N ALA C 86 9.38 -59.47 -41.41
CA ALA C 86 9.43 -58.45 -42.45
C ALA C 86 9.62 -57.08 -41.80
N TYR C 87 10.29 -56.20 -42.54
CA TYR C 87 10.55 -54.84 -42.08
C TYR C 87 10.07 -53.85 -43.13
N GLU C 88 9.35 -52.82 -42.69
CA GLU C 88 8.89 -51.80 -43.63
C GLU C 88 10.05 -51.06 -44.27
N SER C 89 11.09 -50.77 -43.50
CA SER C 89 12.31 -50.10 -43.97
C SER C 89 11.91 -48.76 -44.58
N GLY C 90 12.39 -48.40 -45.77
CA GLY C 90 12.13 -47.10 -46.33
C GLY C 90 10.69 -46.81 -46.68
N ASP C 91 10.13 -47.54 -47.64
CA ASP C 91 8.80 -47.27 -48.17
C ASP C 91 7.96 -48.55 -48.18
N GLY C 92 7.98 -49.29 -47.07
CA GLY C 92 7.15 -50.47 -46.95
C GLY C 92 7.62 -51.67 -47.73
N GLN C 93 8.88 -51.69 -48.19
CA GLN C 93 9.41 -52.81 -48.96
C GLN C 93 9.68 -53.97 -48.00
N MET C 94 8.60 -54.66 -47.63
CA MET C 94 8.68 -55.79 -46.70
C MET C 94 9.24 -56.99 -47.45
N VAL C 95 10.56 -56.97 -47.65
CA VAL C 95 11.23 -58.04 -48.37
C VAL C 95 11.24 -59.31 -47.53
N ALA C 96 11.05 -60.46 -48.19
CA ALA C 96 11.04 -61.74 -47.50
C ALA C 96 12.45 -62.28 -47.31
N ILE C 97 12.63 -63.04 -46.24
CA ILE C 97 13.92 -63.64 -45.91
C ILE C 97 13.72 -65.15 -45.78
N THR C 98 14.59 -65.91 -46.44
CA THR C 98 14.54 -67.36 -46.38
C THR C 98 15.84 -67.92 -45.83
N ASP C 99 15.97 -69.25 -45.84
CA ASP C 99 17.15 -69.89 -45.25
C ASP C 99 18.44 -69.53 -45.97
N ASP C 100 18.35 -69.01 -47.20
CA ASP C 100 19.56 -68.63 -47.93
C ASP C 100 20.29 -67.48 -47.24
N ASP C 101 19.53 -66.54 -46.66
CA ASP C 101 20.15 -65.36 -46.06
C ASP C 101 20.99 -65.74 -44.84
N ILE C 102 20.43 -66.51 -43.91
CA ILE C 102 21.19 -66.88 -42.71
C ILE C 102 22.40 -67.71 -43.10
N ALA C 103 22.33 -68.45 -44.21
CA ALA C 103 23.51 -69.12 -44.73
C ALA C 103 24.58 -68.12 -45.14
N SER C 104 24.18 -66.96 -45.68
CA SER C 104 25.14 -65.94 -46.07
C SER C 104 25.91 -65.40 -44.87
N LEU C 105 25.20 -65.09 -43.79
CA LEU C 105 25.89 -64.67 -42.57
C LEU C 105 26.65 -65.85 -41.98
N PRO C 106 27.84 -65.61 -41.43
CA PRO C 106 28.60 -66.71 -40.82
C PRO C 106 27.88 -67.31 -39.62
N GLU C 107 28.11 -68.60 -39.41
CA GLU C 107 27.52 -69.28 -38.26
C GLU C 107 28.03 -68.67 -36.96
N GLU C 108 27.12 -68.52 -36.00
CA GLU C 108 27.43 -67.88 -34.72
C GLU C 108 27.13 -68.81 -33.55
N ARG C 109 27.19 -70.12 -33.79
CA ARG C 109 26.93 -71.11 -32.76
C ARG C 109 28.15 -71.43 -31.91
N SER C 110 29.19 -70.59 -31.98
CA SER C 110 30.38 -70.83 -31.17
C SER C 110 30.07 -70.64 -29.70
N ARG C 111 30.72 -71.44 -28.86
CA ARG C 111 30.51 -71.43 -27.42
C ARG C 111 31.75 -70.93 -26.67
N GLU C 112 32.40 -69.91 -27.22
CA GLU C 112 33.56 -69.31 -26.57
C GLU C 112 33.63 -67.85 -26.94
N ILE C 113 34.33 -67.06 -26.12
CA ILE C 113 34.49 -65.63 -26.35
C ILE C 113 35.97 -65.31 -26.46
N GLU C 114 36.28 -64.21 -27.15
CA GLU C 114 37.65 -63.85 -27.46
C GLU C 114 37.93 -62.42 -27.04
N VAL C 115 39.19 -62.16 -26.69
CA VAL C 115 39.64 -60.86 -26.20
C VAL C 115 40.20 -60.07 -27.37
N LEU C 116 39.92 -58.76 -27.40
CA LEU C 116 40.43 -57.88 -28.45
C LEU C 116 41.58 -57.01 -27.95
N GLU C 117 41.35 -56.22 -26.90
CA GLU C 117 42.35 -55.28 -26.43
C GLU C 117 42.16 -55.04 -24.94
N PHE C 118 43.20 -54.52 -24.31
CA PHE C 118 43.19 -54.19 -22.89
C PHE C 118 43.16 -52.68 -22.73
N VAL C 119 42.10 -52.17 -22.11
CA VAL C 119 41.93 -50.74 -21.91
C VAL C 119 41.84 -50.47 -20.41
N PRO C 120 42.49 -49.42 -19.90
CA PRO C 120 42.32 -49.06 -18.49
C PRO C 120 40.86 -48.76 -18.17
N ALA C 121 40.44 -49.17 -16.97
CA ALA C 121 39.05 -49.04 -16.58
C ALA C 121 38.59 -47.58 -16.54
N ALA C 122 39.50 -46.65 -16.28
CA ALA C 122 39.12 -45.24 -16.26
C ALA C 122 38.65 -44.75 -17.62
N ASP C 123 39.17 -45.34 -18.70
CA ASP C 123 38.80 -44.89 -20.04
C ASP C 123 37.32 -45.17 -20.32
N VAL C 124 36.84 -46.36 -19.93
CA VAL C 124 35.46 -46.71 -20.23
C VAL C 124 34.52 -45.99 -19.27
N ASP C 125 33.39 -45.54 -19.79
CA ASP C 125 32.37 -44.82 -19.06
C ASP C 125 31.08 -45.65 -19.00
N PRO C 126 30.20 -45.38 -18.05
CA PRO C 126 29.10 -46.32 -17.76
C PRO C 126 27.80 -46.07 -18.49
N MET C 127 27.75 -45.24 -19.54
CA MET C 127 26.45 -45.08 -20.20
C MET C 127 26.13 -46.22 -21.16
N MET C 128 27.08 -47.08 -21.50
CA MET C 128 26.79 -48.24 -22.34
C MET C 128 26.62 -49.53 -21.55
N PHE C 129 26.93 -49.54 -20.26
CA PHE C 129 26.78 -50.74 -19.46
C PHE C 129 25.30 -51.06 -19.27
N ASP C 130 24.92 -52.30 -19.53
CA ASP C 130 23.53 -52.70 -19.32
C ASP C 130 23.35 -53.90 -18.41
N ARG C 131 24.15 -54.96 -18.56
CA ARG C 131 23.99 -56.18 -17.79
C ARG C 131 25.31 -56.56 -17.12
N SER C 132 25.24 -57.56 -16.24
CA SER C 132 26.40 -58.06 -15.52
C SER C 132 26.25 -59.56 -15.31
N TYR C 133 27.36 -60.28 -15.40
CA TYR C 133 27.35 -61.72 -15.21
C TYR C 133 28.58 -62.15 -14.42
N PHE C 134 28.45 -63.27 -13.72
CA PHE C 134 29.56 -63.86 -12.97
C PHE C 134 30.24 -64.95 -13.80
N LEU C 135 31.41 -65.36 -13.33
CA LEU C 135 32.16 -66.44 -13.97
C LEU C 135 32.78 -67.33 -12.90
N GLU C 136 32.85 -68.62 -13.19
CA GLU C 136 33.42 -69.59 -12.27
C GLU C 136 34.43 -70.46 -13.02
N PRO C 137 35.54 -70.83 -12.39
CA PRO C 137 36.47 -71.76 -13.03
C PRO C 137 35.83 -73.13 -13.20
N ASP C 138 35.89 -73.65 -14.43
CA ASP C 138 35.22 -74.91 -14.75
C ASP C 138 36.12 -76.12 -14.56
N SER C 139 37.40 -75.93 -14.28
CA SER C 139 38.34 -77.02 -14.11
C SER C 139 38.90 -77.01 -12.71
N LYS C 140 39.34 -78.19 -12.24
CA LYS C 140 39.97 -78.27 -10.93
C LYS C 140 41.24 -77.45 -10.86
N SER C 141 41.88 -77.19 -12.01
CA SER C 141 43.08 -76.35 -12.06
C SER C 141 42.65 -74.88 -12.07
N SER C 142 42.17 -74.43 -10.91
CA SER C 142 41.70 -73.07 -10.76
C SER C 142 42.83 -72.05 -10.77
N LYS C 143 44.08 -72.50 -10.74
CA LYS C 143 45.21 -71.58 -10.74
C LYS C 143 45.20 -70.68 -11.97
N SER C 144 44.73 -71.19 -13.10
CA SER C 144 44.63 -70.37 -14.30
C SER C 144 43.64 -69.23 -14.11
N TYR C 145 42.52 -69.50 -13.42
CA TYR C 145 41.49 -68.49 -13.25
C TYR C 145 41.96 -67.36 -12.35
N VAL C 146 42.55 -67.69 -11.20
CA VAL C 146 42.98 -66.66 -10.26
C VAL C 146 44.13 -65.85 -10.84
N LEU C 147 45.02 -66.50 -11.61
CA LEU C 147 46.14 -65.78 -12.20
C LEU C 147 45.67 -64.70 -13.17
N LEU C 148 44.65 -65.00 -13.98
CA LEU C 148 44.09 -64.01 -14.87
C LEU C 148 43.46 -62.86 -14.07
N ALA C 149 42.79 -63.18 -12.97
CA ALA C 149 42.17 -62.14 -12.15
C ALA C 149 43.22 -61.24 -11.52
N LYS C 150 44.33 -61.81 -11.06
CA LYS C 150 45.33 -61.03 -10.33
C LYS C 150 45.94 -59.94 -11.19
N THR C 151 46.31 -60.27 -12.44
CA THR C 151 47.00 -59.29 -13.27
C THR C 151 46.08 -58.15 -13.70
N LEU C 152 44.82 -58.43 -14.00
CA LEU C 152 43.90 -57.38 -14.40
C LEU C 152 43.67 -56.38 -13.28
N ALA C 153 43.54 -56.87 -12.05
CA ALA C 153 43.43 -55.97 -10.90
C ALA C 153 44.69 -55.15 -10.72
N GLU C 154 45.86 -55.77 -10.91
CA GLU C 154 47.11 -55.04 -10.81
C GLU C 154 47.26 -54.02 -11.94
N THR C 155 46.77 -54.35 -13.13
CA THR C 155 46.86 -53.44 -14.26
C THR C 155 45.76 -52.40 -14.30
N ASP C 156 44.70 -52.57 -13.50
CA ASP C 156 43.55 -51.65 -13.50
C ASP C 156 43.00 -51.46 -14.91
N ARG C 157 42.91 -52.55 -15.66
CA ARG C 157 42.43 -52.52 -17.04
C ARG C 157 41.28 -53.49 -17.20
N MET C 158 40.41 -53.19 -18.17
CA MET C 158 39.26 -54.02 -18.48
C MET C 158 39.41 -54.56 -19.89
N ALA C 159 39.29 -55.87 -20.04
CA ALA C 159 39.46 -56.52 -21.34
C ALA C 159 38.15 -56.48 -22.11
N ILE C 160 38.22 -56.00 -23.36
CA ILE C 160 37.05 -55.87 -24.22
C ILE C 160 36.93 -57.15 -25.04
N VAL C 161 35.75 -57.79 -24.98
CA VAL C 161 35.52 -59.06 -25.64
C VAL C 161 34.19 -59.00 -26.39
N HIS C 162 33.99 -59.97 -27.28
CA HIS C 162 32.70 -60.21 -27.90
C HIS C 162 32.03 -61.38 -27.17
N PHE C 163 30.88 -61.10 -26.56
CA PHE C 163 30.14 -62.12 -25.83
C PHE C 163 29.07 -62.70 -26.75
N THR C 164 29.04 -64.03 -26.84
CA THR C 164 28.08 -64.74 -27.68
C THR C 164 27.10 -65.47 -26.76
N LEU C 165 25.95 -64.85 -26.52
CA LEU C 165 24.90 -65.44 -25.72
C LEU C 165 24.01 -66.30 -26.63
N ARG C 166 22.85 -66.70 -26.12
CA ARG C 166 21.92 -67.49 -26.91
C ARG C 166 21.55 -66.75 -28.20
N ASN C 167 22.00 -67.31 -29.33
CA ASN C 167 21.77 -66.77 -30.67
C ASN C 167 21.89 -65.25 -30.72
N LYS C 168 22.96 -64.73 -30.11
CA LYS C 168 23.22 -63.30 -30.13
C LYS C 168 24.67 -63.07 -29.75
N THR C 169 25.31 -62.13 -30.44
CA THR C 169 26.67 -61.70 -30.15
C THR C 169 26.66 -60.25 -29.72
N ARG C 170 27.32 -59.95 -28.60
CA ARG C 170 27.32 -58.62 -28.03
C ARG C 170 28.74 -58.24 -27.63
N LEU C 171 28.98 -56.93 -27.61
CA LEU C 171 30.26 -56.40 -27.15
C LEU C 171 30.28 -56.38 -25.62
N ALA C 172 31.32 -56.95 -25.03
CA ALA C 172 31.39 -57.11 -23.59
C ALA C 172 32.77 -56.73 -23.08
N ALA C 173 32.83 -56.56 -21.77
CA ALA C 173 34.06 -56.06 -21.12
C ALA C 173 34.37 -56.75 -19.80
N LEU C 174 35.36 -57.62 -19.73
CA LEU C 174 35.58 -58.32 -18.46
C LEU C 174 35.96 -57.31 -17.42
N ARG C 175 36.34 -57.77 -16.26
CA ARG C 175 36.62 -56.83 -15.17
C ARG C 175 36.78 -57.70 -13.95
N VAL C 176 37.43 -57.22 -12.92
CA VAL C 176 37.49 -58.11 -11.75
C VAL C 176 36.84 -57.36 -10.62
N LYS C 177 36.24 -58.10 -9.71
CA LYS C 177 35.60 -57.45 -8.57
C LYS C 177 35.73 -58.40 -7.40
N ASP C 178 36.04 -57.87 -6.26
CA ASP C 178 36.22 -58.63 -5.03
C ASP C 178 34.96 -58.54 -4.18
N PHE C 179 34.33 -59.69 -3.94
CA PHE C 179 33.16 -59.77 -3.07
C PHE C 179 33.62 -60.34 -1.74
N GLY C 180 33.79 -59.45 -0.75
CA GLY C 180 34.35 -59.89 0.52
C GLY C 180 35.76 -60.42 0.31
N LYS C 181 36.01 -61.63 0.78
CA LYS C 181 37.29 -62.29 0.59
C LYS C 181 37.34 -63.14 -0.67
N ARG C 182 36.26 -63.17 -1.45
CA ARG C 182 36.19 -63.97 -2.66
C ARG C 182 36.64 -63.13 -3.85
N GLU C 183 37.35 -63.77 -4.77
CA GLU C 183 37.78 -63.15 -6.02
C GLU C 183 37.06 -63.79 -7.19
N VAL C 184 36.26 -63.00 -7.90
CA VAL C 184 35.44 -63.48 -9.00
C VAL C 184 35.54 -62.51 -10.18
N MET C 185 35.81 -63.05 -11.37
CA MET C 185 35.79 -62.24 -12.57
C MET C 185 34.35 -61.96 -13.00
N MET C 186 34.16 -60.84 -13.69
CA MET C 186 32.82 -60.39 -14.05
C MET C 186 32.80 -59.89 -15.48
N VAL C 187 31.72 -60.20 -16.20
CA VAL C 187 31.56 -59.80 -17.59
C VAL C 187 30.45 -58.76 -17.66
N HIS C 188 30.77 -57.60 -18.22
CA HIS C 188 29.80 -56.55 -18.52
C HIS C 188 29.65 -56.46 -20.03
N THR C 189 28.43 -56.65 -20.52
CA THR C 189 28.15 -56.43 -21.93
C THR C 189 27.76 -54.97 -22.15
N LEU C 190 28.35 -54.34 -23.15
CA LEU C 190 28.16 -52.93 -23.40
C LEU C 190 27.30 -52.69 -24.63
N LEU C 191 26.49 -51.64 -24.57
CA LEU C 191 25.74 -51.19 -25.73
C LEU C 191 26.70 -50.65 -26.78
N TRP C 192 26.36 -50.89 -28.05
CA TRP C 192 27.28 -50.56 -29.13
C TRP C 192 27.50 -49.05 -29.21
N PRO C 193 28.72 -48.60 -29.49
CA PRO C 193 28.99 -47.15 -29.49
C PRO C 193 28.15 -46.37 -30.48
N ASP C 194 27.77 -46.98 -31.61
CA ASP C 194 26.96 -46.30 -32.58
C ASP C 194 25.53 -46.06 -32.09
N GLU C 195 25.13 -46.66 -30.98
CA GLU C 195 23.78 -46.52 -30.46
C GLU C 195 23.62 -45.33 -29.52
N ILE C 196 24.68 -44.56 -29.31
CA ILE C 196 24.62 -43.39 -28.42
C ILE C 196 24.26 -42.16 -29.22
N ARG C 197 23.20 -41.47 -28.80
CA ARG C 197 22.73 -40.28 -29.49
C ARG C 197 23.62 -39.08 -29.14
N ASP C 198 23.46 -38.00 -29.90
CA ASP C 198 24.21 -36.76 -29.66
C ASP C 198 23.29 -35.72 -29.05
N PRO C 199 23.54 -35.31 -27.82
CA PRO C 199 22.67 -34.31 -27.18
C PRO C 199 23.10 -32.87 -27.45
N ASP C 200 23.87 -32.66 -28.51
CA ASP C 200 24.33 -31.30 -28.82
C ASP C 200 23.16 -30.38 -29.14
N PHE C 201 22.83 -29.50 -28.19
CA PHE C 201 21.80 -28.46 -28.30
C PHE C 201 22.44 -27.08 -28.30
N PRO C 202 21.85 -26.11 -28.98
CA PRO C 202 22.38 -24.75 -28.93
C PRO C 202 22.32 -24.14 -27.54
N VAL C 203 21.35 -24.55 -26.72
CA VAL C 203 21.23 -24.00 -25.37
C VAL C 203 22.48 -24.31 -24.55
N LEU C 204 22.95 -25.56 -24.63
CA LEU C 204 24.20 -25.90 -23.95
C LEU C 204 25.38 -25.13 -24.52
N ASP C 205 25.39 -24.95 -25.84
CA ASP C 205 26.43 -24.14 -26.47
C ASP C 205 26.35 -22.69 -26.01
N GLN C 206 25.14 -22.17 -25.85
CA GLN C 206 24.98 -20.80 -25.37
C GLN C 206 25.48 -20.72 -23.94
N LYS C 207 26.33 -19.73 -23.66
CA LYS C 207 26.93 -19.55 -22.35
C LYS C 207 26.43 -18.25 -21.73
N VAL C 208 26.04 -18.31 -20.47
CA VAL C 208 25.60 -17.14 -19.72
C VAL C 208 26.68 -16.80 -18.69
N GLU C 209 26.52 -15.64 -18.06
CA GLU C 209 27.51 -15.14 -17.10
C GLU C 209 27.15 -15.63 -15.71
N ILE C 210 28.11 -16.31 -15.06
CA ILE C 210 27.94 -16.81 -13.71
C ILE C 210 28.76 -15.94 -12.78
N LYS C 211 28.09 -15.34 -11.79
CA LYS C 211 28.79 -14.59 -10.76
C LYS C 211 29.48 -15.55 -9.79
N PRO C 212 30.53 -15.11 -9.10
CA PRO C 212 31.15 -15.97 -8.07
C PRO C 212 30.34 -16.06 -6.78
N ALA C 213 29.30 -15.23 -6.61
CA ALA C 213 28.59 -15.17 -5.34
C ALA C 213 27.84 -16.46 -5.05
N GLU C 214 27.03 -16.93 -6.01
CA GLU C 214 26.21 -18.10 -5.77
C GLU C 214 27.00 -19.40 -5.83
N LEU C 215 28.21 -19.39 -6.37
CA LEU C 215 29.04 -20.60 -6.35
C LEU C 215 29.30 -21.05 -4.92
N LYS C 216 29.62 -20.11 -4.03
CA LYS C 216 29.76 -20.46 -2.62
C LYS C 216 28.44 -20.96 -2.05
N MET C 217 27.33 -20.33 -2.43
CA MET C 217 26.03 -20.77 -1.95
C MET C 217 25.64 -22.12 -2.57
N ALA C 218 25.89 -22.29 -3.87
CA ALA C 218 25.58 -23.56 -4.52
C ALA C 218 26.41 -24.69 -3.93
N GLY C 219 27.70 -24.45 -3.70
CA GLY C 219 28.53 -25.47 -3.09
C GLY C 219 28.08 -25.80 -1.68
N GLN C 220 27.68 -24.78 -0.91
CA GLN C 220 27.19 -25.03 0.44
C GLN C 220 25.92 -25.87 0.43
N VAL C 221 25.03 -25.61 -0.52
CA VAL C 221 23.79 -26.38 -0.59
C VAL C 221 24.08 -27.85 -0.89
N VAL C 222 24.95 -28.09 -1.87
CA VAL C 222 25.28 -29.47 -2.23
C VAL C 222 26.01 -30.16 -1.08
N ASP C 223 26.98 -29.48 -0.47
CA ASP C 223 27.73 -30.07 0.63
C ASP C 223 26.85 -30.30 1.85
N SER C 224 25.76 -29.53 1.98
CA SER C 224 24.85 -29.73 3.10
C SER C 224 24.20 -31.11 3.05
N MET C 225 23.81 -31.56 1.85
CA MET C 225 23.15 -32.84 1.68
C MET C 225 24.10 -33.95 1.25
N ALA C 226 25.40 -33.68 1.20
CA ALA C 226 26.36 -34.71 0.85
C ALA C 226 26.37 -35.82 1.89
N ASP C 227 26.58 -37.05 1.43
CA ASP C 227 26.60 -38.21 2.31
C ASP C 227 27.41 -39.30 1.63
N ASP C 228 27.31 -40.52 2.15
CA ASP C 228 28.02 -41.67 1.62
C ASP C 228 27.03 -42.72 1.15
N PHE C 229 27.41 -43.47 0.12
CA PHE C 229 26.53 -44.47 -0.49
C PHE C 229 26.47 -45.69 0.40
N ASN C 230 25.39 -45.81 1.17
CA ASN C 230 25.12 -47.05 1.90
C ASN C 230 23.93 -47.75 1.24
N PRO C 231 24.15 -48.87 0.57
CA PRO C 231 23.07 -49.46 -0.25
C PRO C 231 21.83 -49.83 0.54
N ASP C 232 21.97 -50.15 1.83
CA ASP C 232 20.82 -50.55 2.63
C ASP C 232 19.94 -49.38 3.06
N ARG C 233 20.12 -48.20 2.47
CA ARG C 233 19.30 -47.05 2.81
C ARG C 233 18.05 -46.93 1.95
N TYR C 234 18.06 -47.51 0.76
CA TYR C 234 16.96 -47.36 -0.19
C TYR C 234 16.34 -48.71 -0.49
N HIS C 235 15.02 -48.80 -0.31
CA HIS C 235 14.25 -49.98 -0.68
C HIS C 235 13.07 -49.53 -1.53
N ASP C 236 12.62 -50.44 -2.40
CA ASP C 236 11.44 -50.15 -3.24
C ASP C 236 10.21 -50.23 -2.35
N THR C 237 9.94 -49.13 -1.65
CA THR C 237 8.84 -49.11 -0.68
C THR C 237 7.50 -49.39 -1.33
N TYR C 238 7.31 -48.88 -2.55
CA TYR C 238 6.10 -49.21 -3.30
C TYR C 238 6.02 -50.72 -3.56
N GLN C 239 7.13 -51.32 -3.95
CA GLN C 239 7.13 -52.75 -4.25
C GLN C 239 7.12 -53.59 -2.98
N GLU C 240 7.85 -53.14 -1.94
CA GLU C 240 7.95 -53.93 -0.71
C GLU C 240 6.59 -54.03 -0.01
N GLN C 241 5.87 -52.91 0.10
CA GLN C 241 4.60 -52.93 0.80
C GLN C 241 3.48 -53.51 -0.04
N LEU C 242 3.63 -53.56 -1.36
CA LEU C 242 2.68 -54.28 -2.19
C LEU C 242 2.71 -55.77 -1.88
N GLN C 243 3.89 -56.31 -1.62
CA GLN C 243 4.01 -57.70 -1.21
C GLN C 243 3.24 -57.96 0.08
N GLU C 244 3.29 -57.00 1.01
CA GLU C 244 2.52 -57.12 2.24
C GLU C 244 1.03 -57.18 1.94
N LEU C 245 0.55 -56.35 1.01
CA LEU C 245 -0.84 -56.41 0.60
C LEU C 245 -1.16 -57.76 -0.03
N ILE C 246 -0.25 -58.29 -0.84
CA ILE C 246 -0.42 -59.64 -1.37
C ILE C 246 -0.39 -60.67 -0.25
N ASP C 247 0.51 -60.49 0.72
CA ASP C 247 0.60 -61.43 1.83
C ASP C 247 -0.69 -61.47 2.63
N THR C 248 -1.27 -60.30 2.92
CA THR C 248 -2.53 -60.25 3.64
C THR C 248 -3.71 -60.65 2.76
N LYS C 249 -3.60 -60.51 1.44
CA LYS C 249 -4.66 -60.96 0.56
C LYS C 249 -4.66 -62.48 0.44
N LEU C 250 -3.48 -63.08 0.30
CA LEU C 250 -3.38 -64.54 0.24
C LEU C 250 -3.82 -65.18 1.55
N GLU C 251 -3.40 -64.59 2.68
CA GLU C 251 -3.81 -65.12 3.98
C GLU C 251 -5.32 -64.99 4.18
N GLY C 252 -5.90 -63.86 3.78
CA GLY C 252 -7.32 -63.64 3.94
C GLY C 252 -8.15 -64.40 2.92
N MET D 24 14.60 -37.28 -29.99
CA MET D 24 14.19 -35.92 -30.30
C MET D 24 12.87 -35.57 -29.61
N ARG D 25 12.35 -36.52 -28.84
CA ARG D 25 11.10 -36.35 -28.13
C ARG D 25 11.34 -36.51 -26.63
N ALA D 26 10.75 -35.62 -25.85
CA ALA D 26 10.91 -35.65 -24.40
C ALA D 26 9.94 -36.64 -23.81
N ILE D 27 10.47 -37.75 -23.27
CA ILE D 27 9.62 -38.78 -22.69
C ILE D 27 8.99 -38.31 -21.37
N TRP D 28 9.59 -37.32 -20.71
CA TRP D 28 9.14 -36.91 -19.39
C TRP D 28 9.65 -35.50 -19.14
N THR D 29 8.76 -34.60 -18.76
CA THR D 29 9.10 -33.21 -18.52
C THR D 29 8.74 -32.85 -17.08
N GLY D 30 9.73 -32.34 -16.35
CA GLY D 30 9.53 -32.01 -14.95
C GLY D 30 10.66 -31.18 -14.40
N SER D 31 11.07 -31.47 -13.18
CA SER D 31 12.13 -30.70 -12.53
C SER D 31 12.89 -31.58 -11.56
N ILE D 32 14.11 -31.15 -11.25
CA ILE D 32 14.93 -31.78 -10.22
C ILE D 32 14.81 -30.93 -8.96
N ALA D 33 14.24 -31.51 -7.91
CA ALA D 33 14.01 -30.78 -6.67
C ALA D 33 14.61 -31.54 -5.50
N PHE D 34 15.44 -30.85 -4.71
CA PHE D 34 15.97 -31.37 -3.47
C PHE D 34 15.82 -30.36 -2.36
N GLY D 35 14.61 -29.82 -2.24
CA GLY D 35 14.32 -28.80 -1.26
C GLY D 35 13.86 -27.52 -1.92
N LEU D 36 14.42 -26.39 -1.49
CA LEU D 36 14.05 -25.12 -2.11
C LEU D 36 14.62 -24.97 -3.51
N VAL D 37 15.56 -25.84 -3.90
CA VAL D 37 16.09 -25.83 -5.26
C VAL D 37 15.17 -26.62 -6.17
N ASN D 38 15.06 -26.17 -7.42
CA ASN D 38 14.21 -26.82 -8.41
C ASN D 38 14.72 -26.47 -9.79
N VAL D 39 15.10 -27.48 -10.56
CA VAL D 39 15.70 -27.30 -11.87
C VAL D 39 14.78 -27.92 -12.92
N PRO D 40 13.95 -27.12 -13.60
CA PRO D 40 13.04 -27.67 -14.61
C PRO D 40 13.80 -28.16 -15.82
N VAL D 41 13.66 -29.46 -16.14
CA VAL D 41 14.38 -30.10 -17.23
C VAL D 41 13.43 -31.00 -18.01
N LYS D 42 13.88 -31.39 -19.19
CA LYS D 42 13.20 -32.39 -20.01
C LYS D 42 14.17 -33.52 -20.30
N VAL D 43 13.69 -34.75 -20.21
CA VAL D 43 14.56 -35.92 -20.35
C VAL D 43 14.50 -36.42 -21.80
N TYR D 44 15.63 -36.97 -22.24
CA TYR D 44 15.74 -37.62 -23.54
C TYR D 44 16.40 -38.97 -23.35
N SER D 45 15.99 -39.95 -24.16
CA SER D 45 16.60 -41.27 -24.11
C SER D 45 18.02 -41.19 -24.67
N ALA D 46 19.01 -41.37 -23.80
CA ALA D 46 20.39 -41.20 -24.23
C ALA D 46 20.86 -42.32 -25.14
N THR D 47 20.26 -43.49 -25.02
CA THR D 47 20.69 -44.66 -25.80
C THR D 47 19.49 -45.20 -26.58
N ALA D 48 19.70 -45.41 -27.87
CA ALA D 48 18.70 -46.03 -28.74
C ALA D 48 19.38 -47.13 -29.53
N ASP D 49 18.85 -48.35 -29.43
CA ASP D 49 19.46 -49.50 -30.09
C ASP D 49 19.38 -49.36 -31.60
N HIS D 50 20.50 -49.58 -32.28
CA HIS D 50 20.55 -49.52 -33.74
C HIS D 50 20.33 -50.87 -34.39
N ASP D 51 20.09 -51.92 -33.61
CA ASP D 51 19.80 -53.23 -34.18
C ASP D 51 18.45 -53.21 -34.89
N ILE D 52 18.38 -53.90 -36.03
CA ILE D 52 17.16 -53.92 -36.82
C ILE D 52 16.13 -54.78 -36.10
N ARG D 53 14.95 -54.19 -35.85
CA ARG D 53 13.85 -54.88 -35.17
C ARG D 53 12.78 -55.23 -36.19
N PHE D 54 12.33 -56.48 -36.16
CA PHE D 54 11.32 -56.98 -37.07
C PHE D 54 10.02 -57.24 -36.33
N HIS D 55 8.94 -57.36 -37.09
CA HIS D 55 7.64 -57.72 -36.56
C HIS D 55 7.06 -58.85 -37.40
N GLN D 56 6.23 -59.67 -36.77
CA GLN D 56 5.66 -60.83 -37.45
C GLN D 56 4.79 -60.38 -38.62
N VAL D 57 5.01 -61.00 -39.79
CA VAL D 57 4.23 -60.73 -40.98
C VAL D 57 3.86 -62.05 -41.64
N HIS D 58 2.79 -62.02 -42.43
CA HIS D 58 2.32 -63.21 -43.12
C HIS D 58 3.10 -63.40 -44.41
N ALA D 59 3.58 -64.62 -44.64
CA ALA D 59 4.34 -64.91 -45.85
C ALA D 59 3.48 -64.76 -47.10
N LYS D 60 2.25 -65.24 -47.05
CA LYS D 60 1.33 -65.19 -48.19
C LYS D 60 0.32 -64.05 -48.06
N ASP D 61 -0.35 -63.94 -46.91
CA ASP D 61 -1.34 -62.89 -46.72
C ASP D 61 -0.72 -61.50 -46.69
N ASN D 62 0.54 -61.39 -46.29
CA ASN D 62 1.24 -60.11 -46.21
C ASN D 62 0.49 -59.11 -45.33
N GLY D 63 -0.05 -59.60 -44.22
CA GLY D 63 -0.78 -58.75 -43.31
C GLY D 63 -0.35 -58.97 -41.87
N ARG D 64 -0.44 -57.92 -41.08
CA ARG D 64 -0.06 -57.99 -39.68
C ARG D 64 -1.00 -58.91 -38.92
N ILE D 65 -0.42 -59.77 -38.08
CA ILE D 65 -1.19 -60.72 -37.27
C ILE D 65 -1.61 -60.03 -35.98
N ARG D 66 -2.90 -60.07 -35.68
CA ARG D 66 -3.45 -59.49 -34.46
C ARG D 66 -3.87 -60.62 -33.53
N TYR D 67 -3.35 -60.60 -32.30
CA TYR D 67 -3.65 -61.64 -31.34
C TYR D 67 -5.08 -61.49 -30.82
N LYS D 68 -5.66 -62.61 -30.40
CA LYS D 68 -7.00 -62.66 -29.87
C LYS D 68 -6.97 -63.17 -28.44
N ARG D 69 -7.60 -62.44 -27.53
CA ARG D 69 -7.64 -62.83 -26.12
C ARG D 69 -8.65 -63.96 -25.96
N VAL D 70 -8.16 -65.19 -26.06
CA VAL D 70 -9.00 -66.39 -25.97
C VAL D 70 -8.53 -67.23 -24.80
N CYS D 71 -9.44 -67.55 -23.89
CA CYS D 71 -9.13 -68.38 -22.75
C CYS D 71 -9.05 -69.84 -23.20
N GLU D 72 -7.88 -70.44 -23.03
CA GLU D 72 -7.68 -71.84 -23.45
C GLU D 72 -8.00 -72.82 -22.32
N ALA D 73 -9.15 -72.62 -21.68
CA ALA D 73 -9.68 -73.59 -20.73
C ALA D 73 -11.15 -73.89 -20.90
N CYS D 74 -11.94 -72.97 -21.48
CA CYS D 74 -13.34 -73.22 -21.77
C CYS D 74 -13.78 -72.73 -23.14
N GLY D 75 -12.93 -72.04 -23.89
CA GLY D 75 -13.29 -71.52 -25.19
C GLY D 75 -13.96 -70.16 -25.19
N GLU D 76 -14.18 -69.57 -24.02
CA GLU D 76 -14.85 -68.28 -23.96
C GLU D 76 -13.94 -67.18 -24.49
N VAL D 77 -14.45 -66.38 -25.41
CA VAL D 77 -13.69 -65.27 -25.98
C VAL D 77 -13.74 -64.10 -25.00
N VAL D 78 -12.57 -63.57 -24.65
CA VAL D 78 -12.46 -62.51 -23.66
C VAL D 78 -11.93 -61.24 -24.32
N ASP D 79 -12.25 -60.12 -23.70
CA ASP D 79 -11.79 -58.81 -24.15
C ASP D 79 -11.15 -58.08 -22.98
N TYR D 80 -10.48 -56.97 -23.28
CA TYR D 80 -9.80 -56.19 -22.26
C TYR D 80 -10.82 -55.45 -21.39
N ARG D 81 -10.31 -54.72 -20.40
CA ARG D 81 -11.11 -53.95 -19.45
C ARG D 81 -12.05 -54.84 -18.64
N ASP D 82 -11.81 -56.15 -18.63
CA ASP D 82 -12.63 -57.08 -17.87
C ASP D 82 -11.84 -58.13 -17.10
N LEU D 83 -10.53 -58.21 -17.27
CA LEU D 83 -9.71 -59.22 -16.63
C LEU D 83 -8.76 -58.56 -15.64
N ALA D 84 -8.70 -59.10 -14.42
CA ALA D 84 -7.84 -58.59 -13.38
C ALA D 84 -6.57 -59.43 -13.28
N ARG D 85 -5.55 -58.84 -12.66
CA ARG D 85 -4.28 -59.53 -12.50
C ARG D 85 -4.41 -60.67 -11.50
N ALA D 86 -3.50 -61.65 -11.64
CA ALA D 86 -3.47 -62.80 -10.76
C ALA D 86 -2.02 -63.13 -10.44
N TYR D 87 -1.82 -63.81 -9.31
CA TYR D 87 -0.49 -64.18 -8.84
C TYR D 87 -0.57 -65.58 -8.26
N GLU D 88 0.16 -66.52 -8.86
CA GLU D 88 0.15 -67.92 -8.42
C GLU D 88 1.57 -68.44 -8.36
N SER D 89 1.90 -69.11 -7.26
CA SER D 89 3.21 -69.73 -7.11
C SER D 89 3.22 -70.73 -5.95
N GLY D 90 3.71 -71.94 -6.19
CA GLY D 90 3.92 -72.90 -5.13
C GLY D 90 2.66 -73.29 -4.39
N ASP D 91 2.52 -72.82 -3.15
CA ASP D 91 1.35 -73.12 -2.34
C ASP D 91 0.19 -72.15 -2.59
N GLY D 92 0.49 -70.89 -2.91
CA GLY D 92 -0.55 -69.92 -3.16
C GLY D 92 -0.95 -69.84 -4.62
N GLN D 93 -2.11 -70.38 -4.95
CA GLN D 93 -2.59 -70.41 -6.33
C GLN D 93 -3.85 -69.56 -6.46
N MET D 94 -4.01 -68.94 -7.63
CA MET D 94 -5.19 -68.15 -7.96
C MET D 94 -5.44 -67.05 -6.94
N VAL D 95 -4.37 -66.40 -6.49
CA VAL D 95 -4.49 -65.24 -5.61
C VAL D 95 -4.75 -64.03 -6.49
N ALA D 96 -5.99 -63.57 -6.52
CA ALA D 96 -6.42 -62.53 -7.46
C ALA D 96 -6.18 -61.14 -6.87
N ILE D 97 -5.87 -60.20 -7.76
CA ILE D 97 -5.70 -58.79 -7.41
C ILE D 97 -6.60 -57.97 -8.31
N THR D 98 -7.43 -57.13 -7.72
CA THR D 98 -8.38 -56.31 -8.44
C THR D 98 -7.95 -54.85 -8.41
N ASP D 99 -8.77 -53.99 -9.03
CA ASP D 99 -8.46 -52.57 -9.13
C ASP D 99 -8.71 -51.80 -7.84
N ASP D 100 -9.34 -52.42 -6.84
CA ASP D 100 -9.54 -51.76 -5.56
C ASP D 100 -8.39 -52.01 -4.60
N ASP D 101 -7.73 -53.16 -4.70
CA ASP D 101 -6.59 -53.43 -3.84
C ASP D 101 -5.44 -52.48 -4.11
N ILE D 102 -5.14 -52.21 -5.38
CA ILE D 102 -4.07 -51.29 -5.72
C ILE D 102 -4.44 -49.83 -5.49
N ALA D 103 -5.72 -49.55 -5.26
CA ALA D 103 -6.12 -48.19 -4.91
C ALA D 103 -5.53 -47.78 -3.56
N SER D 104 -5.46 -48.72 -2.61
CA SER D 104 -4.84 -48.44 -1.33
C SER D 104 -3.37 -48.10 -1.50
N LEU D 105 -2.72 -48.63 -2.53
CA LEU D 105 -1.33 -48.29 -2.80
C LEU D 105 -1.23 -46.82 -3.21
N PRO D 106 -0.39 -46.03 -2.54
CA PRO D 106 -0.27 -44.61 -2.91
C PRO D 106 0.26 -44.46 -4.33
N GLU D 107 -0.25 -43.45 -5.03
CA GLU D 107 0.20 -43.18 -6.39
C GLU D 107 1.62 -42.62 -6.37
N GLU D 108 2.46 -43.14 -7.26
CA GLU D 108 3.85 -42.70 -7.38
C GLU D 108 4.08 -41.99 -8.70
N ARG D 109 3.10 -41.19 -9.14
CA ARG D 109 3.18 -40.46 -10.39
C ARG D 109 3.72 -39.05 -10.21
N SER D 110 4.56 -38.83 -9.20
CA SER D 110 5.14 -37.52 -8.99
C SER D 110 5.99 -37.11 -10.18
N ARG D 111 5.85 -35.86 -10.60
CA ARG D 111 6.51 -35.34 -11.79
C ARG D 111 7.78 -34.58 -11.45
N GLU D 112 8.51 -35.01 -10.42
CA GLU D 112 9.75 -34.37 -10.05
C GLU D 112 10.80 -35.43 -9.75
N ILE D 113 12.05 -35.10 -10.04
CA ILE D 113 13.18 -35.96 -9.70
C ILE D 113 13.67 -35.56 -8.31
N GLU D 114 13.40 -36.41 -7.33
CA GLU D 114 13.68 -36.09 -5.93
C GLU D 114 15.10 -36.55 -5.59
N VAL D 115 15.98 -35.59 -5.37
CA VAL D 115 17.37 -35.88 -5.04
C VAL D 115 17.47 -36.29 -3.58
N LEU D 116 18.12 -37.42 -3.31
CA LEU D 116 18.26 -37.91 -1.94
C LEU D 116 19.58 -37.47 -1.31
N GLU D 117 20.71 -37.87 -1.89
CA GLU D 117 22.02 -37.55 -1.35
C GLU D 117 22.95 -37.20 -2.49
N PHE D 118 24.21 -36.91 -2.14
CA PHE D 118 25.27 -36.59 -3.11
C PHE D 118 26.49 -37.43 -2.75
N VAL D 119 26.53 -38.66 -3.23
CA VAL D 119 27.64 -39.57 -2.91
C VAL D 119 28.80 -39.26 -3.84
N PRO D 120 30.03 -39.70 -3.53
CA PRO D 120 31.14 -39.51 -4.46
C PRO D 120 30.88 -40.18 -5.79
N ALA D 121 31.33 -39.54 -6.87
CA ALA D 121 31.05 -40.01 -8.22
C ALA D 121 31.74 -41.33 -8.53
N ALA D 122 32.75 -41.72 -7.75
CA ALA D 122 33.54 -42.90 -8.08
C ALA D 122 33.12 -44.14 -7.30
N ASP D 123 32.47 -43.98 -6.14
CA ASP D 123 32.16 -45.15 -5.32
C ASP D 123 30.96 -45.93 -5.84
N VAL D 124 30.17 -45.33 -6.73
CA VAL D 124 29.03 -46.04 -7.30
C VAL D 124 29.53 -47.08 -8.28
N ASP D 125 29.15 -48.33 -8.04
CA ASP D 125 29.63 -49.47 -8.82
C ASP D 125 28.99 -49.46 -10.21
N PRO D 126 29.78 -49.68 -11.26
CA PRO D 126 29.21 -49.85 -12.60
C PRO D 126 28.27 -51.04 -12.74
N MET D 127 28.11 -51.87 -11.72
CA MET D 127 27.15 -52.97 -11.79
C MET D 127 25.71 -52.51 -11.84
N MET D 128 25.40 -51.33 -11.31
CA MET D 128 24.02 -50.93 -11.11
C MET D 128 23.39 -50.26 -12.32
N PHE D 129 24.18 -49.66 -13.19
CA PHE D 129 23.62 -48.92 -14.31
C PHE D 129 22.93 -49.86 -15.28
N ASP D 130 21.71 -49.50 -15.68
CA ASP D 130 21.00 -50.22 -16.74
C ASP D 130 20.62 -49.33 -17.90
N ARG D 131 20.03 -48.17 -17.63
CA ARG D 131 19.61 -47.23 -18.67
C ARG D 131 20.16 -45.84 -18.38
N SER D 132 20.27 -45.04 -19.43
CA SER D 132 20.79 -43.68 -19.33
C SER D 132 19.83 -42.72 -20.01
N TYR D 133 19.89 -41.46 -19.62
CA TYR D 133 19.03 -40.44 -20.16
C TYR D 133 19.76 -39.11 -20.23
N PHE D 134 19.27 -38.23 -21.09
CA PHE D 134 19.82 -36.90 -21.27
C PHE D 134 18.86 -35.87 -20.68
N LEU D 135 19.41 -34.80 -20.13
CA LEU D 135 18.63 -33.74 -19.50
C LEU D 135 18.78 -32.46 -20.31
N GLU D 136 17.72 -32.07 -21.00
CA GLU D 136 17.73 -30.81 -21.73
C GLU D 136 17.20 -29.70 -20.83
N PRO D 137 17.85 -28.55 -20.79
CA PRO D 137 17.35 -27.44 -19.97
C PRO D 137 15.98 -26.98 -20.43
N ASP D 138 15.35 -26.17 -19.58
CA ASP D 138 14.07 -25.56 -19.90
C ASP D 138 14.29 -24.38 -20.83
N SER D 139 13.32 -23.49 -20.93
CA SER D 139 13.48 -22.28 -21.71
C SER D 139 14.68 -21.47 -21.20
N LYS D 140 15.00 -20.40 -21.92
CA LYS D 140 16.26 -19.67 -21.72
C LYS D 140 16.53 -19.33 -20.25
N SER D 141 15.52 -19.42 -19.39
CA SER D 141 15.73 -19.36 -17.94
C SER D 141 16.37 -20.67 -17.51
N SER D 142 17.69 -20.76 -17.70
CA SER D 142 18.40 -22.02 -17.46
C SER D 142 19.69 -21.79 -16.68
N LYS D 143 19.71 -20.80 -15.79
CA LYS D 143 20.91 -20.59 -14.98
C LYS D 143 21.08 -21.70 -13.95
N SER D 144 19.98 -22.22 -13.40
CA SER D 144 20.08 -23.24 -12.37
C SER D 144 20.74 -24.51 -12.89
N TYR D 145 20.41 -24.90 -14.12
CA TYR D 145 21.02 -26.09 -14.71
C TYR D 145 22.53 -25.94 -14.80
N VAL D 146 23.00 -24.85 -15.39
CA VAL D 146 24.44 -24.65 -15.54
C VAL D 146 25.10 -24.55 -14.17
N LEU D 147 24.42 -23.93 -13.21
CA LEU D 147 24.98 -23.86 -11.86
C LEU D 147 25.10 -25.25 -11.23
N LEU D 148 24.04 -26.06 -11.35
CA LEU D 148 24.08 -27.40 -10.76
C LEU D 148 25.12 -28.28 -11.46
N ALA D 149 25.21 -28.18 -12.78
CA ALA D 149 26.23 -28.94 -13.50
C ALA D 149 27.63 -28.50 -13.10
N LYS D 150 27.82 -27.20 -12.91
CA LYS D 150 29.15 -26.68 -12.59
C LYS D 150 29.67 -27.22 -11.26
N THR D 151 28.81 -27.23 -10.23
CA THR D 151 29.27 -27.71 -8.93
C THR D 151 29.48 -29.22 -8.94
N LEU D 152 28.62 -29.96 -9.64
CA LEU D 152 28.76 -31.41 -9.68
C LEU D 152 30.09 -31.82 -10.30
N ALA D 153 30.51 -31.15 -11.37
CA ALA D 153 31.79 -31.44 -11.98
C ALA D 153 32.94 -31.01 -11.08
N GLU D 154 32.73 -29.98 -10.27
CA GLU D 154 33.82 -29.46 -9.45
C GLU D 154 34.16 -30.39 -8.30
N THR D 155 33.19 -30.69 -7.44
CA THR D 155 33.44 -31.60 -6.33
C THR D 155 33.31 -33.07 -6.72
N ASP D 156 32.91 -33.36 -7.96
CA ASP D 156 32.89 -34.72 -8.50
C ASP D 156 32.01 -35.65 -7.67
N ARG D 157 30.73 -35.34 -7.62
CA ARG D 157 29.74 -36.17 -6.96
C ARG D 157 28.55 -36.40 -7.87
N MET D 158 27.86 -37.52 -7.65
CA MET D 158 26.61 -37.81 -8.32
C MET D 158 25.49 -37.86 -7.30
N ALA D 159 24.30 -37.44 -7.72
CA ALA D 159 23.15 -37.38 -6.84
C ALA D 159 22.28 -38.62 -7.06
N ILE D 160 22.05 -39.39 -6.00
CA ILE D 160 21.10 -40.49 -6.06
C ILE D 160 19.70 -39.93 -5.87
N VAL D 161 18.82 -40.25 -6.82
CA VAL D 161 17.50 -39.65 -6.90
C VAL D 161 16.45 -40.74 -7.01
N HIS D 162 15.19 -40.33 -6.91
CA HIS D 162 14.04 -41.19 -7.18
C HIS D 162 13.42 -40.69 -8.47
N PHE D 163 13.53 -41.49 -9.54
CA PHE D 163 13.10 -41.10 -10.87
C PHE D 163 11.90 -41.95 -11.27
N THR D 164 10.83 -41.30 -11.69
CA THR D 164 9.61 -41.98 -12.13
C THR D 164 9.32 -41.56 -13.57
N LEU D 165 9.34 -42.52 -14.48
CA LEU D 165 9.12 -42.21 -15.90
C LEU D 165 7.63 -42.10 -16.20
N ARG D 166 6.90 -43.20 -16.02
CA ARG D 166 5.44 -43.19 -16.18
C ARG D 166 4.73 -43.51 -14.87
N ASN D 167 4.92 -44.70 -14.34
CA ASN D 167 4.32 -45.08 -13.06
C ASN D 167 5.25 -45.81 -12.11
N LYS D 168 6.39 -46.29 -12.58
CA LYS D 168 7.32 -47.07 -11.76
C LYS D 168 8.45 -46.18 -11.27
N THR D 169 8.64 -46.15 -9.96
CA THR D 169 9.71 -45.36 -9.35
C THR D 169 10.97 -46.23 -9.27
N ARG D 170 12.01 -45.80 -9.95
CA ARG D 170 13.28 -46.53 -9.99
C ARG D 170 14.39 -45.66 -9.43
N LEU D 171 15.30 -46.29 -8.68
CA LEU D 171 16.46 -45.59 -8.16
C LEU D 171 17.33 -45.13 -9.32
N ALA D 172 17.78 -43.88 -9.27
CA ALA D 172 18.55 -43.30 -10.35
C ALA D 172 19.66 -42.44 -9.80
N ALA D 173 20.74 -42.30 -10.57
CA ALA D 173 21.89 -41.49 -10.21
C ALA D 173 22.06 -40.37 -11.22
N LEU D 174 22.20 -39.15 -10.72
CA LEU D 174 22.35 -37.96 -11.57
C LEU D 174 23.83 -37.63 -11.68
N ARG D 175 24.35 -37.61 -12.91
CA ARG D 175 25.76 -37.36 -13.14
C ARG D 175 25.94 -36.46 -14.35
N VAL D 176 26.83 -35.49 -14.22
CA VAL D 176 27.23 -34.61 -15.32
C VAL D 176 28.49 -35.18 -15.96
N LYS D 177 28.61 -35.00 -17.28
CA LYS D 177 29.79 -35.48 -17.97
C LYS D 177 30.04 -34.63 -19.20
N ASP D 178 31.28 -34.67 -19.69
CA ASP D 178 31.77 -33.73 -20.69
C ASP D 178 31.48 -34.24 -22.10
N PHE D 179 30.83 -33.39 -22.90
CA PHE D 179 30.61 -33.61 -24.33
C PHE D 179 31.16 -32.42 -25.10
N GLY D 180 32.46 -32.48 -25.41
CA GLY D 180 33.09 -31.38 -26.11
C GLY D 180 33.05 -30.12 -25.28
N LYS D 181 32.45 -29.06 -25.84
CA LYS D 181 32.27 -27.80 -25.13
C LYS D 181 30.95 -27.71 -24.40
N ARG D 182 30.15 -28.78 -24.40
CA ARG D 182 28.83 -28.79 -23.78
C ARG D 182 28.88 -29.59 -22.49
N GLU D 183 28.31 -29.02 -21.43
CA GLU D 183 28.21 -29.68 -20.13
C GLU D 183 26.79 -30.21 -19.97
N VAL D 184 26.63 -31.52 -20.10
CA VAL D 184 25.32 -32.16 -20.10
C VAL D 184 25.18 -33.02 -18.85
N MET D 185 24.03 -32.92 -18.19
CA MET D 185 23.71 -33.74 -17.04
C MET D 185 22.92 -34.96 -17.48
N MET D 186 23.32 -36.13 -16.99
CA MET D 186 22.75 -37.40 -17.41
C MET D 186 22.14 -38.11 -16.22
N VAL D 187 20.97 -38.71 -16.44
CA VAL D 187 20.26 -39.44 -15.39
C VAL D 187 20.44 -40.93 -15.69
N HIS D 188 21.42 -41.54 -15.02
CA HIS D 188 21.54 -42.98 -15.07
C HIS D 188 20.59 -43.61 -14.06
N THR D 189 20.14 -44.82 -14.37
CA THR D 189 19.23 -45.55 -13.50
C THR D 189 19.97 -46.76 -12.92
N LEU D 190 19.74 -47.01 -11.64
CA LEU D 190 20.42 -48.08 -10.93
C LEU D 190 19.43 -49.15 -10.52
N LEU D 191 19.86 -50.40 -10.60
CA LEU D 191 19.10 -51.49 -10.00
C LEU D 191 19.10 -51.34 -8.49
N TRP D 192 18.01 -51.79 -7.86
CA TRP D 192 17.94 -51.72 -6.42
C TRP D 192 19.02 -52.62 -5.81
N PRO D 193 19.59 -52.23 -4.67
CA PRO D 193 20.71 -52.99 -4.11
C PRO D 193 20.36 -54.43 -3.77
N ASP D 194 19.08 -54.76 -3.63
CA ASP D 194 18.69 -56.14 -3.34
C ASP D 194 18.57 -57.00 -4.59
N GLU D 195 18.66 -56.42 -5.79
CA GLU D 195 18.57 -57.23 -7.01
C GLU D 195 19.88 -57.91 -7.37
N ILE D 196 20.97 -57.61 -6.68
CA ILE D 196 22.27 -58.19 -7.00
C ILE D 196 22.49 -59.42 -6.14
N ARG D 197 22.70 -60.57 -6.78
CA ARG D 197 22.88 -61.81 -6.06
C ARG D 197 24.23 -61.85 -5.35
N ASP D 198 24.31 -62.66 -4.31
CA ASP D 198 25.56 -62.88 -3.59
C ASP D 198 26.33 -64.03 -4.23
N PRO D 199 27.54 -63.81 -4.73
CA PRO D 199 28.30 -64.90 -5.36
C PRO D 199 28.83 -65.86 -4.30
N ASP D 200 28.28 -67.07 -4.29
CA ASP D 200 28.70 -68.14 -3.38
C ASP D 200 29.39 -69.22 -4.21
N PHE D 201 30.71 -69.11 -4.30
CA PHE D 201 31.51 -69.99 -5.16
C PHE D 201 32.51 -70.77 -4.32
N PRO D 202 32.15 -71.97 -3.85
CA PRO D 202 33.08 -72.73 -2.99
C PRO D 202 34.37 -73.12 -3.67
N VAL D 203 34.43 -73.11 -5.00
CA VAL D 203 35.67 -73.45 -5.70
C VAL D 203 36.76 -72.45 -5.37
N LEU D 204 36.39 -71.23 -4.98
CA LEU D 204 37.33 -70.20 -4.61
C LEU D 204 37.61 -70.15 -3.11
N ASP D 205 36.94 -71.00 -2.32
CA ASP D 205 37.18 -70.99 -0.88
C ASP D 205 38.61 -71.43 -0.55
N GLN D 206 39.11 -72.44 -1.25
CA GLN D 206 40.48 -72.89 -1.03
C GLN D 206 41.47 -71.83 -1.50
N LYS D 207 42.62 -71.79 -0.83
CA LYS D 207 43.67 -70.83 -1.16
C LYS D 207 44.61 -71.47 -2.19
N VAL D 208 44.80 -70.79 -3.32
CA VAL D 208 45.64 -71.28 -4.41
C VAL D 208 46.88 -70.42 -4.46
N GLU D 209 48.04 -71.06 -4.35
CA GLU D 209 49.30 -70.34 -4.41
C GLU D 209 49.59 -69.89 -5.84
N ILE D 210 50.02 -68.64 -5.98
CA ILE D 210 50.36 -68.05 -7.28
C ILE D 210 51.87 -67.87 -7.32
N LYS D 211 52.49 -68.38 -8.37
CA LYS D 211 53.93 -68.29 -8.50
C LYS D 211 54.34 -66.84 -8.74
N PRO D 212 55.28 -66.29 -7.95
CA PRO D 212 55.73 -64.91 -8.20
C PRO D 212 56.32 -64.72 -9.58
N ALA D 213 56.99 -65.74 -10.13
CA ALA D 213 57.50 -65.64 -11.50
C ALA D 213 56.36 -65.50 -12.49
N GLU D 214 55.25 -66.21 -12.27
CA GLU D 214 54.09 -66.08 -13.13
C GLU D 214 53.54 -64.66 -13.10
N LEU D 215 53.55 -64.03 -11.92
CA LEU D 215 53.14 -62.63 -11.82
C LEU D 215 54.01 -61.73 -12.68
N LYS D 216 55.34 -61.97 -12.64
CA LYS D 216 56.22 -61.27 -13.56
C LYS D 216 55.93 -61.66 -15.01
N MET D 217 55.64 -62.94 -15.24
CA MET D 217 55.27 -63.38 -16.58
C MET D 217 53.97 -62.73 -17.05
N ALA D 218 52.99 -62.64 -16.15
CA ALA D 218 51.74 -61.97 -16.50
C ALA D 218 51.94 -60.48 -16.69
N GLY D 219 52.90 -59.88 -15.99
CA GLY D 219 53.15 -58.45 -16.14
C GLY D 219 53.55 -58.07 -17.55
N GLN D 220 54.41 -58.88 -18.17
CA GLN D 220 54.79 -58.62 -19.56
C GLN D 220 53.64 -58.92 -20.51
N VAL D 221 52.76 -59.85 -20.14
CA VAL D 221 51.67 -60.24 -21.03
C VAL D 221 50.65 -59.12 -21.15
N VAL D 222 50.33 -58.45 -20.04
CA VAL D 222 49.23 -57.49 -20.04
C VAL D 222 49.54 -56.30 -20.94
N ASP D 223 50.80 -55.87 -21.01
CA ASP D 223 51.16 -54.74 -21.86
C ASP D 223 51.29 -55.13 -23.33
N SER D 224 51.27 -56.44 -23.64
CA SER D 224 51.36 -56.86 -25.02
C SER D 224 50.15 -56.40 -25.83
N MET D 225 48.95 -56.49 -25.26
CA MET D 225 47.72 -56.12 -25.94
C MET D 225 47.06 -54.89 -25.32
N ALA D 226 47.81 -54.08 -24.59
CA ALA D 226 47.27 -52.88 -23.97
C ALA D 226 47.05 -51.81 -25.04
N ASP D 227 45.84 -51.74 -25.56
CA ASP D 227 45.50 -50.81 -26.62
C ASP D 227 44.40 -49.87 -26.12
N ASP D 228 44.53 -48.59 -26.45
CA ASP D 228 43.55 -47.61 -26.02
C ASP D 228 42.21 -47.85 -26.73
N PHE D 229 41.13 -47.51 -26.04
CA PHE D 229 39.78 -47.71 -26.57
C PHE D 229 39.58 -46.74 -27.74
N ASN D 230 39.43 -47.29 -28.94
CA ASN D 230 39.05 -46.50 -30.11
C ASN D 230 37.64 -46.92 -30.53
N PRO D 231 36.62 -46.11 -30.29
CA PRO D 231 35.26 -46.50 -30.68
C PRO D 231 35.11 -46.76 -32.17
N ASP D 232 35.89 -46.08 -33.00
CA ASP D 232 35.85 -46.27 -34.44
C ASP D 232 36.72 -47.44 -34.90
N ARG D 233 37.43 -48.10 -33.98
CA ARG D 233 38.24 -49.26 -34.36
C ARG D 233 37.37 -50.50 -34.56
N TYR D 234 36.35 -50.68 -33.73
CA TYR D 234 35.52 -51.88 -33.76
C TYR D 234 34.08 -51.50 -34.07
N HIS D 235 33.52 -52.10 -35.11
CA HIS D 235 32.12 -51.94 -35.48
C HIS D 235 31.41 -53.29 -35.41
N ASP D 236 30.09 -53.22 -35.33
CA ASP D 236 29.27 -54.43 -35.40
C ASP D 236 29.33 -55.02 -36.80
N THR D 237 29.41 -56.34 -36.89
CA THR D 237 29.49 -57.05 -38.15
C THR D 237 28.16 -57.61 -38.62
N TYR D 238 27.34 -58.10 -37.69
CA TYR D 238 26.06 -58.71 -38.08
C TYR D 238 25.14 -57.67 -38.71
N GLN D 239 25.06 -56.47 -38.11
CA GLN D 239 24.17 -55.45 -38.64
C GLN D 239 24.67 -54.91 -39.97
N GLU D 240 25.99 -54.76 -40.11
CA GLU D 240 26.55 -54.21 -41.35
C GLU D 240 26.29 -55.11 -42.55
N GLN D 241 26.35 -56.43 -42.34
CA GLN D 241 26.16 -57.36 -43.44
C GLN D 241 24.70 -57.47 -43.85
N LEU D 242 23.78 -57.38 -42.88
CA LEU D 242 22.36 -57.57 -43.20
C LEU D 242 21.85 -56.48 -44.14
N GLN D 243 22.22 -55.22 -43.88
CA GLN D 243 21.74 -54.13 -44.71
C GLN D 243 22.30 -54.18 -46.13
N GLU D 244 23.43 -54.85 -46.33
CA GLU D 244 23.98 -54.97 -47.69
C GLU D 244 23.05 -55.75 -48.59
N LEU D 245 22.45 -56.83 -48.07
CA LEU D 245 21.51 -57.61 -48.88
C LEU D 245 20.24 -56.83 -49.17
N ILE D 246 19.81 -55.98 -48.25
CA ILE D 246 18.61 -55.18 -48.47
C ILE D 246 18.81 -54.20 -49.61
N ASP D 247 20.05 -53.77 -49.85
CA ASP D 247 20.32 -52.82 -50.92
C ASP D 247 19.97 -53.42 -52.29
N THR D 248 20.27 -54.70 -52.50
CA THR D 248 19.94 -55.34 -53.76
C THR D 248 18.44 -55.38 -53.99
N LYS D 249 17.67 -55.67 -52.94
CA LYS D 249 16.22 -55.71 -53.07
C LYS D 249 15.65 -54.35 -53.41
N LEU D 250 16.16 -53.30 -52.78
CA LEU D 250 15.69 -51.95 -53.03
C LEU D 250 16.47 -51.29 -54.16
N MET E 24 -22.37 48.50 6.59
CA MET E 24 -21.58 47.81 7.62
C MET E 24 -20.22 47.43 7.08
N ARG E 25 -19.17 47.96 7.69
CA ARG E 25 -17.80 47.73 7.26
C ARG E 25 -17.03 46.96 8.33
N ALA E 26 -16.26 45.97 7.89
CA ALA E 26 -15.51 45.15 8.82
C ALA E 26 -14.41 45.95 9.50
N ILE E 27 -14.24 45.70 10.80
CA ILE E 27 -13.18 46.31 11.59
C ILE E 27 -12.08 45.34 11.94
N TRP E 28 -12.21 44.08 11.53
CA TRP E 28 -11.27 43.03 11.89
C TRP E 28 -11.54 41.80 11.05
N THR E 29 -10.49 41.19 10.54
CA THR E 29 -10.60 40.00 9.70
C THR E 29 -9.58 38.97 10.17
N GLY E 30 -10.07 37.89 10.76
CA GLY E 30 -9.21 36.84 11.28
C GLY E 30 -9.92 35.53 11.34
N SER E 31 -9.69 34.77 12.40
CA SER E 31 -10.31 33.46 12.52
C SER E 31 -10.35 33.05 13.98
N ILE E 32 -11.39 32.30 14.35
CA ILE E 32 -11.49 31.70 15.68
C ILE E 32 -10.66 30.43 15.67
N ALA E 33 -9.58 30.41 16.45
CA ALA E 33 -8.64 29.29 16.43
C ALA E 33 -8.34 28.82 17.83
N PHE E 34 -8.56 27.54 18.09
CA PHE E 34 -8.16 26.94 19.36
C PHE E 34 -7.60 25.54 19.13
N GLY E 35 -6.79 25.37 18.09
CA GLY E 35 -6.19 24.08 17.80
C GLY E 35 -6.47 23.60 16.40
N LEU E 36 -7.13 22.43 16.28
CA LEU E 36 -7.55 21.97 14.97
C LEU E 36 -8.52 22.97 14.33
N VAL E 37 -9.42 23.53 15.14
CA VAL E 37 -10.50 24.36 14.64
C VAL E 37 -9.94 25.72 14.25
N ASN E 38 -10.33 26.20 13.06
CA ASN E 38 -9.93 27.53 12.60
C ASN E 38 -11.04 28.02 11.68
N VAL E 39 -11.88 28.90 12.20
CA VAL E 39 -13.07 29.39 11.50
C VAL E 39 -12.82 30.84 11.10
N PRO E 40 -12.57 31.13 9.82
CA PRO E 40 -12.35 32.52 9.41
C PRO E 40 -13.65 33.32 9.53
N VAL E 41 -13.55 34.51 10.11
CA VAL E 41 -14.72 35.36 10.36
C VAL E 41 -14.34 36.82 10.13
N LYS E 42 -15.37 37.65 10.02
CA LYS E 42 -15.23 39.10 9.98
C LYS E 42 -15.96 39.69 11.17
N VAL E 43 -15.36 40.69 11.80
CA VAL E 43 -15.92 41.31 13.00
C VAL E 43 -16.58 42.62 12.63
N TYR E 44 -17.82 42.79 13.05
CA TYR E 44 -18.59 44.01 12.83
C TYR E 44 -18.95 44.64 14.16
N SER E 45 -18.96 45.97 14.20
CA SER E 45 -19.36 46.66 15.41
C SER E 45 -20.87 46.51 15.61
N ALA E 46 -21.26 45.83 16.68
CA ALA E 46 -22.66 45.54 16.92
C ALA E 46 -23.45 46.75 17.41
N THR E 47 -22.78 47.72 18.03
CA THR E 47 -23.45 48.90 18.55
C THR E 47 -22.75 50.15 18.04
N ALA E 48 -23.55 51.15 17.65
CA ALA E 48 -23.04 52.44 17.23
C ALA E 48 -23.82 53.52 17.95
N ASP E 49 -23.14 54.34 18.73
CA ASP E 49 -23.82 55.38 19.49
C ASP E 49 -24.45 56.39 18.53
N HIS E 50 -25.64 56.89 18.90
CA HIS E 50 -26.41 57.75 18.04
C HIS E 50 -26.32 59.23 18.43
N ASP E 51 -25.30 59.61 19.18
CA ASP E 51 -25.13 61.01 19.52
C ASP E 51 -24.63 61.79 18.31
N ILE E 52 -24.59 63.12 18.46
CA ILE E 52 -24.12 64.01 17.41
C ILE E 52 -22.80 64.61 17.88
N ARG E 53 -21.77 64.48 17.05
CA ARG E 53 -20.43 64.96 17.38
C ARG E 53 -20.30 66.40 16.91
N PHE E 54 -20.41 67.34 17.83
CA PHE E 54 -20.28 68.75 17.50
C PHE E 54 -18.81 69.12 17.32
N HIS E 55 -18.57 70.13 16.49
CA HIS E 55 -17.24 70.66 16.26
C HIS E 55 -17.18 72.09 16.78
N GLN E 56 -16.10 72.43 17.49
CA GLN E 56 -15.92 73.80 17.93
C GLN E 56 -15.39 74.65 16.79
N VAL E 57 -15.89 75.88 16.70
CA VAL E 57 -15.50 76.82 15.66
C VAL E 57 -15.24 78.18 16.29
N HIS E 58 -14.50 79.01 15.56
CA HIS E 58 -14.26 80.37 16.02
C HIS E 58 -15.56 81.16 16.06
N ALA E 59 -15.75 81.93 17.13
CA ALA E 59 -16.98 82.70 17.28
C ALA E 59 -17.13 83.73 16.16
N LYS E 60 -16.06 84.42 15.82
CA LYS E 60 -16.09 85.48 14.82
C LYS E 60 -15.65 85.01 13.44
N ASP E 61 -15.28 83.74 13.28
CA ASP E 61 -14.79 83.26 11.99
C ASP E 61 -15.41 81.96 11.52
N ASN E 62 -16.06 81.19 12.39
CA ASN E 62 -16.64 79.89 12.03
C ASN E 62 -15.61 78.95 11.43
N GLY E 63 -14.38 79.01 11.92
CA GLY E 63 -13.30 78.19 11.42
C GLY E 63 -12.92 77.09 12.39
N ARG E 64 -12.53 75.94 11.83
CA ARG E 64 -12.12 74.81 12.65
C ARG E 64 -10.82 75.12 13.38
N ILE E 65 -10.68 74.56 14.57
CA ILE E 65 -9.52 74.77 15.43
C ILE E 65 -8.70 73.48 15.46
N ARG E 66 -7.40 73.60 15.22
CA ARG E 66 -6.47 72.49 15.33
C ARG E 66 -5.58 72.74 16.54
N TYR E 67 -5.58 71.81 17.48
CA TYR E 67 -4.78 71.97 18.69
C TYR E 67 -3.30 71.93 18.37
N LYS E 68 -2.55 72.83 19.00
CA LYS E 68 -1.10 72.92 18.82
C LYS E 68 -0.42 72.52 20.12
N ARG E 69 0.48 71.53 20.03
CA ARG E 69 1.16 71.03 21.21
C ARG E 69 2.27 71.99 21.63
N VAL E 70 2.16 72.55 22.83
CA VAL E 70 3.12 73.51 23.35
C VAL E 70 3.79 72.92 24.56
N CYS E 71 5.11 72.77 24.50
CA CYS E 71 5.87 72.25 25.63
C CYS E 71 6.08 73.35 26.67
N GLU E 72 5.93 72.98 27.95
CA GLU E 72 6.11 73.95 29.02
C GLU E 72 7.56 74.42 29.08
N ALA E 73 8.50 73.47 29.11
CA ALA E 73 9.91 73.81 29.27
C ALA E 73 10.51 74.48 28.05
N CYS E 74 9.82 74.48 26.92
CA CYS E 74 10.31 75.15 25.71
C CYS E 74 9.44 76.30 25.26
N GLY E 75 8.13 76.21 25.43
CA GLY E 75 7.26 77.27 24.97
C GLY E 75 7.08 77.33 23.47
N GLU E 76 7.47 76.28 22.75
CA GLU E 76 7.38 76.25 21.30
C GLU E 76 6.65 74.98 20.86
N VAL E 77 6.05 75.04 19.67
CA VAL E 77 5.23 73.95 19.20
C VAL E 77 6.10 72.74 18.89
N VAL E 78 5.76 71.60 19.48
CA VAL E 78 6.55 70.38 19.38
C VAL E 78 5.79 69.38 18.51
N ASP E 79 6.49 68.84 17.52
CA ASP E 79 5.87 67.86 16.63
C ASP E 79 5.69 66.52 17.34
N TYR E 80 4.86 65.68 16.75
CA TYR E 80 4.58 64.37 17.34
C TYR E 80 5.83 63.49 17.37
N ARG E 81 6.76 63.71 16.44
CA ARG E 81 7.99 62.92 16.43
C ARG E 81 8.79 63.10 17.72
N ASP E 82 8.66 64.25 18.36
CA ASP E 82 9.45 64.58 19.56
C ASP E 82 8.64 64.42 20.83
N LEU E 83 7.80 63.40 20.90
CA LEU E 83 6.92 63.17 22.04
C LEU E 83 7.24 61.83 22.68
N ALA E 84 7.35 61.83 24.01
CA ALA E 84 7.67 60.63 24.77
C ALA E 84 6.67 60.45 25.89
N ARG E 85 6.24 59.21 26.12
CA ARG E 85 5.29 58.92 27.17
C ARG E 85 5.97 58.84 28.53
N ALA E 86 5.32 59.36 29.55
CA ALA E 86 5.86 59.39 30.90
C ALA E 86 4.87 58.78 31.88
N TYR E 87 5.40 58.19 32.94
CA TYR E 87 4.61 57.58 33.99
C TYR E 87 4.87 58.31 35.31
N GLU E 88 3.83 58.43 36.12
CA GLU E 88 3.89 59.14 37.38
C GLU E 88 3.26 58.31 38.48
N SER E 89 3.95 58.22 39.63
CA SER E 89 3.39 57.56 40.80
C SER E 89 4.08 58.13 42.04
N GLY E 90 3.38 59.02 42.75
CA GLY E 90 3.86 59.55 44.01
C GLY E 90 5.24 60.16 43.97
N ASP E 91 6.20 59.51 44.63
CA ASP E 91 7.54 60.07 44.74
C ASP E 91 8.23 60.18 43.39
N GLY E 92 8.14 59.06 42.66
CA GLY E 92 8.70 59.07 41.29
C GLY E 92 7.78 59.95 40.50
N GLN E 93 8.12 60.21 39.23
CA GLN E 93 7.32 61.18 38.42
C GLN E 93 7.80 61.19 36.97
N MET E 94 9.11 61.25 36.74
CA MET E 94 9.63 61.37 35.35
C MET E 94 10.18 60.03 34.87
N VAL E 95 9.43 58.94 35.02
CA VAL E 95 9.88 57.63 34.46
C VAL E 95 9.77 57.72 32.93
N ALA E 96 10.87 58.07 32.26
CA ALA E 96 10.84 58.25 30.78
C ALA E 96 10.68 56.89 30.09
N ILE E 97 9.67 56.77 29.22
CA ILE E 97 9.46 55.53 28.47
C ILE E 97 9.56 55.86 26.99
N THR E 98 10.45 55.16 26.30
CA THR E 98 10.55 55.25 24.85
C THR E 98 10.09 53.93 24.23
N ASP E 99 9.85 53.98 22.92
CA ASP E 99 9.34 52.80 22.21
C ASP E 99 10.31 51.63 22.25
N ASP E 100 11.59 51.87 22.54
CA ASP E 100 12.54 50.78 22.62
C ASP E 100 12.15 49.77 23.69
N ASP E 101 11.77 50.26 24.88
CA ASP E 101 11.29 49.37 25.92
C ASP E 101 9.96 48.74 25.54
N ILE E 102 9.12 49.49 24.82
CA ILE E 102 7.85 48.95 24.34
C ILE E 102 8.11 47.77 23.42
N ALA E 103 9.10 47.89 22.54
CA ALA E 103 9.50 46.77 21.70
C ALA E 103 9.97 45.60 22.55
N SER E 104 10.68 45.88 23.65
CA SER E 104 11.14 44.82 24.54
C SER E 104 9.97 44.05 25.14
N LEU E 105 8.94 44.78 25.56
CA LEU E 105 7.73 44.14 26.06
C LEU E 105 7.04 43.42 24.91
N PRO E 106 6.75 42.12 25.06
CA PRO E 106 6.06 41.39 24.00
C PRO E 106 4.74 42.05 23.64
N GLU E 107 4.49 42.17 22.34
CA GLU E 107 3.27 42.83 21.85
C GLU E 107 2.93 42.20 20.50
N GLU E 108 1.84 41.44 20.46
CA GLU E 108 1.44 40.72 19.28
C GLU E 108 0.06 41.17 18.83
N ARG E 109 -0.08 41.35 17.52
CA ARG E 109 -1.35 41.71 16.89
C ARG E 109 -2.00 40.49 16.23
N SER E 110 -1.88 39.33 16.87
CA SER E 110 -2.36 38.06 16.33
C SER E 110 -3.78 38.16 15.81
N ARG E 111 -4.00 37.70 14.57
CA ARG E 111 -5.30 37.79 13.94
C ARG E 111 -6.15 36.58 14.27
N GLU E 112 -5.89 35.93 15.40
CA GLU E 112 -6.62 34.75 15.83
C GLU E 112 -7.36 35.04 17.12
N ILE E 113 -8.63 34.67 17.17
CA ILE E 113 -9.43 34.76 18.40
C ILE E 113 -9.19 33.45 19.14
N GLU E 114 -8.18 33.45 20.00
CA GLU E 114 -7.79 32.24 20.71
C GLU E 114 -8.81 31.92 21.80
N VAL E 115 -9.26 30.67 21.83
CA VAL E 115 -10.31 30.22 22.76
C VAL E 115 -9.65 29.49 23.91
N LEU E 116 -10.13 29.74 25.13
CA LEU E 116 -9.56 29.15 26.33
C LEU E 116 -10.41 28.02 26.90
N GLU E 117 -11.66 28.28 27.23
CA GLU E 117 -12.56 27.22 27.71
C GLU E 117 -13.95 27.49 27.17
N PHE E 118 -14.92 26.70 27.64
CA PHE E 118 -16.34 26.85 27.30
C PHE E 118 -17.11 26.84 28.61
N VAL E 119 -17.26 27.99 29.23
CA VAL E 119 -17.95 28.10 30.51
C VAL E 119 -19.45 28.07 30.28
N PRO E 120 -20.27 27.76 31.29
CA PRO E 120 -21.71 27.88 31.12
C PRO E 120 -22.12 29.33 30.91
N ALA E 121 -23.23 29.51 30.19
CA ALA E 121 -23.67 30.85 29.82
C ALA E 121 -24.00 31.69 31.05
N ALA E 122 -24.67 31.09 32.03
CA ALA E 122 -25.11 31.84 33.21
C ALA E 122 -23.97 32.20 34.15
N ASP E 123 -22.78 31.66 33.95
CA ASP E 123 -21.68 31.88 34.88
C ASP E 123 -21.01 33.24 34.70
N VAL E 124 -21.33 33.97 33.64
CA VAL E 124 -20.75 35.28 33.40
C VAL E 124 -21.78 36.32 33.81
N ASP E 125 -21.47 37.10 34.84
CA ASP E 125 -22.41 38.08 35.35
C ASP E 125 -22.46 39.29 34.43
N PRO E 126 -23.65 39.85 34.20
CA PRO E 126 -23.78 40.98 33.27
C PRO E 126 -22.90 42.19 33.58
N MET E 127 -22.31 42.26 34.77
CA MET E 127 -21.42 43.37 35.07
C MET E 127 -20.09 43.27 34.33
N MET E 128 -19.81 42.15 33.67
CA MET E 128 -18.53 41.95 33.00
C MET E 128 -18.52 42.46 31.57
N PHE E 129 -19.67 42.51 30.90
CA PHE E 129 -19.69 42.87 29.48
C PHE E 129 -19.33 44.33 29.28
N ASP E 130 -18.53 44.60 28.25
CA ASP E 130 -18.14 45.96 27.89
C ASP E 130 -18.66 46.39 26.54
N ARG E 131 -18.34 45.65 25.48
CA ARG E 131 -18.75 45.99 24.13
C ARG E 131 -19.25 44.74 23.42
N SER E 132 -19.84 44.94 22.25
CA SER E 132 -20.43 43.84 21.48
C SER E 132 -19.97 43.90 20.04
N TYR E 133 -19.82 42.73 19.43
CA TYR E 133 -19.40 42.62 18.04
C TYR E 133 -20.10 41.44 17.39
N PHE E 134 -20.23 41.51 16.07
CA PHE E 134 -20.83 40.43 15.28
C PHE E 134 -19.73 39.64 14.57
N LEU E 135 -20.05 38.39 14.24
CA LEU E 135 -19.14 37.51 13.53
C LEU E 135 -19.84 36.98 12.29
N GLU E 136 -19.31 37.33 11.11
CA GLU E 136 -19.82 36.79 9.86
C GLU E 136 -18.84 35.77 9.33
N PRO E 137 -19.29 34.59 8.89
CA PRO E 137 -18.37 33.62 8.30
C PRO E 137 -17.70 34.20 7.06
N ASP E 138 -16.41 33.92 6.93
CA ASP E 138 -15.58 34.50 5.87
C ASP E 138 -14.82 33.40 5.14
N SER E 139 -15.52 32.34 4.77
CA SER E 139 -14.93 31.25 4.03
C SER E 139 -15.88 30.81 2.93
N LYS E 140 -15.38 29.95 2.04
CA LYS E 140 -16.23 29.41 0.99
C LYS E 140 -17.37 28.58 1.58
N SER E 141 -17.08 27.81 2.62
CA SER E 141 -18.08 27.01 3.32
C SER E 141 -18.21 27.50 4.74
N SER E 142 -19.44 27.79 5.16
CA SER E 142 -19.73 28.23 6.51
C SER E 142 -20.15 27.08 7.42
N LYS E 143 -19.83 25.84 7.04
CA LYS E 143 -20.24 24.69 7.85
C LYS E 143 -19.61 24.73 9.23
N SER E 144 -18.33 25.08 9.32
CA SER E 144 -17.66 25.14 10.62
C SER E 144 -18.29 26.22 11.50
N TYR E 145 -18.56 27.39 10.92
CA TYR E 145 -19.20 28.45 11.69
C TYR E 145 -20.59 28.04 12.15
N VAL E 146 -21.40 27.48 11.23
CA VAL E 146 -22.77 27.15 11.58
C VAL E 146 -22.81 26.04 12.63
N LEU E 147 -21.97 25.02 12.47
CA LEU E 147 -22.04 23.89 13.39
C LEU E 147 -21.52 24.28 14.77
N LEU E 148 -20.51 25.16 14.83
CA LEU E 148 -20.04 25.66 16.12
C LEU E 148 -21.11 26.47 16.82
N ALA E 149 -21.86 27.28 16.08
CA ALA E 149 -22.96 28.02 16.67
C ALA E 149 -24.04 27.06 17.17
N LYS E 150 -24.31 25.99 16.43
CA LYS E 150 -25.35 25.07 16.81
C LYS E 150 -25.03 24.36 18.13
N THR E 151 -23.79 23.93 18.30
CA THR E 151 -23.43 23.22 19.53
C THR E 151 -23.34 24.16 20.72
N LEU E 152 -22.93 25.41 20.50
CA LEU E 152 -22.87 26.37 21.60
C LEU E 152 -24.27 26.64 22.15
N ALA E 153 -25.26 26.77 21.28
CA ALA E 153 -26.62 27.06 21.73
C ALA E 153 -27.24 25.85 22.42
N GLU E 154 -27.08 24.66 21.85
CA GLU E 154 -27.77 23.50 22.39
C GLU E 154 -27.20 23.09 23.74
N THR E 155 -25.90 23.26 23.94
CA THR E 155 -25.31 23.06 25.26
C THR E 155 -25.38 24.31 26.13
N ASP E 156 -25.77 25.45 25.56
CA ASP E 156 -25.95 26.70 26.31
C ASP E 156 -24.68 27.07 27.06
N ARG E 157 -23.54 27.01 26.36
CA ARG E 157 -22.25 27.35 26.93
C ARG E 157 -21.73 28.64 26.31
N MET E 158 -20.67 29.16 26.93
CA MET E 158 -20.04 30.41 26.52
C MET E 158 -18.55 30.18 26.42
N ALA E 159 -17.96 30.61 25.31
CA ALA E 159 -16.52 30.47 25.13
C ALA E 159 -15.81 31.74 25.58
N ILE E 160 -14.78 31.57 26.41
CA ILE E 160 -13.96 32.68 26.86
C ILE E 160 -12.72 32.71 25.96
N VAL E 161 -12.47 33.86 25.35
CA VAL E 161 -11.45 34.00 24.32
C VAL E 161 -10.54 35.16 24.68
N HIS E 162 -9.46 35.28 23.89
CA HIS E 162 -8.54 36.40 23.98
C HIS E 162 -8.67 37.21 22.70
N PHE E 163 -9.64 38.10 22.67
CA PHE E 163 -9.90 38.91 21.49
C PHE E 163 -8.91 40.05 21.41
N THR E 164 -8.20 40.15 20.30
CA THR E 164 -7.18 41.17 20.11
C THR E 164 -7.60 42.08 18.97
N LEU E 165 -8.07 43.27 19.32
CA LEU E 165 -8.30 44.35 18.37
C LEU E 165 -6.97 45.02 18.07
N ARG E 166 -7.01 46.25 17.55
CA ARG E 166 -5.77 46.89 17.16
C ARG E 166 -4.93 47.12 18.40
N ASN E 167 -4.03 46.17 18.69
CA ASN E 167 -3.31 46.09 19.96
C ASN E 167 -4.26 45.97 21.14
N LYS E 168 -3.72 45.90 22.36
CA LYS E 168 -4.52 45.78 23.58
C LYS E 168 -5.42 44.55 23.53
N THR E 169 -4.79 43.39 23.60
CA THR E 169 -5.52 42.14 23.74
C THR E 169 -6.50 42.23 24.90
N ARG E 170 -7.74 41.80 24.65
CA ARG E 170 -8.81 41.94 25.63
C ARG E 170 -9.46 40.58 25.87
N LEU E 171 -9.77 40.30 27.13
CA LEU E 171 -10.59 39.15 27.44
C LEU E 171 -11.98 39.34 26.88
N ALA E 172 -12.53 38.29 26.29
CA ALA E 172 -13.83 38.41 25.64
C ALA E 172 -14.57 37.08 25.73
N ALA E 173 -15.89 37.15 25.56
CA ALA E 173 -16.76 35.99 25.63
C ALA E 173 -17.46 35.80 24.30
N LEU E 174 -17.58 34.54 23.88
CA LEU E 174 -18.20 34.17 22.62
C LEU E 174 -19.54 33.52 22.90
N ARG E 175 -20.61 34.08 22.34
CA ARG E 175 -21.95 33.54 22.53
C ARG E 175 -22.70 33.61 21.21
N VAL E 176 -23.83 32.90 21.17
CA VAL E 176 -24.65 32.81 19.97
C VAL E 176 -26.05 33.32 20.31
N LYS E 177 -26.55 34.24 19.49
CA LYS E 177 -27.88 34.81 19.67
C LYS E 177 -28.66 34.70 18.38
N ASP E 178 -29.95 34.38 18.50
CA ASP E 178 -30.82 34.19 17.36
C ASP E 178 -31.49 35.52 17.01
N PHE E 179 -31.19 36.04 15.83
CA PHE E 179 -31.87 37.24 15.31
C PHE E 179 -33.05 36.82 14.43
N GLY E 180 -33.97 36.07 15.03
CA GLY E 180 -35.10 35.56 14.30
C GLY E 180 -34.80 34.22 13.65
N LYS E 181 -34.63 34.21 12.33
CA LYS E 181 -34.32 32.99 11.60
C LYS E 181 -32.83 32.81 11.35
N ARG E 182 -31.99 33.70 11.87
CA ARG E 182 -30.55 33.64 11.68
C ARG E 182 -29.87 33.44 13.02
N GLU E 183 -28.93 32.51 13.07
CA GLU E 183 -28.17 32.20 14.28
C GLU E 183 -26.80 32.84 14.15
N VAL E 184 -26.54 33.87 14.95
CA VAL E 184 -25.35 34.69 14.81
C VAL E 184 -24.48 34.52 16.05
N MET E 185 -23.19 34.35 15.85
CA MET E 185 -22.21 34.34 16.94
C MET E 185 -21.75 35.76 17.21
N MET E 186 -21.55 36.08 18.49
CA MET E 186 -21.17 37.42 18.89
C MET E 186 -20.03 37.36 19.88
N VAL E 187 -19.26 38.45 19.92
CA VAL E 187 -18.11 38.57 20.82
C VAL E 187 -18.37 39.74 21.75
N HIS E 188 -18.28 39.50 23.05
CA HIS E 188 -18.46 40.52 24.07
C HIS E 188 -17.14 40.73 24.79
N THR E 189 -16.55 41.91 24.63
CA THR E 189 -15.37 42.24 25.40
C THR E 189 -15.73 42.33 26.88
N LEU E 190 -14.90 41.73 27.73
CA LEU E 190 -15.14 41.68 29.16
C LEU E 190 -14.04 42.42 29.91
N LEU E 191 -14.41 43.09 30.98
CA LEU E 191 -13.41 43.63 31.89
C LEU E 191 -12.73 42.49 32.64
N TRP E 192 -11.47 42.69 32.98
CA TRP E 192 -10.74 41.69 33.71
C TRP E 192 -11.34 41.52 35.10
N PRO E 193 -11.33 40.29 35.64
CA PRO E 193 -11.98 40.06 36.94
C PRO E 193 -11.42 40.91 38.06
N ASP E 194 -10.15 41.32 37.97
CA ASP E 194 -9.59 42.20 38.98
C ASP E 194 -10.03 43.65 38.81
N GLU E 195 -10.76 43.98 37.75
CA GLU E 195 -11.15 45.34 37.45
C GLU E 195 -12.45 45.75 38.13
N ILE E 196 -13.07 44.85 38.87
CA ILE E 196 -14.34 45.12 39.56
C ILE E 196 -14.04 45.50 41.00
N ARG E 197 -14.57 46.63 41.44
CA ARG E 197 -14.33 47.08 42.80
C ARG E 197 -15.11 46.23 43.80
N ASP E 198 -14.75 46.37 45.07
CA ASP E 198 -15.35 45.61 46.15
C ASP E 198 -16.46 46.46 46.76
N PRO E 199 -17.70 46.01 46.77
CA PRO E 199 -18.77 46.79 47.40
C PRO E 199 -18.65 46.82 48.91
N ASP E 200 -17.71 47.60 49.43
CA ASP E 200 -17.45 47.67 50.86
C ASP E 200 -18.38 48.69 51.48
N PHE E 201 -19.51 48.23 51.99
CA PHE E 201 -20.49 49.08 52.66
C PHE E 201 -20.74 48.59 54.06
N PRO E 202 -20.25 49.28 55.10
CA PRO E 202 -20.52 48.84 56.48
C PRO E 202 -21.99 48.86 56.85
N VAL E 203 -22.81 49.67 56.16
CA VAL E 203 -24.21 49.78 56.53
C VAL E 203 -24.94 48.45 56.33
N LEU E 204 -24.67 47.78 55.22
CA LEU E 204 -25.35 46.52 54.93
C LEU E 204 -24.84 45.38 55.79
N ASP E 205 -23.68 45.54 56.43
CA ASP E 205 -23.18 44.49 57.32
C ASP E 205 -24.12 44.29 58.50
N GLN E 206 -24.62 45.39 59.08
CA GLN E 206 -25.61 45.29 60.13
C GLN E 206 -26.95 44.90 59.54
N LYS E 207 -27.75 44.20 60.33
CA LYS E 207 -29.06 43.71 59.92
C LYS E 207 -30.15 44.51 60.63
N VAL E 208 -31.29 44.64 59.96
CA VAL E 208 -32.43 45.38 60.47
C VAL E 208 -33.64 44.46 60.50
N GLU E 209 -34.38 44.51 61.60
CA GLU E 209 -35.59 43.70 61.73
C GLU E 209 -36.67 44.21 60.78
N ILE E 210 -37.34 43.28 60.11
CA ILE E 210 -38.40 43.62 59.16
C ILE E 210 -39.54 42.63 59.35
N LYS E 211 -40.78 43.14 59.28
CA LYS E 211 -41.88 42.21 59.48
C LYS E 211 -42.51 41.82 58.15
N PRO E 212 -42.94 40.57 58.01
CA PRO E 212 -43.61 40.16 56.76
C PRO E 212 -44.88 40.94 56.47
N ALA E 213 -45.49 41.56 57.48
CA ALA E 213 -46.76 42.24 57.27
C ALA E 213 -46.67 43.33 56.22
N GLU E 214 -45.71 44.24 56.37
CA GLU E 214 -45.50 45.30 55.39
C GLU E 214 -44.62 44.87 54.24
N LEU E 215 -43.99 43.70 54.32
CA LEU E 215 -43.25 43.17 53.18
C LEU E 215 -44.18 42.88 52.01
N LYS E 216 -45.37 42.36 52.30
CA LYS E 216 -46.33 42.07 51.24
C LYS E 216 -46.77 43.33 50.52
N MET E 217 -46.94 44.43 51.26
CA MET E 217 -47.31 45.69 50.61
C MET E 217 -46.24 46.13 49.63
N ALA E 218 -44.97 45.99 50.00
CA ALA E 218 -43.89 46.31 49.08
C ALA E 218 -43.92 45.41 47.85
N GLY E 219 -44.36 44.16 48.00
CA GLY E 219 -44.50 43.29 46.85
C GLY E 219 -45.58 43.75 45.90
N GLN E 220 -46.73 44.16 46.44
CA GLN E 220 -47.87 44.51 45.59
C GLN E 220 -47.57 45.73 44.72
N VAL E 221 -46.94 46.75 45.29
CA VAL E 221 -46.64 47.94 44.53
C VAL E 221 -45.63 47.63 43.42
N VAL E 222 -44.69 46.73 43.69
CA VAL E 222 -43.68 46.38 42.69
C VAL E 222 -44.34 45.71 41.49
N ASP E 223 -45.20 44.72 41.74
CA ASP E 223 -45.86 44.02 40.64
C ASP E 223 -46.97 44.84 40.00
N SER E 224 -47.41 45.92 40.65
CA SER E 224 -48.40 46.79 40.02
C SER E 224 -47.82 47.50 38.81
N MET E 225 -46.52 47.82 38.84
CA MET E 225 -45.84 48.47 37.74
C MET E 225 -45.15 47.49 36.81
N ALA E 226 -45.28 46.19 37.05
CA ALA E 226 -44.59 45.19 36.24
C ALA E 226 -45.08 45.24 34.80
N ASP E 227 -44.14 45.08 33.87
CA ASP E 227 -44.44 45.07 32.44
C ASP E 227 -43.29 44.41 31.71
N ASP E 228 -43.60 43.83 30.55
CA ASP E 228 -42.58 43.16 29.77
C ASP E 228 -41.68 44.19 29.08
N PHE E 229 -40.59 43.70 28.50
CA PHE E 229 -39.61 44.56 27.86
C PHE E 229 -40.08 44.90 26.45
N ASN E 230 -40.45 46.16 26.23
CA ASN E 230 -40.80 46.67 24.90
C ASN E 230 -39.78 47.72 24.53
N PRO E 231 -38.77 47.38 23.73
CA PRO E 231 -37.72 48.36 23.40
C PRO E 231 -38.25 49.61 22.71
N ASP E 232 -39.34 49.49 21.95
CA ASP E 232 -39.92 50.66 21.30
C ASP E 232 -40.55 51.64 22.27
N ARG E 233 -40.76 51.25 23.54
CA ARG E 233 -41.40 52.13 24.49
C ARG E 233 -40.47 53.24 24.96
N TYR E 234 -39.17 53.01 24.92
CA TYR E 234 -38.19 53.97 25.43
C TYR E 234 -37.39 54.57 24.27
N HIS E 235 -37.35 55.89 24.21
CA HIS E 235 -36.60 56.61 23.19
C HIS E 235 -35.86 57.77 23.84
N ASP E 236 -34.77 58.17 23.21
CA ASP E 236 -34.00 59.31 23.70
C ASP E 236 -34.72 60.60 23.37
N THR E 237 -35.65 61.01 24.24
CA THR E 237 -36.49 62.17 23.95
C THR E 237 -35.66 63.44 23.81
N TYR E 238 -34.67 63.62 24.69
CA TYR E 238 -33.84 64.82 24.61
C TYR E 238 -33.12 64.91 23.27
N GLN E 239 -32.60 63.78 22.78
CA GLN E 239 -31.83 63.81 21.55
C GLN E 239 -32.72 64.11 20.35
N GLU E 240 -33.97 63.62 20.36
CA GLU E 240 -34.90 63.96 19.28
C GLU E 240 -35.15 65.46 19.23
N GLN E 241 -35.35 66.09 20.39
CA GLN E 241 -35.51 67.54 20.41
C GLN E 241 -34.26 68.24 19.90
N LEU E 242 -33.08 67.74 20.28
CA LEU E 242 -31.85 68.26 19.70
C LEU E 242 -31.78 67.96 18.21
N GLN E 243 -32.27 66.78 17.81
CA GLN E 243 -32.27 66.42 16.40
C GLN E 243 -33.10 67.39 15.58
N GLU E 244 -34.34 67.64 16.02
CA GLU E 244 -35.21 68.55 15.28
C GLU E 244 -34.72 69.98 15.33
N LEU E 245 -33.92 70.34 16.33
CA LEU E 245 -33.51 71.73 16.49
C LEU E 245 -32.56 72.18 15.37
N ILE E 246 -31.57 71.36 15.05
CA ILE E 246 -30.54 71.81 14.11
C ILE E 246 -30.89 71.57 12.65
N ASP E 247 -31.86 70.71 12.34
CA ASP E 247 -32.30 70.58 10.96
C ASP E 247 -33.19 71.75 10.56
N THR E 248 -34.05 72.22 11.48
CA THR E 248 -34.85 73.40 11.21
C THR E 248 -33.96 74.62 10.98
N LYS E 249 -32.91 74.76 11.79
CA LYS E 249 -31.94 75.82 11.56
C LYS E 249 -31.21 75.63 10.24
N LEU E 250 -30.88 74.38 9.90
CA LEU E 250 -30.18 74.11 8.65
C LEU E 250 -31.05 74.49 7.46
N GLU E 251 -32.32 74.10 7.48
CA GLU E 251 -33.22 74.42 6.37
C GLU E 251 -33.61 75.90 6.33
N GLY E 252 -33.34 76.65 7.39
CA GLY E 252 -33.69 78.06 7.43
C GLY E 252 -35.17 78.30 7.64
N MET F 24 -12.74 54.54 47.51
CA MET F 24 -14.07 54.66 46.92
C MET F 24 -14.67 56.03 47.21
N ARG F 25 -15.05 56.74 46.15
CA ARG F 25 -15.63 58.07 46.27
C ARG F 25 -16.98 58.10 45.56
N ALA F 26 -17.93 58.81 46.16
CA ALA F 26 -19.28 58.88 45.61
C ALA F 26 -19.29 59.74 44.35
N ILE F 27 -19.94 59.23 43.31
CA ILE F 27 -20.06 59.97 42.05
C ILE F 27 -21.32 60.83 42.03
N TRP F 28 -22.42 60.31 42.58
CA TRP F 28 -23.71 60.95 42.44
C TRP F 28 -24.58 60.54 43.62
N THR F 29 -25.15 61.53 44.32
CA THR F 29 -26.03 61.28 45.45
C THR F 29 -27.42 61.79 45.13
N GLY F 30 -28.42 60.99 45.45
CA GLY F 30 -29.79 61.35 45.19
C GLY F 30 -30.77 60.37 45.80
N SER F 31 -31.80 60.00 45.05
CA SER F 31 -32.79 59.06 45.54
C SER F 31 -33.38 58.32 44.36
N ILE F 32 -34.24 57.35 44.66
CA ILE F 32 -34.92 56.56 43.65
C ILE F 32 -36.37 57.03 43.59
N ALA F 33 -36.81 57.45 42.41
CA ALA F 33 -38.14 58.02 42.25
C ALA F 33 -39.16 56.91 42.03
N PHE F 34 -40.24 56.95 42.79
CA PHE F 34 -41.31 55.98 42.68
C PHE F 34 -42.70 56.58 42.80
N GLY F 35 -42.82 57.90 42.91
CA GLY F 35 -44.08 58.49 43.29
C GLY F 35 -44.15 58.70 44.79
N LEU F 36 -44.75 57.76 45.50
CA LEU F 36 -44.88 57.84 46.95
C LEU F 36 -43.74 57.14 47.69
N VAL F 37 -42.74 56.62 46.99
CA VAL F 37 -41.63 55.90 47.59
C VAL F 37 -40.33 56.60 47.21
N ASN F 38 -39.49 56.89 48.21
CA ASN F 38 -38.20 57.53 48.00
C ASN F 38 -37.13 56.72 48.72
N VAL F 39 -36.05 56.41 48.00
CA VAL F 39 -34.95 55.63 48.53
C VAL F 39 -33.67 56.44 48.39
N PRO F 40 -33.26 57.16 49.43
CA PRO F 40 -31.98 57.87 49.37
C PRO F 40 -30.83 56.90 49.11
N VAL F 41 -29.87 57.33 48.30
CA VAL F 41 -28.85 56.42 47.77
C VAL F 41 -27.67 57.23 47.29
N LYS F 42 -26.48 56.64 47.38
CA LYS F 42 -25.26 57.19 46.82
C LYS F 42 -24.68 56.20 45.82
N VAL F 43 -24.13 56.71 44.72
CA VAL F 43 -23.73 55.92 43.57
C VAL F 43 -22.21 55.81 43.54
N TYR F 44 -21.70 54.59 43.32
CA TYR F 44 -20.29 54.34 43.13
C TYR F 44 -20.07 53.63 41.80
N SER F 45 -18.85 53.74 41.28
CA SER F 45 -18.50 53.07 40.03
C SER F 45 -18.13 51.62 40.33
N ALA F 46 -18.83 50.69 39.69
CA ALA F 46 -18.59 49.28 39.97
C ALA F 46 -17.27 48.80 39.39
N THR F 47 -16.82 49.41 38.30
CA THR F 47 -15.59 49.00 37.63
C THR F 47 -14.67 50.20 37.47
N ALA F 48 -13.37 49.93 37.52
CA ALA F 48 -12.36 50.95 37.30
C ALA F 48 -11.21 50.35 36.51
N ASP F 49 -10.95 50.90 35.33
CA ASP F 49 -9.93 50.34 34.45
C ASP F 49 -8.57 50.36 35.11
N HIS F 50 -7.86 49.24 35.04
CA HIS F 50 -6.55 49.12 35.67
C HIS F 50 -5.39 49.37 34.71
N ASP F 51 -5.69 49.76 33.46
CA ASP F 51 -4.63 50.02 32.51
C ASP F 51 -3.79 51.21 32.95
N ILE F 52 -2.48 51.13 32.72
CA ILE F 52 -1.59 52.22 33.07
C ILE F 52 -1.85 53.40 32.15
N ARG F 53 -2.06 54.57 32.75
CA ARG F 53 -2.35 55.78 32.00
C ARG F 53 -1.07 56.61 31.90
N PHE F 54 -0.65 56.90 30.67
CA PHE F 54 0.55 57.68 30.41
C PHE F 54 0.18 59.11 30.06
N HIS F 55 1.07 60.03 30.39
CA HIS F 55 0.96 61.42 29.96
C HIS F 55 2.27 61.82 29.31
N GLN F 56 2.17 62.66 28.28
CA GLN F 56 3.31 62.94 27.41
C GLN F 56 4.20 64.03 27.99
N VAL F 57 5.48 63.94 27.67
CA VAL F 57 6.48 64.92 28.06
C VAL F 57 7.35 65.24 26.85
N HIS F 58 8.14 66.29 26.97
CA HIS F 58 9.07 66.64 25.90
C HIS F 58 10.16 65.59 25.77
N ALA F 59 10.48 65.23 24.53
CA ALA F 59 11.50 64.22 24.29
C ALA F 59 12.89 64.67 24.73
N LYS F 60 13.10 65.97 24.84
CA LYS F 60 14.39 66.52 25.27
C LYS F 60 14.32 67.27 26.59
N ASP F 61 13.15 67.77 26.99
CA ASP F 61 13.02 68.55 28.21
C ASP F 61 12.23 67.85 29.30
N ASN F 62 11.48 66.79 28.96
CA ASN F 62 10.61 66.10 29.93
C ASN F 62 9.61 67.06 30.55
N GLY F 63 9.06 67.95 29.75
CA GLY F 63 8.07 68.91 30.21
C GLY F 63 6.68 68.54 29.70
N ARG F 64 5.69 68.70 30.57
CA ARG F 64 4.31 68.37 30.18
C ARG F 64 3.82 69.35 29.12
N ILE F 65 3.16 68.80 28.10
CA ILE F 65 2.65 69.60 26.99
C ILE F 65 1.24 70.05 27.32
N ARG F 66 1.00 71.35 27.19
CA ARG F 66 -0.33 71.93 27.35
C ARG F 66 -0.82 72.36 25.97
N TYR F 67 -1.97 71.83 25.58
CA TYR F 67 -2.49 72.10 24.23
C TYR F 67 -2.87 73.57 24.09
N LYS F 68 -2.60 74.12 22.92
CA LYS F 68 -2.94 75.50 22.59
C LYS F 68 -3.98 75.50 21.48
N ARG F 69 -5.09 76.19 21.71
CA ARG F 69 -6.19 76.25 20.74
C ARG F 69 -5.94 77.41 19.80
N VAL F 70 -5.58 77.10 18.56
CA VAL F 70 -5.40 78.10 17.51
C VAL F 70 -6.33 77.76 16.36
N CYS F 71 -7.14 78.74 15.95
CA CYS F 71 -8.07 78.54 14.86
C CYS F 71 -7.39 78.77 13.52
N GLU F 72 -7.78 77.97 12.52
CA GLU F 72 -7.17 78.10 11.20
C GLU F 72 -7.84 79.20 10.39
N ALA F 73 -8.05 80.36 11.00
CA ALA F 73 -8.48 81.56 10.28
C ALA F 73 -7.74 82.82 10.72
N CYS F 74 -7.05 82.83 11.85
CA CYS F 74 -6.31 83.99 12.30
C CYS F 74 -4.93 83.67 12.85
N GLY F 75 -4.62 82.41 13.15
CA GLY F 75 -3.34 82.09 13.76
C GLY F 75 -3.16 82.70 15.14
N GLU F 76 -4.23 82.78 15.91
CA GLU F 76 -4.19 83.38 17.24
C GLU F 76 -4.87 82.45 18.24
N VAL F 77 -4.37 82.47 19.48
CA VAL F 77 -4.96 81.66 20.54
C VAL F 77 -6.37 82.14 20.82
N VAL F 78 -7.22 81.21 21.27
CA VAL F 78 -8.63 81.49 21.53
C VAL F 78 -8.96 81.09 22.94
N ASP F 79 -9.55 82.02 23.70
CA ASP F 79 -10.09 81.69 25.01
C ASP F 79 -11.36 80.86 24.86
N TYR F 80 -11.64 80.04 25.88
CA TYR F 80 -12.79 79.14 25.79
C TYR F 80 -14.10 79.89 25.64
N ARG F 81 -14.16 81.15 26.05
CA ARG F 81 -15.39 81.92 25.89
C ARG F 81 -15.68 82.28 24.45
N ASP F 82 -14.74 82.03 23.53
CA ASP F 82 -14.87 82.48 22.14
C ASP F 82 -15.01 81.33 21.14
N LEU F 83 -15.55 80.18 21.58
CA LEU F 83 -15.84 79.09 20.67
C LEU F 83 -17.25 78.58 20.92
N ALA F 84 -17.87 78.05 19.86
CA ALA F 84 -19.20 77.47 19.93
C ALA F 84 -19.20 76.15 19.18
N ARG F 85 -20.02 75.22 19.67
CA ARG F 85 -20.13 73.91 19.04
C ARG F 85 -20.90 74.02 17.73
N ALA F 86 -20.41 73.36 16.69
CA ALA F 86 -21.01 73.40 15.37
C ALA F 86 -21.25 71.98 14.86
N TYR F 87 -22.32 71.82 14.09
CA TYR F 87 -22.69 70.54 13.50
C TYR F 87 -22.29 70.54 12.04
N GLU F 88 -21.51 69.53 11.64
CA GLU F 88 -21.07 69.38 10.26
C GLU F 88 -21.80 68.17 9.67
N SER F 89 -22.56 68.40 8.60
CA SER F 89 -23.32 67.34 7.96
C SER F 89 -23.42 67.65 6.47
N GLY F 90 -22.52 67.06 5.70
CA GLY F 90 -22.53 67.27 4.25
C GLY F 90 -22.35 68.73 3.92
N ASP F 91 -23.22 69.24 3.03
CA ASP F 91 -23.18 70.63 2.65
C ASP F 91 -23.65 71.57 3.75
N GLY F 92 -24.22 71.04 4.83
CA GLY F 92 -24.69 71.86 5.92
C GLY F 92 -23.56 72.35 6.81
N GLN F 93 -22.75 73.27 6.29
CA GLN F 93 -21.63 73.83 7.02
C GLN F 93 -22.02 75.17 7.63
N MET F 94 -21.11 75.73 8.42
CA MET F 94 -21.28 77.04 9.05
C MET F 94 -22.52 77.09 9.94
N VAL F 95 -22.84 75.97 10.59
CA VAL F 95 -23.99 75.90 11.49
C VAL F 95 -23.54 76.33 12.88
N ALA F 96 -23.95 77.52 13.29
CA ALA F 96 -23.57 78.07 14.59
C ALA F 96 -24.71 77.87 15.59
N ILE F 97 -24.37 77.39 16.78
CA ILE F 97 -25.34 77.14 17.84
C ILE F 97 -25.00 78.08 18.99
N THR F 98 -25.90 79.00 19.29
CA THR F 98 -25.66 80.02 20.30
C THR F 98 -26.20 79.57 21.66
N ASP F 99 -26.22 80.48 22.62
CA ASP F 99 -26.61 80.14 23.99
C ASP F 99 -28.11 79.85 24.11
N ASP F 100 -28.94 80.53 23.33
CA ASP F 100 -30.38 80.31 23.44
C ASP F 100 -30.83 79.01 22.78
N ASP F 101 -30.04 78.46 21.86
CA ASP F 101 -30.43 77.23 21.19
C ASP F 101 -30.44 76.06 22.16
N ILE F 102 -29.35 75.86 22.91
CA ILE F 102 -29.29 74.73 23.84
C ILE F 102 -29.97 75.02 25.16
N ALA F 103 -30.28 76.29 25.45
CA ALA F 103 -31.08 76.60 26.62
C ALA F 103 -32.55 76.28 26.40
N SER F 104 -33.00 76.23 25.14
CA SER F 104 -34.39 75.95 24.85
C SER F 104 -34.78 74.54 25.27
N LEU F 105 -33.86 73.60 25.18
CA LEU F 105 -34.14 72.24 25.62
C LEU F 105 -34.34 72.22 27.13
N PRO F 106 -35.22 71.36 27.64
CA PRO F 106 -35.44 71.31 29.09
C PRO F 106 -34.19 70.89 29.84
N GLU F 107 -34.01 71.44 31.03
CA GLU F 107 -32.87 71.09 31.86
C GLU F 107 -32.93 69.62 32.24
N GLU F 108 -31.77 68.95 32.16
CA GLU F 108 -31.68 67.53 32.43
C GLU F 108 -31.09 67.20 33.79
N ARG F 109 -30.50 68.17 34.48
CA ARG F 109 -29.90 67.91 35.78
C ARG F 109 -30.97 67.53 36.80
N SER F 110 -31.04 66.24 37.14
CA SER F 110 -32.01 65.74 38.09
C SER F 110 -31.32 64.84 39.10
N ARG F 111 -31.74 64.95 40.36
CA ARG F 111 -31.16 64.16 41.45
C ARG F 111 -32.03 62.98 41.82
N GLU F 112 -32.89 62.51 40.91
CA GLU F 112 -33.78 61.40 41.17
C GLU F 112 -33.64 60.35 40.08
N ILE F 113 -33.66 59.09 40.48
CA ILE F 113 -33.62 57.97 39.55
C ILE F 113 -35.08 57.57 39.30
N GLU F 114 -35.61 57.96 38.14
CA GLU F 114 -37.01 57.75 37.82
C GLU F 114 -37.19 56.35 37.26
N VAL F 115 -37.88 55.49 38.00
CA VAL F 115 -38.19 54.15 37.53
C VAL F 115 -39.42 54.21 36.62
N LEU F 116 -39.46 53.32 35.64
CA LEU F 116 -40.56 53.26 34.69
C LEU F 116 -41.35 51.97 34.76
N GLU F 117 -40.69 50.82 34.65
CA GLU F 117 -41.35 49.54 34.62
C GLU F 117 -40.53 48.52 35.41
N PHE F 118 -41.02 47.28 35.44
CA PHE F 118 -40.32 46.18 36.10
C PHE F 118 -40.34 44.99 35.17
N VAL F 119 -39.16 44.59 34.71
CA VAL F 119 -39.03 43.56 33.67
C VAL F 119 -38.30 42.36 34.24
N PRO F 120 -38.66 41.13 33.85
CA PRO F 120 -37.89 39.97 34.28
C PRO F 120 -36.43 40.08 33.86
N ALA F 121 -35.54 39.59 34.72
CA ALA F 121 -34.11 39.75 34.50
C ALA F 121 -33.65 39.07 33.22
N ALA F 122 -34.33 38.02 32.79
CA ALA F 122 -33.93 37.30 31.59
C ALA F 122 -34.29 38.04 30.30
N ASP F 123 -35.14 39.07 30.38
CA ASP F 123 -35.56 39.77 29.18
C ASP F 123 -34.48 40.72 28.66
N VAL F 124 -33.72 41.34 29.56
CA VAL F 124 -32.70 42.31 29.16
C VAL F 124 -31.47 41.54 28.65
N ASP F 125 -31.03 41.85 27.45
CA ASP F 125 -29.97 41.13 26.80
C ASP F 125 -28.60 41.52 27.34
N PRO F 126 -27.63 40.61 27.31
CA PRO F 126 -26.25 41.00 27.66
C PRO F 126 -25.68 42.06 26.75
N MET F 127 -26.08 42.08 25.47
CA MET F 127 -25.61 43.11 24.56
C MET F 127 -26.09 44.50 24.93
N MET F 128 -27.08 44.59 25.81
CA MET F 128 -27.69 45.87 26.17
C MET F 128 -26.84 46.68 27.13
N PHE F 129 -26.04 46.01 27.97
CA PHE F 129 -25.37 46.66 29.09
C PHE F 129 -24.19 47.50 28.62
N ASP F 130 -24.00 48.65 29.28
CA ASP F 130 -22.91 49.56 28.92
C ASP F 130 -21.97 49.79 30.08
N ARG F 131 -22.47 50.22 31.24
CA ARG F 131 -21.65 50.39 32.44
C ARG F 131 -22.41 49.83 33.65
N SER F 132 -21.72 49.81 34.79
CA SER F 132 -22.30 49.29 36.03
C SER F 132 -21.95 50.22 37.18
N TYR F 133 -22.81 50.24 38.20
CA TYR F 133 -22.64 51.12 39.34
C TYR F 133 -23.17 50.43 40.60
N PHE F 134 -22.68 50.90 41.75
CA PHE F 134 -23.10 50.41 43.05
C PHE F 134 -24.01 51.43 43.74
N LEU F 135 -24.85 50.94 44.63
CA LEU F 135 -25.77 51.77 45.40
C LEU F 135 -25.62 51.46 46.89
N GLU F 136 -25.48 52.49 47.70
CA GLU F 136 -25.47 52.33 49.15
C GLU F 136 -26.62 53.10 49.75
N PRO F 137 -27.10 52.71 50.94
CA PRO F 137 -28.13 53.50 51.62
C PRO F 137 -27.53 54.76 52.22
N ASP F 138 -27.85 55.91 51.60
CA ASP F 138 -27.25 57.16 52.02
C ASP F 138 -28.00 57.77 53.20
N SER F 139 -28.20 56.99 54.26
CA SER F 139 -28.88 57.47 55.45
C SER F 139 -28.63 56.48 56.57
N LYS F 140 -29.03 56.89 57.78
CA LYS F 140 -28.98 56.00 58.93
C LYS F 140 -30.15 55.01 58.95
N SER F 141 -31.16 55.24 58.12
CA SER F 141 -32.33 54.36 58.02
C SER F 141 -32.27 53.66 56.66
N SER F 142 -31.87 52.40 56.66
CA SER F 142 -31.73 51.62 55.44
C SER F 142 -32.89 50.65 55.24
N LYS F 143 -33.99 50.83 55.98
CA LYS F 143 -35.11 49.91 55.86
C LYS F 143 -35.70 49.92 54.45
N SER F 144 -35.83 51.11 53.85
CA SER F 144 -36.40 51.20 52.51
C SER F 144 -35.52 50.50 51.49
N TYR F 145 -34.20 50.66 51.60
CA TYR F 145 -33.28 50.00 50.66
C TYR F 145 -33.41 48.48 50.78
N VAL F 146 -33.20 47.94 51.98
CA VAL F 146 -33.23 46.48 52.13
C VAL F 146 -34.60 45.93 51.78
N LEU F 147 -35.65 46.73 51.94
CA LEU F 147 -36.98 46.31 51.50
C LEU F 147 -37.03 46.10 50.00
N LEU F 148 -36.56 47.10 49.23
CA LEU F 148 -36.65 47.02 47.78
C LEU F 148 -35.82 45.88 47.23
N ALA F 149 -34.64 45.65 47.81
CA ALA F 149 -33.80 44.55 47.34
C ALA F 149 -34.46 43.20 47.59
N LYS F 150 -35.23 43.09 48.68
CA LYS F 150 -35.86 41.81 49.01
C LYS F 150 -36.89 41.42 47.95
N THR F 151 -37.74 42.37 47.56
CA THR F 151 -38.77 42.07 46.56
C THR F 151 -38.13 41.72 45.22
N LEU F 152 -37.10 42.45 44.82
CA LEU F 152 -36.44 42.15 43.55
C LEU F 152 -35.72 40.81 43.58
N ALA F 153 -35.25 40.39 44.75
CA ALA F 153 -34.54 39.11 44.84
C ALA F 153 -35.50 37.94 44.64
N GLU F 154 -36.51 37.83 45.51
CA GLU F 154 -37.43 36.70 45.42
C GLU F 154 -38.22 36.72 44.13
N THR F 155 -38.73 37.88 43.74
CA THR F 155 -39.41 38.06 42.46
C THR F 155 -38.36 38.63 41.50
N ASP F 156 -37.69 37.74 40.77
CA ASP F 156 -36.57 38.16 39.94
C ASP F 156 -37.04 39.10 38.84
N ARG F 157 -36.78 40.39 39.01
CA ARG F 157 -37.17 41.41 38.04
C ARG F 157 -36.09 42.48 37.99
N MET F 158 -36.09 43.23 36.91
CA MET F 158 -35.19 44.36 36.71
C MET F 158 -36.02 45.61 36.51
N ALA F 159 -35.64 46.69 37.18
CA ALA F 159 -36.37 47.95 37.09
C ALA F 159 -35.69 48.84 36.05
N ILE F 160 -36.41 49.13 34.97
CA ILE F 160 -35.87 50.01 33.94
C ILE F 160 -36.09 51.44 34.40
N VAL F 161 -35.01 52.22 34.45
CA VAL F 161 -35.04 53.55 35.03
C VAL F 161 -34.37 54.54 34.09
N HIS F 162 -34.64 55.82 34.34
CA HIS F 162 -33.96 56.92 33.66
C HIS F 162 -32.90 57.47 34.60
N PHE F 163 -31.65 57.39 34.19
CA PHE F 163 -30.52 57.74 35.03
C PHE F 163 -29.73 58.87 34.39
N THR F 164 -29.53 59.95 35.13
CA THR F 164 -28.74 61.09 34.67
C THR F 164 -27.56 61.26 35.61
N LEU F 165 -26.35 61.09 35.08
CA LEU F 165 -25.17 61.14 35.93
C LEU F 165 -24.73 62.58 36.18
N ARG F 166 -24.29 63.27 35.13
CA ARG F 166 -23.89 64.66 35.24
C ARG F 166 -24.81 65.59 34.44
N ASN F 167 -24.92 65.37 33.13
CA ASN F 167 -25.83 66.15 32.30
C ASN F 167 -26.53 65.33 31.24
N LYS F 168 -26.24 64.05 31.11
CA LYS F 168 -26.80 63.21 30.06
C LYS F 168 -27.71 62.16 30.68
N THR F 169 -28.89 61.98 30.10
CA THR F 169 -29.86 61.00 30.57
C THR F 169 -29.68 59.72 29.76
N ARG F 170 -29.45 58.61 30.47
CA ARG F 170 -29.26 57.32 29.84
C ARG F 170 -30.24 56.32 30.40
N LEU F 171 -30.72 55.42 29.55
CA LEU F 171 -31.52 54.30 30.03
C LEU F 171 -30.68 53.40 30.92
N ALA F 172 -31.27 52.95 32.02
CA ALA F 172 -30.53 52.13 32.97
C ALA F 172 -31.44 51.02 33.50
N ALA F 173 -30.81 49.92 33.91
CA ALA F 173 -31.50 48.78 34.47
C ALA F 173 -31.03 48.57 35.90
N LEU F 174 -31.98 48.32 36.80
CA LEU F 174 -31.69 48.17 38.21
C LEU F 174 -31.94 46.72 38.60
N ARG F 175 -30.94 46.08 39.20
CA ARG F 175 -31.04 44.70 39.64
C ARG F 175 -30.35 44.57 40.98
N VAL F 176 -30.48 43.39 41.59
CA VAL F 176 -29.91 43.10 42.89
C VAL F 176 -28.91 41.96 42.74
N LYS F 177 -27.70 42.17 43.22
CA LYS F 177 -26.65 41.16 43.18
C LYS F 177 -26.14 40.94 44.61
N ASP F 178 -25.74 39.71 44.89
CA ASP F 178 -25.36 39.30 46.24
C ASP F 178 -23.85 39.06 46.29
N PHE F 179 -23.20 39.70 47.26
CA PHE F 179 -21.81 39.43 47.59
C PHE F 179 -21.81 38.79 48.98
N GLY F 180 -21.84 37.46 49.02
CA GLY F 180 -21.93 36.75 50.27
C GLY F 180 -23.26 36.98 50.96
N LYS F 181 -23.23 37.70 52.08
CA LYS F 181 -24.43 38.01 52.84
C LYS F 181 -24.93 39.43 52.60
N ARG F 182 -24.35 40.14 51.62
CA ARG F 182 -24.70 41.52 51.34
C ARG F 182 -25.50 41.59 50.05
N GLU F 183 -26.64 42.26 50.10
CA GLU F 183 -27.49 42.48 48.94
C GLU F 183 -27.38 43.95 48.53
N VAL F 184 -26.85 44.20 47.34
CA VAL F 184 -26.66 45.54 46.82
C VAL F 184 -27.40 45.66 45.50
N MET F 185 -28.14 46.74 45.33
CA MET F 185 -28.72 47.03 44.03
C MET F 185 -27.68 47.69 43.13
N MET F 186 -27.60 47.23 41.90
CA MET F 186 -26.62 47.71 40.94
C MET F 186 -27.34 48.35 39.76
N VAL F 187 -26.88 49.51 39.34
CA VAL F 187 -27.47 50.25 38.23
C VAL F 187 -26.61 50.02 37.00
N HIS F 188 -27.21 49.45 35.96
CA HIS F 188 -26.52 49.14 34.72
C HIS F 188 -26.98 50.13 33.65
N THR F 189 -26.07 50.98 33.21
CA THR F 189 -26.39 51.89 32.11
C THR F 189 -26.66 51.08 30.85
N LEU F 190 -27.76 51.37 30.18
CA LEU F 190 -28.18 50.66 28.98
C LEU F 190 -28.16 51.63 27.81
N LEU F 191 -27.51 51.23 26.72
CA LEU F 191 -27.61 52.02 25.50
C LEU F 191 -29.01 51.89 24.92
N TRP F 192 -29.49 52.95 24.29
CA TRP F 192 -30.85 52.94 23.78
C TRP F 192 -30.98 51.87 22.70
N PRO F 193 -32.14 51.20 22.61
CA PRO F 193 -32.28 50.08 21.67
C PRO F 193 -32.09 50.48 20.22
N ASP F 194 -32.10 51.78 19.91
CA ASP F 194 -31.88 52.21 18.54
C ASP F 194 -30.40 52.26 18.15
N GLU F 195 -29.48 52.07 19.09
CA GLU F 195 -28.06 52.01 18.76
C GLU F 195 -27.58 50.61 18.45
N ILE F 196 -28.48 49.63 18.42
CA ILE F 196 -28.11 48.23 18.19
C ILE F 196 -28.32 47.93 16.71
N ARG F 197 -27.26 47.46 16.05
CA ARG F 197 -27.32 47.16 14.63
C ARG F 197 -28.08 45.87 14.39
N ASP F 198 -28.33 45.58 13.12
CA ASP F 198 -28.97 44.35 12.70
C ASP F 198 -28.02 43.57 11.80
N PRO F 199 -27.75 42.30 12.12
CA PRO F 199 -26.82 41.53 11.28
C PRO F 199 -27.43 41.19 9.92
N ASP F 200 -26.95 41.88 8.87
CA ASP F 200 -27.47 41.67 7.53
C ASP F 200 -26.54 40.72 6.76
N PHE F 201 -26.56 39.46 7.20
CA PHE F 201 -25.71 38.44 6.59
C PHE F 201 -26.56 37.46 5.80
N PRO F 202 -26.57 37.55 4.47
CA PRO F 202 -27.29 36.54 3.67
C PRO F 202 -26.68 35.15 3.79
N VAL F 203 -25.42 35.05 4.23
CA VAL F 203 -24.77 33.75 4.31
C VAL F 203 -25.49 32.85 5.30
N LEU F 204 -25.86 33.39 6.46
CA LEU F 204 -26.54 32.59 7.47
C LEU F 204 -27.98 32.28 7.10
N ASP F 205 -28.55 33.03 6.16
CA ASP F 205 -29.93 32.76 5.74
C ASP F 205 -30.03 31.39 5.07
N GLN F 206 -29.07 31.06 4.21
CA GLN F 206 -29.09 29.78 3.53
C GLN F 206 -28.79 28.66 4.52
N LYS F 207 -29.37 27.49 4.27
CA LYS F 207 -29.25 26.34 5.14
C LYS F 207 -28.34 25.30 4.51
N VAL F 208 -27.63 24.56 5.37
CA VAL F 208 -26.66 23.58 4.93
C VAL F 208 -27.07 22.20 5.42
N GLU F 209 -26.59 21.18 4.73
CA GLU F 209 -26.85 19.78 5.11
C GLU F 209 -25.79 19.34 6.09
N ILE F 210 -26.22 18.90 7.28
CA ILE F 210 -25.33 18.54 8.36
C ILE F 210 -25.71 17.16 8.87
N LYS F 211 -24.70 16.37 9.24
CA LYS F 211 -25.01 15.01 9.65
C LYS F 211 -24.95 14.87 11.17
N PRO F 212 -25.75 13.95 11.72
CA PRO F 212 -25.70 13.74 13.17
C PRO F 212 -24.34 13.33 13.69
N ALA F 213 -23.53 12.66 12.85
CA ALA F 213 -22.17 12.34 13.25
C ALA F 213 -21.34 13.60 13.48
N GLU F 214 -21.54 14.61 12.62
CA GLU F 214 -20.83 15.88 12.80
C GLU F 214 -21.24 16.57 14.10
N LEU F 215 -22.54 16.58 14.41
CA LEU F 215 -22.99 17.15 15.66
C LEU F 215 -22.44 16.38 16.86
N LYS F 216 -22.42 15.05 16.76
CA LYS F 216 -21.90 14.24 17.85
C LYS F 216 -20.42 14.54 18.08
N MET F 217 -19.67 14.76 17.01
CA MET F 217 -18.25 15.12 17.15
C MET F 217 -18.10 16.44 17.89
N ALA F 218 -18.98 17.40 17.61
CA ALA F 218 -18.89 18.70 18.26
C ALA F 218 -19.04 18.60 19.76
N GLY F 219 -19.64 17.53 20.26
CA GLY F 219 -19.80 17.37 21.70
C GLY F 219 -18.49 17.22 22.45
N GLN F 220 -17.65 16.27 22.04
CA GLN F 220 -16.42 15.99 22.79
C GLN F 220 -15.47 17.17 22.74
N VAL F 221 -15.31 17.79 21.57
CA VAL F 221 -14.37 18.91 21.45
C VAL F 221 -14.79 20.05 22.35
N VAL F 222 -16.09 20.36 22.38
CA VAL F 222 -16.60 21.35 23.32
C VAL F 222 -16.42 20.88 24.75
N ASP F 223 -16.76 19.61 25.01
CA ASP F 223 -16.69 19.10 26.39
C ASP F 223 -15.26 18.91 26.86
N SER F 224 -14.33 18.60 25.95
CA SER F 224 -12.93 18.49 26.36
C SER F 224 -12.40 19.81 26.87
N MET F 225 -12.74 20.91 26.21
CA MET F 225 -12.36 22.24 26.67
C MET F 225 -13.34 22.84 27.66
N ALA F 226 -14.46 22.17 27.91
CA ALA F 226 -15.47 22.70 28.83
C ALA F 226 -14.90 22.80 30.23
N ASP F 227 -15.31 23.85 30.95
CA ASP F 227 -14.80 24.12 32.28
C ASP F 227 -15.83 24.98 33.01
N ASP F 228 -15.41 25.54 34.15
CA ASP F 228 -16.24 26.45 34.92
C ASP F 228 -15.54 27.79 35.02
N PHE F 229 -16.31 28.87 35.01
CA PHE F 229 -15.75 30.22 34.98
C PHE F 229 -15.04 30.51 36.29
N ASN F 230 -13.71 30.49 36.27
CA ASN F 230 -12.92 30.83 37.44
C ASN F 230 -12.26 32.18 37.21
N PRO F 231 -12.66 33.24 37.92
CA PRO F 231 -12.09 34.57 37.65
C PRO F 231 -10.58 34.64 37.84
N ASP F 232 -10.03 33.88 38.78
CA ASP F 232 -8.60 33.96 39.05
C ASP F 232 -7.74 33.37 37.94
N ARG F 233 -8.34 32.67 36.98
CA ARG F 233 -7.56 31.98 35.96
C ARG F 233 -7.06 32.90 34.85
N TYR F 234 -7.63 34.10 34.73
CA TYR F 234 -7.27 35.02 33.65
C TYR F 234 -6.61 36.27 34.21
N HIS F 235 -5.45 36.61 33.66
CA HIS F 235 -4.72 37.81 34.04
C HIS F 235 -4.28 38.55 32.78
N ASP F 236 -4.22 39.88 32.88
CA ASP F 236 -3.74 40.70 31.77
C ASP F 236 -2.23 40.56 31.73
N THR F 237 -1.77 39.56 30.97
CA THR F 237 -0.35 39.25 30.95
C THR F 237 0.47 40.41 30.43
N TYR F 238 -0.04 41.12 29.42
CA TYR F 238 0.68 42.26 28.90
C TYR F 238 0.83 43.36 29.95
N GLN F 239 -0.22 43.60 30.73
CA GLN F 239 -0.15 44.66 31.73
C GLN F 239 0.87 44.34 32.82
N GLU F 240 0.89 43.09 33.31
CA GLU F 240 1.86 42.74 34.34
C GLU F 240 3.28 42.85 33.81
N GLN F 241 3.53 42.35 32.60
CA GLN F 241 4.84 42.51 32.00
C GLN F 241 5.17 43.98 31.79
N LEU F 242 4.18 44.76 31.36
CA LEU F 242 4.38 46.20 31.26
C LEU F 242 4.64 46.81 32.63
N GLN F 243 3.89 46.36 33.64
CA GLN F 243 3.97 46.98 34.97
C GLN F 243 5.38 46.85 35.54
N GLU F 244 5.97 45.66 35.42
CA GLU F 244 7.31 45.46 35.95
C GLU F 244 8.35 46.30 35.21
N LEU F 245 8.03 46.80 34.02
CA LEU F 245 9.00 47.56 33.25
C LEU F 245 9.26 48.94 33.85
N ILE F 246 8.21 49.61 34.34
CA ILE F 246 8.40 50.95 34.89
C ILE F 246 9.16 50.88 36.21
N ASP F 247 8.76 49.98 37.10
CA ASP F 247 9.30 49.99 38.46
C ASP F 247 10.80 49.69 38.46
N THR F 248 11.24 48.73 37.64
CA THR F 248 12.67 48.47 37.55
C THR F 248 13.41 49.67 36.99
N LYS F 249 12.77 50.41 36.08
CA LYS F 249 13.34 51.68 35.64
C LYS F 249 13.30 52.72 36.75
N LEU F 250 12.18 52.77 37.48
CA LEU F 250 12.10 53.68 38.62
C LEU F 250 13.13 53.32 39.70
N GLU F 251 13.27 52.03 39.97
CA GLU F 251 14.28 51.58 40.93
C GLU F 251 15.69 51.63 40.36
N GLY F 252 15.83 51.72 39.04
CA GLY F 252 17.12 51.78 38.39
C GLY F 252 17.70 53.17 38.22
N GLY F 253 17.04 54.19 38.76
CA GLY F 253 17.54 55.55 38.66
C GLY F 253 16.97 56.31 37.47
#